data_2ZGR
# 
_entry.id   2ZGR 
# 
_audit_conform.dict_name       mmcif_pdbx.dic 
_audit_conform.dict_version    5.380 
_audit_conform.dict_location   http://mmcif.pdb.org/dictionaries/ascii/mmcif_pdbx.dic 
# 
loop_
_database_2.database_id 
_database_2.database_code 
_database_2.pdbx_database_accession 
_database_2.pdbx_DOI 
PDB   2ZGR         pdb_00002zgr 10.2210/pdb2zgr/pdb 
RCSB  RCSB027951   ?            ?                   
WWPDB D_1000027951 ?            ?                   
# 
loop_
_pdbx_database_related.db_name 
_pdbx_database_related.db_id 
_pdbx_database_related.details 
_pdbx_database_related.content_type 
PDB 2ZGK 'wildtype AAL'                           unspecified 
PDB 2ZGL 'recombinant AAL'                        unspecified 
PDB 2ZGM 'recombinant AAL complex with lactose'   unspecified 
PDB 2ZGN 'recombinant AAL complex with galactose' unspecified 
PDB 2ZGO 'AAL mutant H59Q complex with galatose'  unspecified 
PDB 2ZGP 'AAL mutant I25G'                        unspecified 
PDB 2ZGQ 'AAL mutant L33 in P1 spacegroup'        unspecified 
PDB 2ZGS 'AAL mutant L47A'                        unspecified 
PDB 2ZGT 'AAL mutant F93G'                        unspecified 
PDB 2ZGU 'AAL mutant I144G'                       unspecified 
# 
_pdbx_database_status.status_code                     REL 
_pdbx_database_status.entry_id                        2ZGR 
_pdbx_database_status.recvd_initial_deposition_date   2008-01-23 
_pdbx_database_status.deposit_site                    PDBJ 
_pdbx_database_status.process_site                    PDBJ 
_pdbx_database_status.status_code_sf                  REL 
_pdbx_database_status.status_code_mr                  ? 
_pdbx_database_status.SG_entry                        ? 
_pdbx_database_status.pdb_format_compatible           Y 
_pdbx_database_status.status_code_cs                  ? 
_pdbx_database_status.status_code_nmr_data            ? 
_pdbx_database_status.methods_development_category    ? 
# 
loop_
_audit_author.name 
_audit_author.pdbx_ordinal 
'Yang, N.'   1 
'Li, D.F.'   2 
'Wang, D.C.' 3 
# 
_citation.id                        primary 
_citation.title                     
'Structural basis for the tumor cell apoptosis-inducing activity of an antitumor lectin from the edible mushroom Agrocybe aegerita' 
_citation.journal_abbrev            J.Mol.Biol. 
_citation.journal_volume            387 
_citation.page_first                694 
_citation.page_last                 705 
_citation.year                      2009 
_citation.journal_id_ASTM           JMOBAK 
_citation.country                   UK 
_citation.journal_id_ISSN           0022-2836 
_citation.journal_id_CSD            0070 
_citation.book_publisher            ? 
_citation.pdbx_database_id_PubMed   19361423 
_citation.pdbx_database_id_DOI      10.1016/j.jmb.2009.02.002 
# 
loop_
_citation_author.citation_id 
_citation_author.name 
_citation_author.ordinal 
_citation_author.identifier_ORCID 
primary 'Yang, N.'   1 ? 
primary 'Li, D.F.'   2 ? 
primary 'Feng, L.'   3 ? 
primary 'Xiang, Y.'  4 ? 
primary 'Liu, W.'    5 ? 
primary 'Sun, H.'    6 ? 
primary 'Wang, D.C.' 7 ? 
# 
_cell.entry_id           2ZGR 
_cell.length_a           58.190 
_cell.length_b           49.270 
_cell.length_c           50.380 
_cell.angle_alpha        90.00 
_cell.angle_beta         102.19 
_cell.angle_gamma        90.00 
_cell.Z_PDB              4 
_cell.pdbx_unique_axis   ? 
_cell.length_a_esd       ? 
_cell.length_b_esd       ? 
_cell.length_c_esd       ? 
_cell.angle_alpha_esd    ? 
_cell.angle_beta_esd     ? 
_cell.angle_gamma_esd    ? 
# 
_symmetry.entry_id                         2ZGR 
_symmetry.space_group_name_H-M             'C 1 2 1' 
_symmetry.pdbx_full_space_group_name_H-M   ? 
_symmetry.cell_setting                     ? 
_symmetry.Int_Tables_number                5 
_symmetry.space_group_name_Hall            ? 
# 
loop_
_entity.id 
_entity.type 
_entity.src_method 
_entity.pdbx_description 
_entity.formula_weight 
_entity.pdbx_number_of_molecules 
_entity.pdbx_ec 
_entity.pdbx_mutation 
_entity.pdbx_fragment 
_entity.details 
1 polymer man 'Anti-tumor lectin' 18138.070 1  3.1.21.- L33A ? ? 
2 water   nat water               18.015    82 ?        ?    ? ? 
# 
_entity_name_com.entity_id   1 
_entity_name_com.name        AAL 
# 
_entity_poly.entity_id                      1 
_entity_poly.type                           'polypeptide(L)' 
_entity_poly.nstd_linkage                   no 
_entity_poly.nstd_monomer                   no 
_entity_poly.pdbx_seq_one_letter_code       
;MQGVNIYNISAGTSVDLAAPVTTGDIVTFFSSAANLNAGAGNPNNTTLNLFAENGAYLLHIAFRLQENVIIFNSRQPDGP
WLVEQRVSDVANQFAGIDGKAMVTVFDHGDKYQVVINEKTVIQYTKQISGLTSSLSYNATEETSIFSTVVEAVTYTGLAL
EHHHHHH
;
_entity_poly.pdbx_seq_one_letter_code_can   
;MQGVNIYNISAGTSVDLAAPVTTGDIVTFFSSAANLNAGAGNPNNTTLNLFAENGAYLLHIAFRLQENVIIFNSRQPDGP
WLVEQRVSDVANQFAGIDGKAMVTVFDHGDKYQVVINEKTVIQYTKQISGLTSSLSYNATEETSIFSTVVEAVTYTGLAL
EHHHHHH
;
_entity_poly.pdbx_strand_id                 A 
_entity_poly.pdbx_target_identifier         ? 
# 
loop_
_entity_poly_seq.entity_id 
_entity_poly_seq.num 
_entity_poly_seq.mon_id 
_entity_poly_seq.hetero 
1 1   MET n 
1 2   GLN n 
1 3   GLY n 
1 4   VAL n 
1 5   ASN n 
1 6   ILE n 
1 7   TYR n 
1 8   ASN n 
1 9   ILE n 
1 10  SER n 
1 11  ALA n 
1 12  GLY n 
1 13  THR n 
1 14  SER n 
1 15  VAL n 
1 16  ASP n 
1 17  LEU n 
1 18  ALA n 
1 19  ALA n 
1 20  PRO n 
1 21  VAL n 
1 22  THR n 
1 23  THR n 
1 24  GLY n 
1 25  ASP n 
1 26  ILE n 
1 27  VAL n 
1 28  THR n 
1 29  PHE n 
1 30  PHE n 
1 31  SER n 
1 32  SER n 
1 33  ALA n 
1 34  ALA n 
1 35  ASN n 
1 36  LEU n 
1 37  ASN n 
1 38  ALA n 
1 39  GLY n 
1 40  ALA n 
1 41  GLY n 
1 42  ASN n 
1 43  PRO n 
1 44  ASN n 
1 45  ASN n 
1 46  THR n 
1 47  THR n 
1 48  LEU n 
1 49  ASN n 
1 50  LEU n 
1 51  PHE n 
1 52  ALA n 
1 53  GLU n 
1 54  ASN n 
1 55  GLY n 
1 56  ALA n 
1 57  TYR n 
1 58  LEU n 
1 59  LEU n 
1 60  HIS n 
1 61  ILE n 
1 62  ALA n 
1 63  PHE n 
1 64  ARG n 
1 65  LEU n 
1 66  GLN n 
1 67  GLU n 
1 68  ASN n 
1 69  VAL n 
1 70  ILE n 
1 71  ILE n 
1 72  PHE n 
1 73  ASN n 
1 74  SER n 
1 75  ARG n 
1 76  GLN n 
1 77  PRO n 
1 78  ASP n 
1 79  GLY n 
1 80  PRO n 
1 81  TRP n 
1 82  LEU n 
1 83  VAL n 
1 84  GLU n 
1 85  GLN n 
1 86  ARG n 
1 87  VAL n 
1 88  SER n 
1 89  ASP n 
1 90  VAL n 
1 91  ALA n 
1 92  ASN n 
1 93  GLN n 
1 94  PHE n 
1 95  ALA n 
1 96  GLY n 
1 97  ILE n 
1 98  ASP n 
1 99  GLY n 
1 100 LYS n 
1 101 ALA n 
1 102 MET n 
1 103 VAL n 
1 104 THR n 
1 105 VAL n 
1 106 PHE n 
1 107 ASP n 
1 108 HIS n 
1 109 GLY n 
1 110 ASP n 
1 111 LYS n 
1 112 TYR n 
1 113 GLN n 
1 114 VAL n 
1 115 VAL n 
1 116 ILE n 
1 117 ASN n 
1 118 GLU n 
1 119 LYS n 
1 120 THR n 
1 121 VAL n 
1 122 ILE n 
1 123 GLN n 
1 124 TYR n 
1 125 THR n 
1 126 LYS n 
1 127 GLN n 
1 128 ILE n 
1 129 SER n 
1 130 GLY n 
1 131 LEU n 
1 132 THR n 
1 133 SER n 
1 134 SER n 
1 135 LEU n 
1 136 SER n 
1 137 TYR n 
1 138 ASN n 
1 139 ALA n 
1 140 THR n 
1 141 GLU n 
1 142 GLU n 
1 143 THR n 
1 144 SER n 
1 145 ILE n 
1 146 PHE n 
1 147 SER n 
1 148 THR n 
1 149 VAL n 
1 150 VAL n 
1 151 GLU n 
1 152 ALA n 
1 153 VAL n 
1 154 THR n 
1 155 TYR n 
1 156 THR n 
1 157 GLY n 
1 158 LEU n 
1 159 ALA n 
1 160 LEU n 
1 161 GLU n 
1 162 HIS n 
1 163 HIS n 
1 164 HIS n 
1 165 HIS n 
1 166 HIS n 
1 167 HIS n 
# 
_entity_src_gen.entity_id                          1 
_entity_src_gen.pdbx_src_id                        1 
_entity_src_gen.pdbx_alt_source_flag               sample 
_entity_src_gen.pdbx_seq_type                      ? 
_entity_src_gen.pdbx_beg_seq_num                   ? 
_entity_src_gen.pdbx_end_seq_num                   ? 
_entity_src_gen.gene_src_common_name               'Black poplar mushroom' 
_entity_src_gen.gene_src_genus                     ? 
_entity_src_gen.pdbx_gene_src_gene                 AAL 
_entity_src_gen.gene_src_species                   ? 
_entity_src_gen.gene_src_strain                    ? 
_entity_src_gen.gene_src_tissue                    ? 
_entity_src_gen.gene_src_tissue_fraction           ? 
_entity_src_gen.gene_src_details                   ? 
_entity_src_gen.pdbx_gene_src_fragment             ? 
_entity_src_gen.pdbx_gene_src_scientific_name      'Agrocybe aegerita' 
_entity_src_gen.pdbx_gene_src_ncbi_taxonomy_id     5400 
_entity_src_gen.pdbx_gene_src_variant              ? 
_entity_src_gen.pdbx_gene_src_cell_line            ? 
_entity_src_gen.pdbx_gene_src_atcc                 ? 
_entity_src_gen.pdbx_gene_src_organ                ? 
_entity_src_gen.pdbx_gene_src_organelle            ? 
_entity_src_gen.pdbx_gene_src_cell                 ? 
_entity_src_gen.pdbx_gene_src_cellular_location    ? 
_entity_src_gen.host_org_common_name               ? 
_entity_src_gen.pdbx_host_org_scientific_name      'Escherichia coli' 
_entity_src_gen.pdbx_host_org_ncbi_taxonomy_id     562 
_entity_src_gen.host_org_genus                     ? 
_entity_src_gen.pdbx_host_org_gene                 ? 
_entity_src_gen.pdbx_host_org_organ                ? 
_entity_src_gen.host_org_species                   ? 
_entity_src_gen.pdbx_host_org_tissue               ? 
_entity_src_gen.pdbx_host_org_tissue_fraction      ? 
_entity_src_gen.pdbx_host_org_strain               'BL21(DE3)' 
_entity_src_gen.pdbx_host_org_variant              ? 
_entity_src_gen.pdbx_host_org_cell_line            ? 
_entity_src_gen.pdbx_host_org_atcc                 ? 
_entity_src_gen.pdbx_host_org_culture_collection   ? 
_entity_src_gen.pdbx_host_org_cell                 ? 
_entity_src_gen.pdbx_host_org_organelle            ? 
_entity_src_gen.pdbx_host_org_cellular_location    ? 
_entity_src_gen.pdbx_host_org_vector_type          plasmid 
_entity_src_gen.pdbx_host_org_vector               ? 
_entity_src_gen.host_org_details                   ? 
_entity_src_gen.expression_system_id               ? 
_entity_src_gen.plasmid_name                       pET22b 
_entity_src_gen.plasmid_details                    ? 
_entity_src_gen.pdbx_description                   ? 
# 
_struct_ref.id                         1 
_struct_ref.db_name                    UNP 
_struct_ref.db_code                    ATLE_AGRAE 
_struct_ref.pdbx_db_accession          Q6WY08 
_struct_ref.entity_id                  1 
_struct_ref.pdbx_seq_one_letter_code   
;QGVNIYNISAGTSVDLAAPVTTGDIVTFFSSALNLNAGAGNPNNTTLNLFAENGAYLLHIAFRLQENVIIFNSRQPDGPW
LVEQRVSDVANQFAGIDGKAMVTVFDHGDKYQVVINEKTVIQYTKQISGLTLSLSYNATEETSIFSTVVEAVTYTGLA
;
_struct_ref.pdbx_align_begin           1 
_struct_ref.pdbx_db_isoform            ? 
# 
_struct_ref_seq.align_id                      1 
_struct_ref_seq.ref_id                        1 
_struct_ref_seq.pdbx_PDB_id_code              2ZGR 
_struct_ref_seq.pdbx_strand_id                A 
_struct_ref_seq.seq_align_beg                 2 
_struct_ref_seq.pdbx_seq_align_beg_ins_code   ? 
_struct_ref_seq.seq_align_end                 159 
_struct_ref_seq.pdbx_seq_align_end_ins_code   ? 
_struct_ref_seq.pdbx_db_accession             Q6WY08 
_struct_ref_seq.db_align_beg                  1 
_struct_ref_seq.pdbx_db_align_beg_ins_code    ? 
_struct_ref_seq.db_align_end                  158 
_struct_ref_seq.pdbx_db_align_end_ins_code    ? 
_struct_ref_seq.pdbx_auth_seq_align_beg       1 
_struct_ref_seq.pdbx_auth_seq_align_end       158 
# 
loop_
_struct_ref_seq_dif.align_id 
_struct_ref_seq_dif.pdbx_pdb_id_code 
_struct_ref_seq_dif.mon_id 
_struct_ref_seq_dif.pdbx_pdb_strand_id 
_struct_ref_seq_dif.seq_num 
_struct_ref_seq_dif.pdbx_pdb_ins_code 
_struct_ref_seq_dif.pdbx_seq_db_name 
_struct_ref_seq_dif.pdbx_seq_db_accession_code 
_struct_ref_seq_dif.db_mon_id 
_struct_ref_seq_dif.pdbx_seq_db_seq_num 
_struct_ref_seq_dif.details 
_struct_ref_seq_dif.pdbx_auth_seq_num 
_struct_ref_seq_dif.pdbx_ordinal 
1 2ZGR MET A 1   ? UNP Q6WY08 ?   ?   'initiating methionine' 0   1  
1 2ZGR ALA A 34  ? UNP Q6WY08 LEU 33  'engineered mutation'   33  2  
1 2ZGR SER A 133 ? UNP Q6WY08 LEU 132 'SEE REMARK 999'        132 3  
1 2ZGR LEU A 160 ? UNP Q6WY08 ?   ?   'expression tag'        159 4  
1 2ZGR GLU A 161 ? UNP Q6WY08 ?   ?   'expression tag'        160 5  
1 2ZGR HIS A 162 ? UNP Q6WY08 ?   ?   'expression tag'        161 6  
1 2ZGR HIS A 163 ? UNP Q6WY08 ?   ?   'expression tag'        162 7  
1 2ZGR HIS A 164 ? UNP Q6WY08 ?   ?   'expression tag'        163 8  
1 2ZGR HIS A 165 ? UNP Q6WY08 ?   ?   'expression tag'        164 9  
1 2ZGR HIS A 166 ? UNP Q6WY08 ?   ?   'expression tag'        165 10 
1 2ZGR HIS A 167 ? UNP Q6WY08 ?   ?   'expression tag'        166 11 
# 
loop_
_chem_comp.id 
_chem_comp.type 
_chem_comp.mon_nstd_flag 
_chem_comp.name 
_chem_comp.pdbx_synonyms 
_chem_comp.formula 
_chem_comp.formula_weight 
ALA 'L-peptide linking' y ALANINE         ? 'C3 H7 N O2'     89.093  
ARG 'L-peptide linking' y ARGININE        ? 'C6 H15 N4 O2 1' 175.209 
ASN 'L-peptide linking' y ASPARAGINE      ? 'C4 H8 N2 O3'    132.118 
ASP 'L-peptide linking' y 'ASPARTIC ACID' ? 'C4 H7 N O4'     133.103 
GLN 'L-peptide linking' y GLUTAMINE       ? 'C5 H10 N2 O3'   146.144 
GLU 'L-peptide linking' y 'GLUTAMIC ACID' ? 'C5 H9 N O4'     147.129 
GLY 'peptide linking'   y GLYCINE         ? 'C2 H5 N O2'     75.067  
HIS 'L-peptide linking' y HISTIDINE       ? 'C6 H10 N3 O2 1' 156.162 
HOH non-polymer         . WATER           ? 'H2 O'           18.015  
ILE 'L-peptide linking' y ISOLEUCINE      ? 'C6 H13 N O2'    131.173 
LEU 'L-peptide linking' y LEUCINE         ? 'C6 H13 N O2'    131.173 
LYS 'L-peptide linking' y LYSINE          ? 'C6 H15 N2 O2 1' 147.195 
MET 'L-peptide linking' y METHIONINE      ? 'C5 H11 N O2 S'  149.211 
PHE 'L-peptide linking' y PHENYLALANINE   ? 'C9 H11 N O2'    165.189 
PRO 'L-peptide linking' y PROLINE         ? 'C5 H9 N O2'     115.130 
SER 'L-peptide linking' y SERINE          ? 'C3 H7 N O3'     105.093 
THR 'L-peptide linking' y THREONINE       ? 'C4 H9 N O3'     119.119 
TRP 'L-peptide linking' y TRYPTOPHAN      ? 'C11 H12 N2 O2'  204.225 
TYR 'L-peptide linking' y TYROSINE        ? 'C9 H11 N O3'    181.189 
VAL 'L-peptide linking' y VALINE          ? 'C5 H11 N O2'    117.146 
# 
_exptl.entry_id          2ZGR 
_exptl.method            'X-RAY DIFFRACTION' 
_exptl.crystals_number   1 
# 
_exptl_crystal.id                    1 
_exptl_crystal.density_meas          ? 
_exptl_crystal.density_Matthews      1.95 
_exptl_crystal.density_percent_sol   36.79 
_exptl_crystal.description           ? 
_exptl_crystal.F_000                 ? 
_exptl_crystal.preparation           ? 
# 
_exptl_crystal_grow.crystal_id      1 
_exptl_crystal_grow.method          'VAPOR DIFFUSION, HANGING DROP' 
_exptl_crystal_grow.temp            298 
_exptl_crystal_grow.temp_details    ? 
_exptl_crystal_grow.pH              5.8 
_exptl_crystal_grow.pdbx_details    '2M Ammonium Sulfate, pH 5.8, VAPOR DIFFUSION, HANGING DROP, temperature 298K' 
_exptl_crystal_grow.pdbx_pH_range   ? 
# 
_diffrn.id                     1 
_diffrn.ambient_temp           98 
_diffrn.ambient_temp_details   ? 
_diffrn.crystal_id             1 
# 
_diffrn_detector.diffrn_id              1 
_diffrn_detector.detector               'IMAGE PLATE' 
_diffrn_detector.type                   'RIGAKU RAXIS IV++' 
_diffrn_detector.pdbx_collection_date   2005-08-01 
_diffrn_detector.details                ? 
# 
_diffrn_radiation.diffrn_id                        1 
_diffrn_radiation.wavelength_id                    1 
_diffrn_radiation.pdbx_monochromatic_or_laue_m_l   M 
_diffrn_radiation.monochromator                    ? 
_diffrn_radiation.pdbx_diffrn_protocol             'SINGLE WAVELENGTH' 
_diffrn_radiation.pdbx_scattering_type             x-ray 
# 
_diffrn_radiation_wavelength.id           1 
_diffrn_radiation_wavelength.wavelength   1.5418 
_diffrn_radiation_wavelength.wt           1.0 
# 
_diffrn_source.diffrn_id                   1 
_diffrn_source.source                      'ROTATING ANODE' 
_diffrn_source.type                        'RIGAKU FR-E+ SUPERBRIGHT' 
_diffrn_source.pdbx_synchrotron_site       ? 
_diffrn_source.pdbx_synchrotron_beamline   ? 
_diffrn_source.pdbx_wavelength             ? 
_diffrn_source.pdbx_wavelength_list        1.5418 
# 
_reflns.entry_id                     2ZGR 
_reflns.observed_criterion_sigma_I   0 
_reflns.observed_criterion_sigma_F   0 
_reflns.d_resolution_low             24.64 
_reflns.d_resolution_high            1.80 
_reflns.number_obs                   13022 
_reflns.number_all                   13022 
_reflns.percent_possible_obs         100.0 
_reflns.pdbx_Rmerge_I_obs            0.048 
_reflns.pdbx_Rsym_value              0.030 
_reflns.pdbx_netI_over_sigmaI        21.4 
_reflns.B_iso_Wilson_estimate        12.9 
_reflns.pdbx_redundancy              3.5 
_reflns.R_free_details               ? 
_reflns.limit_h_max                  ? 
_reflns.limit_h_min                  ? 
_reflns.limit_k_max                  ? 
_reflns.limit_k_min                  ? 
_reflns.limit_l_max                  ? 
_reflns.limit_l_min                  ? 
_reflns.observed_criterion_F_max     ? 
_reflns.observed_criterion_F_min     ? 
_reflns.pdbx_chi_squared             ? 
_reflns.pdbx_scaling_rejects         ? 
_reflns.pdbx_diffrn_id               1 
_reflns.pdbx_ordinal                 1 
# 
_reflns_shell.d_res_high             1.80 
_reflns_shell.d_res_low              1.90 
_reflns_shell.percent_possible_all   100.0 
_reflns_shell.Rmerge_I_obs           0.275 
_reflns_shell.pdbx_Rsym_value        0.175 
_reflns_shell.meanI_over_sigI_obs    3.7 
_reflns_shell.pdbx_redundancy        3.4 
_reflns_shell.percent_possible_obs   ? 
_reflns_shell.number_unique_all      1895 
_reflns_shell.number_measured_all    ? 
_reflns_shell.number_measured_obs    ? 
_reflns_shell.number_unique_obs      ? 
_reflns_shell.pdbx_chi_squared       ? 
_reflns_shell.pdbx_diffrn_id         ? 
_reflns_shell.pdbx_ordinal           1 
# 
_refine.entry_id                                 2ZGR 
_refine.ls_number_reflns_obs                     11072 
_refine.ls_number_reflns_all                     ? 
_refine.pdbx_ls_sigma_I                          ? 
_refine.pdbx_ls_sigma_F                          2.0 
_refine.pdbx_data_cutoff_high_absF               833685.35 
_refine.pdbx_data_cutoff_low_absF                0.000000 
_refine.pdbx_data_cutoff_high_rms_absF           ? 
_refine.ls_d_res_low                             24.64 
_refine.ls_d_res_high                            1.90 
_refine.ls_percent_reflns_obs                    99.9 
_refine.ls_R_factor_obs                          0.214 
_refine.ls_R_factor_all                          ? 
_refine.ls_R_factor_R_work                       0.214 
_refine.ls_R_factor_R_free                       0.246 
_refine.ls_R_factor_R_free_error                 0.007 
_refine.ls_R_factor_R_free_error_details         ? 
_refine.ls_percent_reflns_R_free                 10.2 
_refine.ls_number_reflns_R_free                  1130 
_refine.ls_number_parameters                     ? 
_refine.ls_number_restraints                     ? 
_refine.occupancy_min                            ? 
_refine.occupancy_max                            ? 
_refine.correlation_coeff_Fo_to_Fc               ? 
_refine.correlation_coeff_Fo_to_Fc_free          ? 
_refine.B_iso_mean                               18.3 
_refine.aniso_B[1][1]                            0.75 
_refine.aniso_B[2][2]                            -1.84 
_refine.aniso_B[3][3]                            1.09 
_refine.aniso_B[1][2]                            0.00 
_refine.aniso_B[1][3]                            -3.09 
_refine.aniso_B[2][3]                            0.00 
_refine.solvent_model_details                    'FLAT MODEL' 
_refine.solvent_model_param_ksol                 0.4 
_refine.solvent_model_param_bsol                 40.0837 
_refine.pdbx_solvent_vdw_probe_radii             ? 
_refine.pdbx_solvent_ion_probe_radii             ? 
_refine.pdbx_solvent_shrinkage_radii             ? 
_refine.pdbx_ls_cross_valid_method               THROUGHOUT 
_refine.details                                  'BULK SOLVENT MODEL USED' 
_refine.pdbx_starting_model                      2ZGL 
_refine.pdbx_method_to_determine_struct          'MOLECULAR REPLACEMENT' 
_refine.pdbx_isotropic_thermal_model             RESTRAINED 
_refine.pdbx_stereochemistry_target_values       'Engh & Huber' 
_refine.pdbx_stereochem_target_val_spec_case     ? 
_refine.pdbx_R_Free_selection_details            RANDOM 
_refine.pdbx_overall_ESU_R                       ? 
_refine.pdbx_overall_ESU_R_Free                  ? 
_refine.overall_SU_ML                            ? 
_refine.overall_SU_B                             ? 
_refine.ls_redundancy_reflns_obs                 ? 
_refine.B_iso_min                                ? 
_refine.B_iso_max                                ? 
_refine.overall_SU_R_Cruickshank_DPI             ? 
_refine.overall_SU_R_free                        ? 
_refine.ls_wR_factor_R_free                      ? 
_refine.ls_wR_factor_R_work                      ? 
_refine.overall_FOM_free_R_set                   ? 
_refine.overall_FOM_work_R_set                   ? 
_refine.pdbx_overall_phase_error                 ? 
_refine.pdbx_refine_id                           'X-RAY DIFFRACTION' 
_refine.pdbx_diffrn_id                           1 
_refine.pdbx_TLS_residual_ADP_flag               ? 
_refine.pdbx_overall_SU_R_free_Cruickshank_DPI   ? 
_refine.pdbx_overall_SU_R_Blow_DPI               ? 
_refine.pdbx_overall_SU_R_free_Blow_DPI          ? 
# 
_refine_analyze.entry_id                        2ZGR 
_refine_analyze.Luzzati_coordinate_error_obs    0.22 
_refine_analyze.Luzzati_sigma_a_obs             0.03 
_refine_analyze.Luzzati_d_res_low_obs           5.00 
_refine_analyze.Luzzati_coordinate_error_free   0.27 
_refine_analyze.Luzzati_sigma_a_free            0.06 
_refine_analyze.Luzzati_d_res_low_free          ? 
_refine_analyze.number_disordered_residues      ? 
_refine_analyze.occupancy_sum_hydrogen          ? 
_refine_analyze.occupancy_sum_non_hydrogen      ? 
_refine_analyze.pdbx_Luzzati_d_res_high_obs     ? 
_refine_analyze.pdbx_refine_id                  'X-RAY DIFFRACTION' 
# 
_refine_hist.pdbx_refine_id                   'X-RAY DIFFRACTION' 
_refine_hist.cycle_id                         LAST 
_refine_hist.pdbx_number_atoms_protein        1195 
_refine_hist.pdbx_number_atoms_nucleic_acid   0 
_refine_hist.pdbx_number_atoms_ligand         0 
_refine_hist.number_atoms_solvent             82 
_refine_hist.number_atoms_total               1277 
_refine_hist.d_res_high                       1.90 
_refine_hist.d_res_low                        24.64 
# 
loop_
_refine_ls_restr.type 
_refine_ls_restr.dev_ideal 
_refine_ls_restr.dev_ideal_target 
_refine_ls_restr.weight 
_refine_ls_restr.number 
_refine_ls_restr.pdbx_refine_id 
_refine_ls_restr.pdbx_restraint_function 
c_bond_d                0.005 ? ? ? 'X-RAY DIFFRACTION' ? 
c_bond_d_na             ?     ? ? ? 'X-RAY DIFFRACTION' ? 
c_bond_d_prot           ?     ? ? ? 'X-RAY DIFFRACTION' ? 
c_angle_d               ?     ? ? ? 'X-RAY DIFFRACTION' ? 
c_angle_d_na            ?     ? ? ? 'X-RAY DIFFRACTION' ? 
c_angle_d_prot          ?     ? ? ? 'X-RAY DIFFRACTION' ? 
c_angle_deg             1.4   ? ? ? 'X-RAY DIFFRACTION' ? 
c_angle_deg_na          ?     ? ? ? 'X-RAY DIFFRACTION' ? 
c_angle_deg_prot        ?     ? ? ? 'X-RAY DIFFRACTION' ? 
c_dihedral_angle_d      27.7  ? ? ? 'X-RAY DIFFRACTION' ? 
c_dihedral_angle_d_na   ?     ? ? ? 'X-RAY DIFFRACTION' ? 
c_dihedral_angle_d_prot ?     ? ? ? 'X-RAY DIFFRACTION' ? 
c_improper_angle_d      0.67  ? ? ? 'X-RAY DIFFRACTION' ? 
c_improper_angle_d_na   ?     ? ? ? 'X-RAY DIFFRACTION' ? 
c_improper_angle_d_prot ?     ? ? ? 'X-RAY DIFFRACTION' ? 
c_mcbond_it             ?     ? ? ? 'X-RAY DIFFRACTION' ? 
c_mcangle_it            ?     ? ? ? 'X-RAY DIFFRACTION' ? 
c_scbond_it             ?     ? ? ? 'X-RAY DIFFRACTION' ? 
c_scangle_it            ?     ? ? ? 'X-RAY DIFFRACTION' ? 
# 
_refine_ls_shell.pdbx_total_number_of_bins_used   6 
_refine_ls_shell.d_res_high                       1.90 
_refine_ls_shell.d_res_low                        2.02 
_refine_ls_shell.number_reflns_R_work             1643 
_refine_ls_shell.R_factor_R_work                  0.217 
_refine_ls_shell.percent_reflns_obs               99.7 
_refine_ls_shell.R_factor_R_free                  0.24 
_refine_ls_shell.R_factor_R_free_error            0.017 
_refine_ls_shell.percent_reflns_R_free            10.4 
_refine_ls_shell.number_reflns_R_free             191 
_refine_ls_shell.number_reflns_all                ? 
_refine_ls_shell.R_factor_all                     ? 
_refine_ls_shell.number_reflns_obs                ? 
_refine_ls_shell.redundancy_reflns_obs            ? 
_refine_ls_shell.pdbx_refine_id                   'X-RAY DIFFRACTION' 
# 
loop_
_pdbx_xplor_file.serial_no 
_pdbx_xplor_file.param_file 
_pdbx_xplor_file.topol_file 
_pdbx_xplor_file.pdbx_refine_id 
1 protein_rep.param protein.top 'X-RAY DIFFRACTION' 
2 water_rep.param   water.top   'X-RAY DIFFRACTION' 
3 ion.param         ion.top     'X-RAY DIFFRACTION' 
# 
_struct.entry_id                  2ZGR 
_struct.title                     'Crystal structure of AAL mutant L33A in C2 spacegroup' 
_struct.pdbx_model_details        ? 
_struct.pdbx_CASP_flag            ? 
_struct.pdbx_model_type_details   ? 
# 
_struct_keywords.entry_id        2ZGR 
_struct_keywords.pdbx_keywords   HYDROLASE 
_struct_keywords.text            'galectin, jelly roll, Apoptosis, Hydrolase, Nuclease' 
# 
loop_
_struct_asym.id 
_struct_asym.pdbx_blank_PDB_chainid_flag 
_struct_asym.pdbx_modified 
_struct_asym.entity_id 
_struct_asym.details 
A N N 1 ? 
B N N 2 ? 
# 
_struct_biol.id        1 
_struct_biol.details   ? 
# 
_struct_conf.conf_type_id            HELX_P 
_struct_conf.id                      HELX_P1 
_struct_conf.pdbx_PDB_helix_id       1 
_struct_conf.beg_label_comp_id       ASP 
_struct_conf.beg_label_asym_id       A 
_struct_conf.beg_label_seq_id        89 
_struct_conf.pdbx_beg_PDB_ins_code   ? 
_struct_conf.end_label_comp_id       ALA 
_struct_conf.end_label_asym_id       A 
_struct_conf.end_label_seq_id        95 
_struct_conf.pdbx_end_PDB_ins_code   ? 
_struct_conf.beg_auth_comp_id        ASP 
_struct_conf.beg_auth_asym_id        A 
_struct_conf.beg_auth_seq_id         88 
_struct_conf.end_auth_comp_id        ALA 
_struct_conf.end_auth_asym_id        A 
_struct_conf.end_auth_seq_id         94 
_struct_conf.pdbx_PDB_helix_class    1 
_struct_conf.details                 ? 
_struct_conf.pdbx_PDB_helix_length   7 
# 
_struct_conf_type.id          HELX_P 
_struct_conf_type.criteria    ? 
_struct_conf_type.reference   ? 
# 
_struct_mon_prot_cis.pdbx_id                1 
_struct_mon_prot_cis.label_comp_id          ASN 
_struct_mon_prot_cis.label_seq_id           42 
_struct_mon_prot_cis.label_asym_id          A 
_struct_mon_prot_cis.label_alt_id           . 
_struct_mon_prot_cis.pdbx_PDB_ins_code      ? 
_struct_mon_prot_cis.auth_comp_id           ASN 
_struct_mon_prot_cis.auth_seq_id            41 
_struct_mon_prot_cis.auth_asym_id           A 
_struct_mon_prot_cis.pdbx_label_comp_id_2   PRO 
_struct_mon_prot_cis.pdbx_label_seq_id_2    43 
_struct_mon_prot_cis.pdbx_label_asym_id_2   A 
_struct_mon_prot_cis.pdbx_PDB_ins_code_2    ? 
_struct_mon_prot_cis.pdbx_auth_comp_id_2    PRO 
_struct_mon_prot_cis.pdbx_auth_seq_id_2     42 
_struct_mon_prot_cis.pdbx_auth_asym_id_2    A 
_struct_mon_prot_cis.pdbx_PDB_model_num     1 
_struct_mon_prot_cis.pdbx_omega_angle       0.13 
# 
loop_
_struct_sheet.id 
_struct_sheet.type 
_struct_sheet.number_strands 
_struct_sheet.details 
A ? 6 ? 
B ? 6 ? 
# 
loop_
_struct_sheet_order.sheet_id 
_struct_sheet_order.range_id_1 
_struct_sheet_order.range_id_2 
_struct_sheet_order.offset 
_struct_sheet_order.sense 
A 1 2 ? anti-parallel 
A 2 3 ? anti-parallel 
A 3 4 ? anti-parallel 
A 4 5 ? anti-parallel 
A 5 6 ? anti-parallel 
B 1 2 ? anti-parallel 
B 2 3 ? anti-parallel 
B 3 4 ? anti-parallel 
B 4 5 ? anti-parallel 
B 5 6 ? anti-parallel 
# 
loop_
_struct_sheet_range.sheet_id 
_struct_sheet_range.id 
_struct_sheet_range.beg_label_comp_id 
_struct_sheet_range.beg_label_asym_id 
_struct_sheet_range.beg_label_seq_id 
_struct_sheet_range.pdbx_beg_PDB_ins_code 
_struct_sheet_range.end_label_comp_id 
_struct_sheet_range.end_label_asym_id 
_struct_sheet_range.end_label_seq_id 
_struct_sheet_range.pdbx_end_PDB_ins_code 
_struct_sheet_range.beg_auth_comp_id 
_struct_sheet_range.beg_auth_asym_id 
_struct_sheet_range.beg_auth_seq_id 
_struct_sheet_range.end_auth_comp_id 
_struct_sheet_range.end_auth_asym_id 
_struct_sheet_range.end_auth_seq_id 
A 1 GLY A 3   ? SER A 10  ? GLY A 2   SER A 9   
A 2 VAL A 149 ? THR A 156 ? VAL A 148 THR A 155 
A 3 ILE A 26  ? SER A 31  ? ILE A 25  SER A 30  
A 4 ALA A 101 ? ASP A 107 ? ALA A 100 ASP A 106 
A 5 LYS A 111 ? ILE A 116 ? LYS A 110 ILE A 115 
A 6 LYS A 119 ? THR A 125 ? LYS A 118 THR A 124 
B 1 THR A 13  ? VAL A 21  ? THR A 12  VAL A 20  
B 2 THR A 132 ? ASN A 138 ? THR A 131 ASN A 137 
B 3 THR A 46  ? PHE A 51  ? THR A 45  PHE A 50  
B 4 TYR A 57  ? ARG A 64  ? TYR A 56  ARG A 63  
B 5 VAL A 69  ? ARG A 75  ? VAL A 68  ARG A 74  
B 6 GLN A 85  ? SER A 88  ? GLN A 84  SER A 87  
# 
loop_
_pdbx_struct_sheet_hbond.sheet_id 
_pdbx_struct_sheet_hbond.range_id_1 
_pdbx_struct_sheet_hbond.range_id_2 
_pdbx_struct_sheet_hbond.range_1_label_atom_id 
_pdbx_struct_sheet_hbond.range_1_label_comp_id 
_pdbx_struct_sheet_hbond.range_1_label_asym_id 
_pdbx_struct_sheet_hbond.range_1_label_seq_id 
_pdbx_struct_sheet_hbond.range_1_PDB_ins_code 
_pdbx_struct_sheet_hbond.range_1_auth_atom_id 
_pdbx_struct_sheet_hbond.range_1_auth_comp_id 
_pdbx_struct_sheet_hbond.range_1_auth_asym_id 
_pdbx_struct_sheet_hbond.range_1_auth_seq_id 
_pdbx_struct_sheet_hbond.range_2_label_atom_id 
_pdbx_struct_sheet_hbond.range_2_label_comp_id 
_pdbx_struct_sheet_hbond.range_2_label_asym_id 
_pdbx_struct_sheet_hbond.range_2_label_seq_id 
_pdbx_struct_sheet_hbond.range_2_PDB_ins_code 
_pdbx_struct_sheet_hbond.range_2_auth_atom_id 
_pdbx_struct_sheet_hbond.range_2_auth_comp_id 
_pdbx_struct_sheet_hbond.range_2_auth_asym_id 
_pdbx_struct_sheet_hbond.range_2_auth_seq_id 
A 1 2 N TYR A 7   ? N TYR A 6   O ALA A 152 ? O ALA A 151 
A 2 3 O GLU A 151 ? O GLU A 150 N PHE A 30  ? N PHE A 29  
A 3 4 N VAL A 27  ? N VAL A 26  O VAL A 105 ? O VAL A 104 
A 4 5 N THR A 104 ? N THR A 103 O VAL A 115 ? O VAL A 114 
A 5 6 N ILE A 116 ? N ILE A 115 O LYS A 119 ? O LYS A 118 
B 1 2 N LEU A 17  ? N LEU A 16  O SER A 133 ? O SER A 132 
B 2 3 O SER A 134 ? O SER A 133 N PHE A 51  ? N PHE A 50  
B 3 4 N THR A 46  ? N THR A 45  O PHE A 63  ? O PHE A 62  
B 4 5 N TYR A 57  ? N TYR A 56  O ARG A 75  ? O ARG A 74  
B 5 6 N ILE A 70  ? N ILE A 69  O VAL A 87  ? O VAL A 86  
# 
_atom_sites.entry_id                    2ZGR 
_atom_sites.fract_transf_matrix[1][1]   0.01362584 
_atom_sites.fract_transf_matrix[1][2]   -0.00127806 
_atom_sites.fract_transf_matrix[1][3]   0.01103658 
_atom_sites.fract_transf_matrix[2][1]   0.00844024 
_atom_sites.fract_transf_matrix[2][2]   -0.01398991 
_atom_sites.fract_transf_matrix[2][3]   -0.01204045 
_atom_sites.fract_transf_matrix[3][1]   0.01276764 
_atom_sites.fract_transf_matrix[3][2]   0.01399616 
_atom_sites.fract_transf_matrix[3][3]   -0.00731226 
_atom_sites.fract_transf_vector[1]      0.185413 
_atom_sites.fract_transf_vector[2]      -0.005092 
_atom_sites.fract_transf_vector[3]      0.219256 
# 
loop_
_atom_type.symbol 
C 
N 
O 
S 
# 
loop_
_atom_site.group_PDB 
_atom_site.id 
_atom_site.type_symbol 
_atom_site.label_atom_id 
_atom_site.label_alt_id 
_atom_site.label_comp_id 
_atom_site.label_asym_id 
_atom_site.label_entity_id 
_atom_site.label_seq_id 
_atom_site.pdbx_PDB_ins_code 
_atom_site.Cartn_x 
_atom_site.Cartn_y 
_atom_site.Cartn_z 
_atom_site.occupancy 
_atom_site.B_iso_or_equiv 
_atom_site.pdbx_formal_charge 
_atom_site.auth_seq_id 
_atom_site.auth_comp_id 
_atom_site.auth_asym_id 
_atom_site.auth_atom_id 
_atom_site.pdbx_PDB_model_num 
ATOM   1    N N   . GLN A 1 2   ? -9.941  -18.453 -4.391  1.00 28.70 ? 1   GLN A N   1 
ATOM   2    C CA  . GLN A 1 2   ? -10.168 -19.649 -3.537  1.00 27.66 ? 1   GLN A CA  1 
ATOM   3    C C   . GLN A 1 2   ? -10.393 -19.294 -2.071  1.00 25.31 ? 1   GLN A C   1 
ATOM   4    O O   . GLN A 1 2   ? -11.197 -19.930 -1.402  1.00 24.09 ? 1   GLN A O   1 
ATOM   5    C CB  . GLN A 1 2   ? -8.989  -20.619 -3.655  1.00 46.17 ? 1   GLN A CB  1 
ATOM   6    C CG  . GLN A 1 2   ? -9.116  -21.860 -2.782  1.00 47.62 ? 1   GLN A CG  1 
ATOM   7    C CD  . GLN A 1 2   ? -8.039  -22.886 -3.069  1.00 52.42 ? 1   GLN A CD  1 
ATOM   8    O OE1 . GLN A 1 2   ? -6.843  -22.591 -2.991  1.00 54.67 ? 1   GLN A OE1 1 
ATOM   9    N NE2 . GLN A 1 2   ? -8.456  -24.104 -3.403  1.00 51.22 ? 1   GLN A NE2 1 
ATOM   10   N N   . GLY A 1 3   ? -9.689  -18.277 -1.574  1.00 20.24 ? 2   GLY A N   1 
ATOM   11   C CA  . GLY A 1 3   ? -9.855  -17.887 -0.184  1.00 17.25 ? 2   GLY A CA  1 
ATOM   12   C C   . GLY A 1 3   ? -9.852  -16.383 0.021   1.00 15.88 ? 2   GLY A C   1 
ATOM   13   O O   . GLY A 1 3   ? -9.128  -15.657 -0.663  1.00 13.34 ? 2   GLY A O   1 
ATOM   14   N N   . VAL A 1 4   ? -10.670 -15.916 0.960   1.00 16.16 ? 3   VAL A N   1 
ATOM   15   C CA  . VAL A 1 4   ? -10.761 -14.490 1.265   1.00 16.05 ? 3   VAL A CA  1 
ATOM   16   C C   . VAL A 1 4   ? -10.527 -14.239 2.755   1.00 16.16 ? 3   VAL A C   1 
ATOM   17   O O   . VAL A 1 4   ? -11.035 -14.973 3.604   1.00 15.43 ? 3   VAL A O   1 
ATOM   18   C CB  . VAL A 1 4   ? -12.155 -13.924 0.885   1.00 15.60 ? 3   VAL A CB  1 
ATOM   19   C CG1 . VAL A 1 4   ? -12.199 -12.421 1.133   1.00 15.97 ? 3   VAL A CG1 1 
ATOM   20   C CG2 . VAL A 1 4   ? -12.463 -14.232 -0.580  1.00 15.96 ? 3   VAL A CG2 1 
ATOM   21   N N   . ASN A 1 5   ? -9.742  -13.212 3.066   1.00 13.08 ? 4   ASN A N   1 
ATOM   22   C CA  . ASN A 1 5   ? -9.467  -12.848 4.454   1.00 12.99 ? 4   ASN A CA  1 
ATOM   23   C C   . ASN A 1 5   ? -9.641  -11.335 4.560   1.00 11.63 ? 4   ASN A C   1 
ATOM   24   O O   . ASN A 1 5   ? -9.278  -10.593 3.651   1.00 12.60 ? 4   ASN A O   1 
ATOM   25   C CB  . ASN A 1 5   ? -8.051  -13.277 4.867   1.00 13.85 ? 4   ASN A CB  1 
ATOM   26   C CG  . ASN A 1 5   ? -7.922  -14.792 5.019   1.00 15.98 ? 4   ASN A CG  1 
ATOM   27   O OD1 . ASN A 1 5   ? -7.963  -15.330 6.131   1.00 16.53 ? 4   ASN A OD1 1 
ATOM   28   N ND2 . ASN A 1 5   ? -7.788  -15.484 3.898   1.00 15.45 ? 4   ASN A ND2 1 
ATOM   29   N N   . ILE A 1 6   ? -10.225 -10.900 5.668   1.00 12.49 ? 5   ILE A N   1 
ATOM   30   C CA  . ILE A 1 6   ? -10.514 -9.492  5.911   1.00 11.41 ? 5   ILE A CA  1 
ATOM   31   C C   . ILE A 1 6   ? -9.800  -8.995  7.152   1.00 11.91 ? 5   ILE A C   1 
ATOM   32   O O   . ILE A 1 6   ? -9.847  -9.639  8.198   1.00 10.81 ? 5   ILE A O   1 
ATOM   33   C CB  . ILE A 1 6   ? -12.037 -9.294  6.102   1.00 12.93 ? 5   ILE A CB  1 
ATOM   34   C CG1 . ILE A 1 6   ? -12.771 -9.769  4.845   1.00 15.24 ? 5   ILE A CG1 1 
ATOM   35   C CG2 . ILE A 1 6   ? -12.350 -7.827  6.397   1.00 15.08 ? 5   ILE A CG2 1 
ATOM   36   C CD1 . ILE A 1 6   ? -14.257 -10.010 5.049   1.00 13.19 ? 5   ILE A CD1 1 
ATOM   37   N N   . TYR A 1 7   ? -9.142  -7.845  7.032   1.00 12.91 ? 6   TYR A N   1 
ATOM   38   C CA  . TYR A 1 7   ? -8.427  -7.260  8.156   1.00 14.77 ? 6   TYR A CA  1 
ATOM   39   C C   . TYR A 1 7   ? -8.773  -5.787  8.325   1.00 14.75 ? 6   TYR A C   1 
ATOM   40   O O   . TYR A 1 7   ? -8.857  -5.040  7.354   1.00 17.80 ? 6   TYR A O   1 
ATOM   41   C CB  . TYR A 1 7   ? -6.915  -7.395  7.961   1.00 14.14 ? 6   TYR A CB  1 
ATOM   42   C CG  . TYR A 1 7   ? -6.462  -8.791  7.616   1.00 13.23 ? 6   TYR A CG  1 
ATOM   43   C CD1 . TYR A 1 7   ? -6.476  -9.242  6.295   1.00 12.98 ? 6   TYR A CD1 1 
ATOM   44   C CD2 . TYR A 1 7   ? -6.045  -9.673  8.612   1.00 14.74 ? 6   TYR A CD2 1 
ATOM   45   C CE1 . TYR A 1 7   ? -6.082  -10.542 5.972   1.00 13.35 ? 6   TYR A CE1 1 
ATOM   46   C CE2 . TYR A 1 7   ? -5.650  -10.977 8.301   1.00 13.31 ? 6   TYR A CE2 1 
ATOM   47   C CZ  . TYR A 1 7   ? -5.670  -11.402 6.983   1.00 13.45 ? 6   TYR A CZ  1 
ATOM   48   O OH  . TYR A 1 7   ? -5.291  -12.688 6.675   1.00 12.55 ? 6   TYR A OH  1 
ATOM   49   N N   . ASN A 1 8   ? -8.991  -5.375  9.565   1.00 12.55 ? 7   ASN A N   1 
ATOM   50   C CA  . ASN A 1 8   ? -9.295  -3.983  9.852   1.00 11.85 ? 7   ASN A CA  1 
ATOM   51   C C   . ASN A 1 8   ? -7.986  -3.395  10.359  1.00 11.27 ? 7   ASN A C   1 
ATOM   52   O O   . ASN A 1 8   ? -7.499  -3.769  11.428  1.00 11.94 ? 7   ASN A O   1 
ATOM   53   C CB  . ASN A 1 8   ? -10.385 -3.891  10.917  1.00 19.60 ? 7   ASN A CB  1 
ATOM   54   C CG  . ASN A 1 8   ? -11.690 -4.511  10.461  1.00 21.26 ? 7   ASN A CG  1 
ATOM   55   O OD1 . ASN A 1 8   ? -12.280 -5.334  11.163  1.00 26.39 ? 7   ASN A OD1 1 
ATOM   56   N ND2 . ASN A 1 8   ? -12.146 -4.119  9.283   1.00 22.22 ? 7   ASN A ND2 1 
ATOM   57   N N   . ILE A 1 9   ? -7.400  -2.493  9.579   1.00 11.37 ? 8   ILE A N   1 
ATOM   58   C CA  . ILE A 1 9   ? -6.129  -1.893  9.962   1.00 10.10 ? 8   ILE A CA  1 
ATOM   59   C C   . ILE A 1 9   ? -6.280  -0.423  10.336  1.00 11.22 ? 8   ILE A C   1 
ATOM   60   O O   . ILE A 1 9   ? -6.619  0.411   9.499   1.00 11.79 ? 8   ILE A O   1 
ATOM   61   C CB  . ILE A 1 9   ? -5.093  -1.999  8.811   1.00 10.08 ? 8   ILE A CB  1 
ATOM   62   C CG1 . ILE A 1 9   ? -5.101  -3.415  8.221   1.00 10.60 ? 8   ILE A CG1 1 
ATOM   63   C CG2 . ILE A 1 9   ? -3.699  -1.671  9.339   1.00 11.49 ? 8   ILE A CG2 1 
ATOM   64   C CD1 . ILE A 1 9   ? -4.167  -3.591  7.003   1.00 10.67 ? 8   ILE A CD1 1 
ATOM   65   N N   . SER A 1 10  ? -6.027  -0.106  11.601  1.00 12.76 ? 9   SER A N   1 
ATOM   66   C CA  . SER A 1 10  ? -6.122  1.273   12.061  1.00 13.97 ? 9   SER A CA  1 
ATOM   67   C C   . SER A 1 10  ? -4.808  1.993   11.771  1.00 14.77 ? 9   SER A C   1 
ATOM   68   O O   . SER A 1 10  ? -3.741  1.376   11.745  1.00 15.17 ? 9   SER A O   1 
ATOM   69   C CB  . SER A 1 10  ? -6.426  1.306   13.561  1.00 16.55 ? 9   SER A CB  1 
ATOM   70   O OG  . SER A 1 10  ? -5.485  0.538   14.286  1.00 19.74 ? 9   SER A OG  1 
ATOM   71   N N   . ALA A 1 11  ? -4.892  3.300   11.553  1.00 15.69 ? 10  ALA A N   1 
ATOM   72   C CA  . ALA A 1 11  ? -3.719  4.109   11.254  1.00 15.27 ? 10  ALA A CA  1 
ATOM   73   C C   . ALA A 1 11  ? -2.577  3.857   12.233  1.00 16.52 ? 10  ALA A C   1 
ATOM   74   O O   . ALA A 1 11  ? -2.763  3.928   13.454  1.00 16.68 ? 10  ALA A O   1 
ATOM   75   C CB  . ALA A 1 11  ? -4.102  5.593   11.262  1.00 13.19 ? 10  ALA A CB  1 
ATOM   76   N N   . GLY A 1 12  ? -1.399  3.550   11.694  1.00 15.88 ? 11  GLY A N   1 
ATOM   77   C CA  . GLY A 1 12  ? -0.232  3.312   12.529  1.00 17.65 ? 11  GLY A CA  1 
ATOM   78   C C   . GLY A 1 12  ? -0.111  1.923   13.130  1.00 16.66 ? 11  GLY A C   1 
ATOM   79   O O   . GLY A 1 12  ? 0.533   1.748   14.163  1.00 18.26 ? 11  GLY A O   1 
ATOM   80   N N   . THR A 1 13  ? -0.716  0.932   12.487  1.00 13.96 ? 12  THR A N   1 
ATOM   81   C CA  . THR A 1 13  ? -0.666  -0.436  12.985  1.00 15.28 ? 12  THR A CA  1 
ATOM   82   C C   . THR A 1 13  ? -0.414  -1.428  11.857  1.00 15.88 ? 12  THR A C   1 
ATOM   83   O O   . THR A 1 13  ? -0.596  -1.107  10.679  1.00 16.93 ? 12  THR A O   1 
ATOM   84   C CB  . THR A 1 13  ? -1.990  -0.843  13.653  1.00 14.38 ? 12  THR A CB  1 
ATOM   85   O OG1 . THR A 1 13  ? -3.025  -0.863  12.661  1.00 14.62 ? 12  THR A OG1 1 
ATOM   86   C CG2 . THR A 1 13  ? -2.365  0.139   14.763  1.00 15.17 ? 12  THR A CG2 1 
ATOM   87   N N   . SER A 1 14  ? 0.003   -2.634  12.236  1.00 16.53 ? 13  SER A N   1 
ATOM   88   C CA  . SER A 1 14  ? 0.263   -3.711  11.287  1.00 16.35 ? 13  SER A CA  1 
ATOM   89   C C   . SER A 1 14  ? -0.609  -4.898  11.671  1.00 16.07 ? 13  SER A C   1 
ATOM   90   O O   . SER A 1 14  ? -1.085  -4.977  12.802  1.00 15.58 ? 13  SER A O   1 
ATOM   91   C CB  . SER A 1 14  ? 1.729   -4.135  11.345  1.00 25.82 ? 13  SER A CB  1 
ATOM   92   O OG  . SER A 1 14  ? 2.576   -3.055  11.003  1.00 32.29 ? 13  SER A OG  1 
ATOM   93   N N   . VAL A 1 15  ? -0.817  -5.812  10.728  1.00 15.40 ? 14  VAL A N   1 
ATOM   94   C CA  . VAL A 1 15  ? -1.614  -7.011  10.964  1.00 15.23 ? 14  VAL A CA  1 
ATOM   95   C C   . VAL A 1 15  ? -0.931  -8.210  10.311  1.00 15.38 ? 14  VAL A C   1 
ATOM   96   O O   . VAL A 1 15  ? -0.342  -8.087  9.236   1.00 14.26 ? 14  VAL A O   1 
ATOM   97   C CB  . VAL A 1 15  ? -3.042  -6.870  10.368  1.00 17.90 ? 14  VAL A CB  1 
ATOM   98   C CG1 . VAL A 1 15  ? -2.967  -6.649  8.856   1.00 17.21 ? 14  VAL A CG1 1 
ATOM   99   C CG2 . VAL A 1 15  ? -3.854  -8.111  10.676  1.00 22.20 ? 14  VAL A CG2 1 
ATOM   100  N N   . ASP A 1 16  ? -1.002  -9.366  10.961  1.00 13.41 ? 15  ASP A N   1 
ATOM   101  C CA  . ASP A 1 16  ? -0.397  -10.567 10.401  1.00 15.59 ? 15  ASP A CA  1 
ATOM   102  C C   . ASP A 1 16  ? -1.450  -11.303 9.580   1.00 14.62 ? 15  ASP A C   1 
ATOM   103  O O   . ASP A 1 16  ? -2.603  -11.441 10.000  1.00 13.91 ? 15  ASP A O   1 
ATOM   104  C CB  . ASP A 1 16  ? 0.135   -11.485 11.508  1.00 21.28 ? 15  ASP A CB  1 
ATOM   105  C CG  . ASP A 1 16  ? 1.274   -10.862 12.296  1.00 24.10 ? 15  ASP A CG  1 
ATOM   106  O OD1 . ASP A 1 16  ? 2.177   -10.251 11.684  1.00 24.42 ? 15  ASP A OD1 1 
ATOM   107  O OD2 . ASP A 1 16  ? 1.271   -10.992 13.537  1.00 29.33 ? 15  ASP A OD2 1 
ATOM   108  N N   . LEU A 1 17  ? -1.058  -11.775 8.404   1.00 14.11 ? 16  LEU A N   1 
ATOM   109  C CA  . LEU A 1 17  ? -1.999  -12.472 7.538   1.00 13.80 ? 16  LEU A CA  1 
ATOM   110  C C   . LEU A 1 17  ? -2.162  -13.947 7.897   1.00 15.78 ? 16  LEU A C   1 
ATOM   111  O O   . LEU A 1 17  ? -1.180  -14.658 8.124   1.00 15.94 ? 16  LEU A O   1 
ATOM   112  C CB  . LEU A 1 17  ? -1.558  -12.352 6.076   1.00 11.36 ? 16  LEU A CB  1 
ATOM   113  C CG  . LEU A 1 17  ? -1.343  -10.941 5.529   1.00 10.42 ? 16  LEU A CG  1 
ATOM   114  C CD1 . LEU A 1 17  ? -0.957  -11.034 4.052   1.00 12.83 ? 16  LEU A CD1 1 
ATOM   115  C CD2 . LEU A 1 17  ? -2.611  -10.108 5.699   1.00 10.82 ? 16  LEU A CD2 1 
ATOM   116  N N   . ALA A 1 18  ? -3.411  -14.399 7.949   1.00 16.20 ? 17  ALA A N   1 
ATOM   117  C CA  . ALA A 1 18  ? -3.695  -15.796 8.251   1.00 16.01 ? 17  ALA A CA  1 
ATOM   118  C C   . ALA A 1 18  ? -3.358  -16.591 6.993   1.00 15.77 ? 17  ALA A C   1 
ATOM   119  O O   . ALA A 1 18  ? -2.994  -17.765 7.060   1.00 15.00 ? 17  ALA A O   1 
ATOM   120  C CB  . ALA A 1 18  ? -5.159  -15.967 8.613   1.00 15.98 ? 17  ALA A CB  1 
ATOM   121  N N   . ALA A 1 19  ? -3.483  -15.931 5.843   1.00 14.69 ? 18  ALA A N   1 
ATOM   122  C CA  . ALA A 1 19  ? -3.183  -16.540 4.552   1.00 14.22 ? 18  ALA A CA  1 
ATOM   123  C C   . ALA A 1 19  ? -2.218  -15.614 3.821   1.00 15.12 ? 18  ALA A C   1 
ATOM   124  O O   . ALA A 1 19  ? -2.616  -14.574 3.302   1.00 14.15 ? 18  ALA A O   1 
ATOM   125  C CB  . ALA A 1 19  ? -4.455  -16.709 3.734   1.00 15.88 ? 18  ALA A CB  1 
ATOM   126  N N   . PRO A 1 20  ? -0.929  -15.979 3.773   1.00 13.89 ? 19  PRO A N   1 
ATOM   127  C CA  . PRO A 1 20  ? -0.021  -15.074 3.070   1.00 12.98 ? 19  PRO A CA  1 
ATOM   128  C C   . PRO A 1 20  ? -0.349  -14.917 1.594   1.00 12.25 ? 19  PRO A C   1 
ATOM   129  O O   . PRO A 1 20  ? -0.986  -15.778 0.976   1.00 10.71 ? 19  PRO A O   1 
ATOM   130  C CB  . PRO A 1 20  ? 1.358   -15.683 3.328   1.00 17.32 ? 19  PRO A CB  1 
ATOM   131  C CG  . PRO A 1 20  ? 1.078   -17.116 3.535   1.00 18.69 ? 19  PRO A CG  1 
ATOM   132  C CD  . PRO A 1 20  ? -0.212  -17.139 4.324   1.00 16.59 ? 19  PRO A CD  1 
ATOM   133  N N   . VAL A 1 21  ? 0.084   -13.791 1.046   1.00 12.48 ? 20  VAL A N   1 
ATOM   134  C CA  . VAL A 1 21  ? -0.139  -13.459 -0.345  1.00 12.33 ? 20  VAL A CA  1 
ATOM   135  C C   . VAL A 1 21  ? 1.095   -13.840 -1.154  1.00 14.12 ? 20  VAL A C   1 
ATOM   136  O O   . VAL A 1 21  ? 2.222   -13.503 -0.793  1.00 14.54 ? 20  VAL A O   1 
ATOM   137  C CB  . VAL A 1 21  ? -0.424  -11.950 -0.488  1.00 9.67  ? 20  VAL A CB  1 
ATOM   138  C CG1 . VAL A 1 21  ? -0.263  -11.517 -1.943  1.00 9.28  ? 20  VAL A CG1 1 
ATOM   139  C CG2 . VAL A 1 21  ? -1.834  -11.656 0.003   1.00 10.76 ? 20  VAL A CG2 1 
ATOM   140  N N   . THR A 1 22  ? 0.878   -14.540 -2.256  1.00 11.21 ? 21  THR A N   1 
ATOM   141  C CA  . THR A 1 22  ? 1.997   -14.964 -3.082  1.00 12.52 ? 21  THR A CA  1 
ATOM   142  C C   . THR A 1 22  ? 1.693   -14.689 -4.546  1.00 12.73 ? 21  THR A C   1 
ATOM   143  O O   . THR A 1 22  ? 0.674   -14.079 -4.875  1.00 13.14 ? 21  THR A O   1 
ATOM   144  C CB  . THR A 1 22  ? 2.313   -16.478 -2.841  1.00 14.60 ? 21  THR A CB  1 
ATOM   145  O OG1 . THR A 1 22  ? 3.550   -16.823 -3.471  1.00 13.90 ? 21  THR A OG1 1 
ATOM   146  C CG2 . THR A 1 22  ? 1.202   -17.362 -3.404  1.00 15.50 ? 21  THR A CG2 1 
ATOM   147  N N   . THR A 1 23  ? 2.584   -15.122 -5.425  1.00 12.73 ? 22  THR A N   1 
ATOM   148  C CA  . THR A 1 23  ? 2.399   -14.903 -6.849  1.00 12.81 ? 22  THR A CA  1 
ATOM   149  C C   . THR A 1 23  ? 1.008   -15.322 -7.326  1.00 13.23 ? 22  THR A C   1 
ATOM   150  O O   . THR A 1 23  ? 0.579   -16.461 -7.111  1.00 14.31 ? 22  THR A O   1 
ATOM   151  C CB  . THR A 1 23  ? 3.454   -15.671 -7.650  1.00 14.78 ? 22  THR A CB  1 
ATOM   152  O OG1 . THR A 1 23  ? 4.760   -15.315 -7.177  1.00 16.19 ? 22  THR A OG1 1 
ATOM   153  C CG2 . THR A 1 23  ? 3.337   -15.333 -9.122  1.00 15.80 ? 22  THR A CG2 1 
ATOM   154  N N   . GLY A 1 24  ? 0.315   -14.393 -7.982  1.00 11.51 ? 23  GLY A N   1 
ATOM   155  C CA  . GLY A 1 24  ? -1.021  -14.663 -8.490  1.00 14.19 ? 23  GLY A CA  1 
ATOM   156  C C   . GLY A 1 24  ? -2.120  -14.134 -7.581  1.00 13.14 ? 23  GLY A C   1 
ATOM   157  O O   . GLY A 1 24  ? -3.282  -14.055 -7.989  1.00 13.62 ? 23  GLY A O   1 
ATOM   158  N N   . ASP A 1 25  ? -1.752  -13.768 -6.353  1.00 12.43 ? 24  ASP A N   1 
ATOM   159  C CA  . ASP A 1 25  ? -2.706  -13.261 -5.370  1.00 13.94 ? 24  ASP A CA  1 
ATOM   160  C C   . ASP A 1 25  ? -2.968  -11.760 -5.458  1.00 12.76 ? 24  ASP A C   1 
ATOM   161  O O   . ASP A 1 25  ? -2.259  -11.031 -6.156  1.00 13.29 ? 24  ASP A O   1 
ATOM   162  C CB  . ASP A 1 25  ? -2.240  -13.629 -3.959  1.00 11.86 ? 24  ASP A CB  1 
ATOM   163  C CG  . ASP A 1 25  ? -2.268  -15.133 -3.711  1.00 14.01 ? 24  ASP A CG  1 
ATOM   164  O OD1 . ASP A 1 25  ? -1.593  -15.605 -2.769  1.00 12.56 ? 24  ASP A OD1 1 
ATOM   165  O OD2 . ASP A 1 25  ? -2.976  -15.841 -4.461  1.00 12.42 ? 24  ASP A OD2 1 
ATOM   166  N N   . ILE A 1 26  ? -3.984  -11.310 -4.723  1.00 11.84 ? 25  ILE A N   1 
ATOM   167  C CA  . ILE A 1 26  ? -4.391  -9.906  -4.724  1.00 10.50 ? 25  ILE A CA  1 
ATOM   168  C C   . ILE A 1 26  ? -4.710  -9.384  -3.329  1.00 11.54 ? 25  ILE A C   1 
ATOM   169  O O   . ILE A 1 26  ? -5.229  -10.112 -2.478  1.00 10.01 ? 25  ILE A O   1 
ATOM   170  C CB  . ILE A 1 26  ? -5.673  -9.706  -5.578  1.00 11.73 ? 25  ILE A CB  1 
ATOM   171  C CG1 . ILE A 1 26  ? -5.463  -10.272 -6.984  1.00 10.85 ? 25  ILE A CG1 1 
ATOM   172  C CG2 . ILE A 1 26  ? -6.051  -8.224  -5.620  1.00 13.08 ? 25  ILE A CG2 1 
ATOM   173  C CD1 . ILE A 1 26  ? -6.729  -10.262 -7.830  1.00 11.60 ? 25  ILE A CD1 1 
ATOM   174  N N   . VAL A 1 27  ? -4.397  -8.114  -3.101  1.00 10.86 ? 26  VAL A N   1 
ATOM   175  C CA  . VAL A 1 27  ? -4.707  -7.477  -1.828  1.00 12.20 ? 26  VAL A CA  1 
ATOM   176  C C   . VAL A 1 27  ? -5.265  -6.084  -2.114  1.00 12.43 ? 26  VAL A C   1 
ATOM   177  O O   . VAL A 1 27  ? -4.719  -5.335  -2.928  1.00 11.10 ? 26  VAL A O   1 
ATOM   178  C CB  . VAL A 1 27  ? -3.466  -7.362  -0.904  1.00 15.65 ? 26  VAL A CB  1 
ATOM   179  C CG1 . VAL A 1 27  ? -2.380  -6.539  -1.567  1.00 19.73 ? 26  VAL A CG1 1 
ATOM   180  C CG2 . VAL A 1 27  ? -3.873  -6.731  0.424   1.00 17.71 ? 26  VAL A CG2 1 
ATOM   181  N N   . THR A 1 28  ? -6.375  -5.750  -1.466  1.00 11.76 ? 27  THR A N   1 
ATOM   182  C CA  . THR A 1 28  ? -6.976  -4.438  -1.654  1.00 11.93 ? 27  THR A CA  1 
ATOM   183  C C   . THR A 1 28  ? -7.167  -3.737  -0.328  1.00 11.60 ? 27  THR A C   1 
ATOM   184  O O   . THR A 1 28  ? -7.670  -4.325  0.630   1.00 13.55 ? 27  THR A O   1 
ATOM   185  C CB  . THR A 1 28  ? -8.361  -4.509  -2.340  1.00 14.07 ? 27  THR A CB  1 
ATOM   186  O OG1 . THR A 1 28  ? -8.233  -5.094  -3.637  1.00 13.94 ? 27  THR A OG1 1 
ATOM   187  C CG2 . THR A 1 28  ? -8.936  -3.108  -2.505  1.00 16.00 ? 27  THR A CG2 1 
ATOM   188  N N   . PHE A 1 29  ? -6.741  -2.483  -0.276  1.00 12.88 ? 28  PHE A N   1 
ATOM   189  C CA  . PHE A 1 29  ? -6.904  -1.662  0.911   1.00 12.69 ? 28  PHE A CA  1 
ATOM   190  C C   . PHE A 1 29  ? -8.072  -0.725  0.582   1.00 13.44 ? 28  PHE A C   1 
ATOM   191  O O   . PHE A 1 29  ? -8.059  -0.067  -0.455  1.00 14.35 ? 28  PHE A O   1 
ATOM   192  C CB  . PHE A 1 29  ? -5.645  -0.825  1.184   1.00 10.65 ? 28  PHE A CB  1 
ATOM   193  C CG  . PHE A 1 29  ? -4.410  -1.638  1.497   1.00 10.25 ? 28  PHE A CG  1 
ATOM   194  C CD1 . PHE A 1 29  ? -3.570  -2.081  0.478   1.00 10.82 ? 28  PHE A CD1 1 
ATOM   195  C CD2 . PHE A 1 29  ? -4.074  -1.931  2.815   1.00 11.65 ? 28  PHE A CD2 1 
ATOM   196  C CE1 . PHE A 1 29  ? -2.407  -2.798  0.765   1.00 12.61 ? 28  PHE A CE1 1 
ATOM   197  C CE2 . PHE A 1 29  ? -2.917  -2.649  3.119   1.00 12.07 ? 28  PHE A CE2 1 
ATOM   198  C CZ  . PHE A 1 29  ? -2.078  -3.082  2.088   1.00 11.27 ? 28  PHE A CZ  1 
ATOM   199  N N   . PHE A 1 30  ? -9.081  -0.683  1.447   1.00 9.90  ? 29  PHE A N   1 
ATOM   200  C CA  . PHE A 1 30  ? -10.244 0.178   1.235   1.00 11.75 ? 29  PHE A CA  1 
ATOM   201  C C   . PHE A 1 30  ? -10.322 1.283   2.278   1.00 11.71 ? 29  PHE A C   1 
ATOM   202  O O   . PHE A 1 30  ? -10.292 1.014   3.476   1.00 11.47 ? 29  PHE A O   1 
ATOM   203  C CB  . PHE A 1 30  ? -11.547 -0.615  1.327   1.00 25.37 ? 29  PHE A CB  1 
ATOM   204  C CG  . PHE A 1 30  ? -11.680 -1.691  0.311   1.00 32.97 ? 29  PHE A CG  1 
ATOM   205  C CD1 . PHE A 1 30  ? -11.005 -2.898  0.466   1.00 35.64 ? 29  PHE A CD1 1 
ATOM   206  C CD2 . PHE A 1 30  ? -12.496 -1.509  -0.803  1.00 36.16 ? 29  PHE A CD2 1 
ATOM   207  C CE1 . PHE A 1 30  ? -11.140 -3.912  -0.473  1.00 38.67 ? 29  PHE A CE1 1 
ATOM   208  C CE2 . PHE A 1 30  ? -12.640 -2.515  -1.750  1.00 38.45 ? 29  PHE A CE2 1 
ATOM   209  C CZ  . PHE A 1 30  ? -11.960 -3.722  -1.586  1.00 39.45 ? 29  PHE A CZ  1 
ATOM   210  N N   . SER A 1 31  ? -10.429 2.522   1.814   1.00 12.41 ? 30  SER A N   1 
ATOM   211  C CA  . SER A 1 31  ? -10.543 3.673   2.699   1.00 13.14 ? 30  SER A CA  1 
ATOM   212  C C   . SER A 1 31  ? -11.882 4.329   2.403   1.00 12.93 ? 30  SER A C   1 
ATOM   213  O O   . SER A 1 31  ? -12.211 4.565   1.245   1.00 12.60 ? 30  SER A O   1 
ATOM   214  C CB  . SER A 1 31  ? -9.417  4.668   2.432   1.00 13.07 ? 30  SER A CB  1 
ATOM   215  O OG  . SER A 1 31  ? -9.631  5.856   3.169   1.00 13.35 ? 30  SER A OG  1 
ATOM   216  N N   . SER A 1 32  ? -12.656 4.624   3.442   1.00 16.24 ? 31  SER A N   1 
ATOM   217  C CA  . SER A 1 32  ? -13.965 5.245   3.249   1.00 18.14 ? 31  SER A CA  1 
ATOM   218  C C   . SER A 1 32  ? -13.835 6.736   2.977   1.00 18.53 ? 31  SER A C   1 
ATOM   219  O O   . SER A 1 32  ? -14.826 7.423   2.721   1.00 21.06 ? 31  SER A O   1 
ATOM   220  C CB  . SER A 1 32  ? -14.842 5.016   4.483   1.00 21.09 ? 31  SER A CB  1 
ATOM   221  O OG  . SER A 1 32  ? -14.181 5.455   5.657   1.00 25.45 ? 31  SER A OG  1 
ATOM   222  N N   . ALA A 1 33  ? -12.601 7.228   3.013   1.00 17.59 ? 32  ALA A N   1 
ATOM   223  C CA  . ALA A 1 33  ? -12.328 8.636   2.782   1.00 15.91 ? 32  ALA A CA  1 
ATOM   224  C C   . ALA A 1 33  ? -11.160 8.833   1.831   1.00 15.31 ? 32  ALA A C   1 
ATOM   225  O O   . ALA A 1 33  ? -10.369 7.923   1.595   1.00 15.42 ? 32  ALA A O   1 
ATOM   226  C CB  . ALA A 1 33  ? -12.021 9.321   4.100   1.00 20.74 ? 32  ALA A CB  1 
ATOM   227  N N   . ALA A 1 34  ? -11.061 10.042  1.296   1.00 12.74 ? 33  ALA A N   1 
ATOM   228  C CA  . ALA A 1 34  ? -9.976  10.407  0.398   1.00 12.93 ? 33  ALA A CA  1 
ATOM   229  C C   . ALA A 1 34  ? -9.699  11.867  0.714   1.00 13.37 ? 33  ALA A C   1 
ATOM   230  O O   . ALA A 1 34  ? -10.216 12.770  0.052   1.00 15.43 ? 33  ALA A O   1 
ATOM   231  C CB  . ALA A 1 34  ? -10.403 10.240  -1.051  1.00 19.21 ? 33  ALA A CB  1 
ATOM   232  N N   . ASN A 1 35  ? -8.895  12.085  1.750   1.00 14.96 ? 34  ASN A N   1 
ATOM   233  C CA  . ASN A 1 35  ? -8.552  13.428  2.203   1.00 14.83 ? 34  ASN A CA  1 
ATOM   234  C C   . ASN A 1 35  ? -7.345  13.938  1.435   1.00 14.22 ? 34  ASN A C   1 
ATOM   235  O O   . ASN A 1 35  ? -6.241  14.008  1.971   1.00 14.19 ? 34  ASN A O   1 
ATOM   236  C CB  . ASN A 1 35  ? -8.246  13.408  3.705   1.00 17.54 ? 34  ASN A CB  1 
ATOM   237  C CG  . ASN A 1 35  ? -9.274  12.620  4.499   1.00 20.55 ? 34  ASN A CG  1 
ATOM   238  O OD1 . ASN A 1 35  ? -10.476 12.846  4.369   1.00 22.00 ? 34  ASN A OD1 1 
ATOM   239  N ND2 . ASN A 1 35  ? -8.804  11.685  5.326   1.00 18.80 ? 34  ASN A ND2 1 
ATOM   240  N N   . LEU A 1 36  ? -7.566  14.301  0.178   1.00 14.38 ? 35  LEU A N   1 
ATOM   241  C CA  . LEU A 1 36  ? -6.481  14.782  -0.662  1.00 16.10 ? 35  LEU A CA  1 
ATOM   242  C C   . LEU A 1 36  ? -6.137  16.249  -0.436  1.00 15.85 ? 35  LEU A C   1 
ATOM   243  O O   . LEU A 1 36  ? -5.248  16.786  -1.092  1.00 16.04 ? 35  LEU A O   1 
ATOM   244  C CB  . LEU A 1 36  ? -6.807  14.531  -2.137  1.00 22.01 ? 35  LEU A CB  1 
ATOM   245  C CG  . LEU A 1 36  ? -6.906  13.045  -2.505  1.00 22.94 ? 35  LEU A CG  1 
ATOM   246  C CD1 . LEU A 1 36  ? -7.138  12.891  -4.000  1.00 23.78 ? 35  LEU A CD1 1 
ATOM   247  C CD2 . LEU A 1 36  ? -5.624  12.339  -2.095  1.00 22.29 ? 35  LEU A CD2 1 
ATOM   248  N N   . ASN A 1 37  ? -6.840  16.893  0.491   1.00 17.42 ? 36  ASN A N   1 
ATOM   249  C CA  . ASN A 1 37  ? -6.564  18.295  0.799   1.00 18.93 ? 36  ASN A CA  1 
ATOM   250  C C   . ASN A 1 37  ? -6.169  18.438  2.262   1.00 18.80 ? 36  ASN A C   1 
ATOM   251  O O   . ASN A 1 37  ? -6.362  19.486  2.873   1.00 19.55 ? 36  ASN A O   1 
ATOM   252  C CB  . ASN A 1 37  ? -7.784  19.173  0.501   1.00 22.66 ? 36  ASN A CB  1 
ATOM   253  C CG  . ASN A 1 37  ? -8.216  19.096  -0.951  1.00 26.20 ? 36  ASN A CG  1 
ATOM   254  O OD1 . ASN A 1 37  ? -9.045  18.261  -1.323  1.00 27.77 ? 36  ASN A OD1 1 
ATOM   255  N ND2 . ASN A 1 37  ? -7.643  19.957  -1.786  1.00 26.54 ? 36  ASN A ND2 1 
ATOM   256  N N   . ALA A 1 38  ? -5.606  17.372  2.816   1.00 17.16 ? 37  ALA A N   1 
ATOM   257  C CA  . ALA A 1 38  ? -5.183  17.371  4.205   1.00 16.57 ? 37  ALA A CA  1 
ATOM   258  C C   . ALA A 1 38  ? -3.890  18.170  4.387   1.00 16.32 ? 37  ALA A C   1 
ATOM   259  O O   . ALA A 1 38  ? -3.279  18.613  3.415   1.00 15.26 ? 37  ALA A O   1 
ATOM   260  C CB  . ALA A 1 38  ? -4.983  15.939  4.680   1.00 24.24 ? 37  ALA A CB  1 
ATOM   261  N N   . GLY A 1 39  ? -3.494  18.358  5.640   1.00 18.59 ? 38  GLY A N   1 
ATOM   262  C CA  . GLY A 1 39  ? -2.269  19.080  5.930   1.00 19.05 ? 38  GLY A CA  1 
ATOM   263  C C   . GLY A 1 39  ? -1.059  18.288  5.468   1.00 19.94 ? 38  GLY A C   1 
ATOM   264  O O   . GLY A 1 39  ? -1.187  17.162  4.988   1.00 20.64 ? 38  GLY A O   1 
ATOM   265  N N   . ALA A 1 40  ? 0.124   18.869  5.624   1.00 17.97 ? 39  ALA A N   1 
ATOM   266  C CA  . ALA A 1 40  ? 1.359   18.217  5.203   1.00 17.64 ? 39  ALA A CA  1 
ATOM   267  C C   . ALA A 1 40  ? 1.718   16.981  6.022   1.00 17.30 ? 39  ALA A C   1 
ATOM   268  O O   . ALA A 1 40  ? 1.447   16.915  7.223   1.00 16.39 ? 39  ALA A O   1 
ATOM   269  C CB  . ALA A 1 40  ? 2.508   19.221  5.264   1.00 28.83 ? 39  ALA A CB  1 
ATOM   270  N N   . GLY A 1 41  ? 2.334   16.004  5.359   1.00 15.41 ? 40  GLY A N   1 
ATOM   271  C CA  . GLY A 1 41  ? 2.766   14.794  6.035   1.00 16.86 ? 40  GLY A CA  1 
ATOM   272  C C   . GLY A 1 41  ? 4.019   15.107  6.840   1.00 18.00 ? 40  GLY A C   1 
ATOM   273  O O   . GLY A 1 41  ? 4.506   16.234  6.793   1.00 17.38 ? 40  GLY A O   1 
ATOM   274  N N   . ASN A 1 42  ? 4.559   14.122  7.553   1.00 21.89 ? 41  ASN A N   1 
ATOM   275  C CA  . ASN A 1 42  ? 5.740   14.351  8.386   1.00 24.18 ? 41  ASN A CA  1 
ATOM   276  C C   . ASN A 1 42  ? 6.842   13.302  8.204   1.00 24.17 ? 41  ASN A C   1 
ATOM   277  O O   . ASN A 1 42  ? 7.323   12.726  9.181   1.00 25.88 ? 41  ASN A O   1 
ATOM   278  C CB  . ASN A 1 42  ? 5.309   14.394  9.859   1.00 36.87 ? 41  ASN A CB  1 
ATOM   279  C CG  . ASN A 1 42  ? 6.364   15.002  10.774  1.00 42.33 ? 41  ASN A CG  1 
ATOM   280  O OD1 . ASN A 1 42  ? 6.260   14.912  12.001  1.00 45.08 ? 41  ASN A OD1 1 
ATOM   281  N ND2 . ASN A 1 42  ? 7.374   15.634  10.186  1.00 43.54 ? 41  ASN A ND2 1 
ATOM   282  N N   . PRO A 1 43  ? 7.282   13.059  6.958   1.00 20.98 ? 42  PRO A N   1 
ATOM   283  C CA  . PRO A 1 43  ? 6.848   13.676  5.701   1.00 20.25 ? 42  PRO A CA  1 
ATOM   284  C C   . PRO A 1 43  ? 5.718   12.934  4.991   1.00 17.94 ? 42  PRO A C   1 
ATOM   285  O O   . PRO A 1 43  ? 5.071   13.481  4.105   1.00 18.07 ? 42  PRO A O   1 
ATOM   286  C CB  . PRO A 1 43  ? 8.124   13.677  4.873   1.00 30.46 ? 42  PRO A CB  1 
ATOM   287  C CG  . PRO A 1 43  ? 8.733   12.376  5.258   1.00 30.02 ? 42  PRO A CG  1 
ATOM   288  C CD  . PRO A 1 43  ? 8.555   12.340  6.762   1.00 32.30 ? 42  PRO A CD  1 
ATOM   289  N N   . ASN A 1 44  ? 5.493   11.683  5.372   1.00 20.95 ? 43  ASN A N   1 
ATOM   290  C CA  . ASN A 1 44  ? 4.447   10.877  4.750   1.00 19.16 ? 43  ASN A CA  1 
ATOM   291  C C   . ASN A 1 44  ? 3.074   11.176  5.340   1.00 17.80 ? 43  ASN A C   1 
ATOM   292  O O   . ASN A 1 44  ? 2.915   11.215  6.557   1.00 19.13 ? 43  ASN A O   1 
ATOM   293  C CB  . ASN A 1 44  ? 4.736   9.389   4.952   1.00 16.96 ? 43  ASN A CB  1 
ATOM   294  C CG  . ASN A 1 44  ? 6.048   8.954   4.333   1.00 16.61 ? 43  ASN A CG  1 
ATOM   295  O OD1 . ASN A 1 44  ? 6.690   8.018   4.815   1.00 19.29 ? 43  ASN A OD1 1 
ATOM   296  N ND2 . ASN A 1 44  ? 6.446   9.614   3.257   1.00 14.89 ? 43  ASN A ND2 1 
ATOM   297  N N   . ASN A 1 45  ? 2.085   11.393  4.478   1.00 13.27 ? 44  ASN A N   1 
ATOM   298  C CA  . ASN A 1 45  ? 0.723   11.621  4.958   1.00 13.19 ? 44  ASN A CA  1 
ATOM   299  C C   . ASN A 1 45  ? 0.178   10.246  5.312   1.00 12.21 ? 44  ASN A C   1 
ATOM   300  O O   . ASN A 1 45  ? -0.490  10.057  6.331   1.00 12.39 ? 44  ASN A O   1 
ATOM   301  C CB  . ASN A 1 45  ? -0.150  12.222  3.857   1.00 13.04 ? 44  ASN A CB  1 
ATOM   302  C CG  . ASN A 1 45  ? 0.035   13.708  3.720   1.00 12.81 ? 44  ASN A CG  1 
ATOM   303  O OD1 . ASN A 1 45  ? -0.610  14.490  4.417   1.00 15.50 ? 44  ASN A OD1 1 
ATOM   304  N ND2 . ASN A 1 45  ? 0.930   14.110  2.836   1.00 10.05 ? 44  ASN A ND2 1 
ATOM   305  N N   . THR A 1 46  ? 0.489   9.290   4.444   1.00 12.26 ? 45  THR A N   1 
ATOM   306  C CA  . THR A 1 46  ? 0.034   7.917   4.589   1.00 11.96 ? 45  THR A CA  1 
ATOM   307  C C   . THR A 1 46  ? 1.000   6.950   3.915   1.00 11.14 ? 45  THR A C   1 
ATOM   308  O O   . THR A 1 46  ? 1.632   7.288   2.910   1.00 13.65 ? 45  THR A O   1 
ATOM   309  C CB  . THR A 1 46  ? -1.339  7.722   3.909   1.00 8.89  ? 45  THR A CB  1 
ATOM   310  O OG1 . THR A 1 46  ? -2.322  8.544   4.553   1.00 13.17 ? 45  THR A OG1 1 
ATOM   311  C CG2 . THR A 1 46  ? -1.763  6.259   3.968   1.00 12.53 ? 45  THR A CG2 1 
ATOM   312  N N   . THR A 1 47  ? 1.107   5.749   4.478   1.00 11.79 ? 46  THR A N   1 
ATOM   313  C CA  . THR A 1 47  ? 1.935   4.696   3.908   1.00 11.76 ? 46  THR A CA  1 
ATOM   314  C C   . THR A 1 47  ? 1.131   3.401   3.972   1.00 11.78 ? 46  THR A C   1 
ATOM   315  O O   . THR A 1 47  ? 0.345   3.201   4.895   1.00 10.18 ? 46  THR A O   1 
ATOM   316  C CB  . THR A 1 47  ? 3.271   4.478   4.687   1.00 15.45 ? 46  THR A CB  1 
ATOM   317  O OG1 . THR A 1 47  ? 2.995   4.036   6.023   1.00 15.81 ? 46  THR A OG1 1 
ATOM   318  C CG2 . THR A 1 47  ? 4.079   5.762   4.731   1.00 13.97 ? 46  THR A CG2 1 
ATOM   319  N N   . LEU A 1 48  ? 1.302   2.554   2.962   1.00 12.09 ? 47  LEU A N   1 
ATOM   320  C CA  . LEU A 1 48  ? 0.656   1.244   2.907   1.00 12.52 ? 47  LEU A CA  1 
ATOM   321  C C   . LEU A 1 48  ? 1.835   0.317   2.663   1.00 12.86 ? 47  LEU A C   1 
ATOM   322  O O   . LEU A 1 48  ? 2.695   0.627   1.837   1.00 15.66 ? 47  LEU A O   1 
ATOM   323  C CB  . LEU A 1 48  ? -0.340  1.154   1.750   1.00 11.71 ? 47  LEU A CB  1 
ATOM   324  C CG  . LEU A 1 48  ? -1.640  1.952   1.874   1.00 10.99 ? 47  LEU A CG  1 
ATOM   325  C CD1 . LEU A 1 48  ? -2.492  1.704   0.641   1.00 12.75 ? 47  LEU A CD1 1 
ATOM   326  C CD2 . LEU A 1 48  ? -2.392  1.542   3.128   1.00 11.96 ? 47  LEU A CD2 1 
ATOM   327  N N   . ASN A 1 49  ? 1.884   -0.809  3.366   1.00 11.77 ? 48  ASN A N   1 
ATOM   328  C CA  . ASN A 1 49  ? 3.018   -1.721  3.232   1.00 12.19 ? 48  ASN A CA  1 
ATOM   329  C C   . ASN A 1 49  ? 2.683   -3.207  3.179   1.00 12.30 ? 48  ASN A C   1 
ATOM   330  O O   . ASN A 1 49  ? 1.753   -3.667  3.841   1.00 13.70 ? 48  ASN A O   1 
ATOM   331  C CB  . ASN A 1 49  ? 3.984   -1.517  4.411   1.00 10.76 ? 48  ASN A CB  1 
ATOM   332  C CG  . ASN A 1 49  ? 4.451   -0.078  4.554   1.00 11.47 ? 48  ASN A CG  1 
ATOM   333  O OD1 . ASN A 1 49  ? 5.311   0.384   3.810   1.00 10.07 ? 48  ASN A OD1 1 
ATOM   334  N ND2 . ASN A 1 49  ? 3.878   0.635   5.513   1.00 10.46 ? 48  ASN A ND2 1 
ATOM   335  N N   . LEU A 1 50  ? 3.463   -3.946  2.390   1.00 11.33 ? 49  LEU A N   1 
ATOM   336  C CA  . LEU A 1 50  ? 3.345   -5.400  2.290   1.00 12.45 ? 49  LEU A CA  1 
ATOM   337  C C   . LEU A 1 50  ? 4.679   -5.865  2.881   1.00 12.41 ? 49  LEU A C   1 
ATOM   338  O O   . LEU A 1 50  ? 5.731   -5.458  2.394   1.00 11.87 ? 49  LEU A O   1 
ATOM   339  C CB  . LEU A 1 50  ? 3.254   -5.875  0.832   1.00 16.42 ? 49  LEU A CB  1 
ATOM   340  C CG  . LEU A 1 50  ? 2.003   -5.610  -0.013  1.00 18.31 ? 49  LEU A CG  1 
ATOM   341  C CD1 . LEU A 1 50  ? 2.096   -6.375  -1.336  1.00 16.39 ? 49  LEU A CD1 1 
ATOM   342  C CD2 . LEU A 1 50  ? 0.794   -6.059  0.719   1.00 20.09 ? 49  LEU A CD2 1 
ATOM   343  N N   . PHE A 1 51  ? 4.634   -6.691  3.925   1.00 12.32 ? 50  PHE A N   1 
ATOM   344  C CA  . PHE A 1 51  ? 5.858   -7.171  4.575   1.00 14.19 ? 50  PHE A CA  1 
ATOM   345  C C   . PHE A 1 51  ? 6.164   -8.644  4.352   1.00 14.60 ? 50  PHE A C   1 
ATOM   346  O O   . PHE A 1 51  ? 5.266   -9.463  4.203   1.00 12.17 ? 50  PHE A O   1 
ATOM   347  C CB  . PHE A 1 51  ? 5.797   -6.954  6.088   1.00 16.67 ? 50  PHE A CB  1 
ATOM   348  C CG  . PHE A 1 51  ? 5.691   -5.522  6.498   1.00 18.24 ? 50  PHE A CG  1 
ATOM   349  C CD1 . PHE A 1 51  ? 4.456   -4.963  6.788   1.00 16.91 ? 50  PHE A CD1 1 
ATOM   350  C CD2 . PHE A 1 51  ? 6.834   -4.736  6.625   1.00 16.55 ? 50  PHE A CD2 1 
ATOM   351  C CE1 . PHE A 1 51  ? 4.354   -3.641  7.204   1.00 16.48 ? 50  PHE A CE1 1 
ATOM   352  C CE2 . PHE A 1 51  ? 6.742   -3.414  7.041   1.00 16.95 ? 50  PHE A CE2 1 
ATOM   353  C CZ  . PHE A 1 51  ? 5.499   -2.864  7.333   1.00 15.78 ? 50  PHE A CZ  1 
ATOM   354  N N   . ALA A 1 52  ? 7.453   -8.970  4.365   1.00 15.94 ? 51  ALA A N   1 
ATOM   355  C CA  . ALA A 1 52  ? 7.901   -10.346 4.199   1.00 14.73 ? 51  ALA A CA  1 
ATOM   356  C C   . ALA A 1 52  ? 7.792   -11.042 5.551   1.00 14.96 ? 51  ALA A C   1 
ATOM   357  O O   . ALA A 1 52  ? 7.410   -10.427 6.549   1.00 15.45 ? 51  ALA A O   1 
ATOM   358  C CB  . ALA A 1 52  ? 9.345   -10.369 3.719   1.00 16.07 ? 51  ALA A CB  1 
ATOM   359  N N   . GLU A 1 53  ? 8.136   -12.324 5.589   1.00 13.78 ? 52  GLU A N   1 
ATOM   360  C CA  . GLU A 1 53  ? 8.076   -13.076 6.832   1.00 13.82 ? 52  GLU A CA  1 
ATOM   361  C C   . GLU A 1 53  ? 9.031   -12.500 7.872   1.00 13.86 ? 52  GLU A C   1 
ATOM   362  O O   . GLU A 1 53  ? 8.764   -12.570 9.066   1.00 14.53 ? 52  GLU A O   1 
ATOM   363  C CB  . GLU A 1 53  ? 8.451   -14.538 6.594   1.00 18.07 ? 52  GLU A CB  1 
ATOM   364  C CG  . GLU A 1 53  ? 7.628   -15.247 5.540   1.00 17.97 ? 52  GLU A CG  1 
ATOM   365  C CD  . GLU A 1 53  ? 8.029   -16.703 5.408   1.00 20.24 ? 52  GLU A CD  1 
ATOM   366  O OE1 . GLU A 1 53  ? 7.876   -17.446 6.398   1.00 19.83 ? 52  GLU A OE1 1 
ATOM   367  O OE2 . GLU A 1 53  ? 8.503   -17.100 4.320   1.00 21.57 ? 52  GLU A OE2 1 
ATOM   368  N N   . ASN A 1 54  ? 10.144  -11.932 7.415   1.00 18.17 ? 53  ASN A N   1 
ATOM   369  C CA  . ASN A 1 54  ? 11.142  -11.377 8.328   1.00 19.58 ? 53  ASN A CA  1 
ATOM   370  C C   . ASN A 1 54  ? 10.944  -9.891  8.617   1.00 20.04 ? 53  ASN A C   1 
ATOM   371  O O   . ASN A 1 54  ? 11.806  -9.251  9.223   1.00 20.67 ? 53  ASN A O   1 
ATOM   372  C CB  . ASN A 1 54  ? 12.546  -11.613 7.766   1.00 17.49 ? 53  ASN A CB  1 
ATOM   373  C CG  . ASN A 1 54  ? 12.895  -10.655 6.646   1.00 17.77 ? 53  ASN A CG  1 
ATOM   374  O OD1 . ASN A 1 54  ? 12.035  -10.273 5.847   1.00 16.71 ? 53  ASN A OD1 1 
ATOM   375  N ND2 . ASN A 1 54  ? 14.173  -10.275 6.566   1.00 15.39 ? 53  ASN A ND2 1 
ATOM   376  N N   . GLY A 1 55  ? 9.814   -9.342  8.183   1.00 18.06 ? 54  GLY A N   1 
ATOM   377  C CA  . GLY A 1 55  ? 9.535   -7.940  8.434   1.00 16.89 ? 54  GLY A CA  1 
ATOM   378  C C   . GLY A 1 55  ? 10.074  -6.956  7.412   1.00 15.92 ? 54  GLY A C   1 
ATOM   379  O O   . GLY A 1 55  ? 9.881   -5.751  7.553   1.00 15.62 ? 54  GLY A O   1 
ATOM   380  N N   . ALA A 1 56  ? 10.753  -7.454  6.387   1.00 13.90 ? 55  ALA A N   1 
ATOM   381  C CA  . ALA A 1 56  ? 11.285  -6.578  5.354   1.00 15.77 ? 55  ALA A CA  1 
ATOM   382  C C   . ALA A 1 56  ? 10.127  -5.943  4.597   1.00 15.18 ? 55  ALA A C   1 
ATOM   383  O O   . ALA A 1 56  ? 9.070   -6.556  4.440   1.00 14.05 ? 55  ALA A O   1 
ATOM   384  C CB  . ALA A 1 56  ? 12.159  -7.371  4.393   1.00 21.37 ? 55  ALA A CB  1 
ATOM   385  N N   . TYR A 1 57  ? 10.322  -4.708  4.151   1.00 15.35 ? 56  TYR A N   1 
ATOM   386  C CA  . TYR A 1 57  ? 9.297   -4.006  3.383   1.00 13.70 ? 56  TYR A CA  1 
ATOM   387  C C   . TYR A 1 57  ? 9.376   -4.483  1.932   1.00 13.16 ? 56  TYR A C   1 
ATOM   388  O O   . TYR A 1 57  ? 10.223  -4.009  1.175   1.00 11.46 ? 56  TYR A O   1 
ATOM   389  C CB  . TYR A 1 57  ? 9.531   -2.487  3.410   1.00 11.69 ? 56  TYR A CB  1 
ATOM   390  C CG  . TYR A 1 57  ? 9.235   -1.795  4.722   1.00 12.85 ? 56  TYR A CG  1 
ATOM   391  C CD1 . TYR A 1 57  ? 8.179   -0.885  4.826   1.00 12.37 ? 56  TYR A CD1 1 
ATOM   392  C CD2 . TYR A 1 57  ? 10.014  -2.030  5.858   1.00 12.59 ? 56  TYR A CD2 1 
ATOM   393  C CE1 . TYR A 1 57  ? 7.910   -0.230  6.020   1.00 16.25 ? 56  TYR A CE1 1 
ATOM   394  C CE2 . TYR A 1 57  ? 9.748   -1.379  7.061   1.00 15.00 ? 56  TYR A CE2 1 
ATOM   395  C CZ  . TYR A 1 57  ? 8.698   -0.481  7.135   1.00 15.07 ? 56  TYR A CZ  1 
ATOM   396  O OH  . TYR A 1 57  ? 8.433   0.178   8.316   1.00 15.04 ? 56  TYR A OH  1 
ATOM   397  N N   . LEU A 1 58  ? 8.514   -5.424  1.554   1.00 10.29 ? 57  LEU A N   1 
ATOM   398  C CA  . LEU A 1 58  ? 8.481   -5.931  0.182   1.00 11.80 ? 57  LEU A CA  1 
ATOM   399  C C   . LEU A 1 58  ? 8.021   -4.779  -0.718  1.00 9.74  ? 57  LEU A C   1 
ATOM   400  O O   . LEU A 1 58  ? 8.581   -4.536  -1.785  1.00 8.33  ? 57  LEU A O   1 
ATOM   401  C CB  . LEU A 1 58  ? 7.494   -7.104  0.079   1.00 12.27 ? 57  LEU A CB  1 
ATOM   402  C CG  . LEU A 1 58  ? 7.962   -8.566  -0.013  1.00 17.45 ? 57  LEU A CG  1 
ATOM   403  C CD1 . LEU A 1 58  ? 9.388   -8.740  0.468   1.00 15.77 ? 57  LEU A CD1 1 
ATOM   404  C CD2 . LEU A 1 58  ? 6.996   -9.440  0.778   1.00 12.99 ? 57  LEU A CD2 1 
ATOM   405  N N   . LEU A 1 59  ? 6.991   -4.072  -0.272  1.00 11.36 ? 58  LEU A N   1 
ATOM   406  C CA  . LEU A 1 59  ? 6.467   -2.932  -1.011  1.00 11.25 ? 58  LEU A CA  1 
ATOM   407  C C   . LEU A 1 59  ? 6.012   -1.855  -0.037  1.00 12.74 ? 58  LEU A C   1 
ATOM   408  O O   . LEU A 1 59  ? 5.138   -2.088  0.802   1.00 12.38 ? 58  LEU A O   1 
ATOM   409  C CB  . LEU A 1 59  ? 5.294   -3.343  -1.910  1.00 10.66 ? 58  LEU A CB  1 
ATOM   410  C CG  . LEU A 1 59  ? 4.658   -2.197  -2.713  1.00 11.50 ? 58  LEU A CG  1 
ATOM   411  C CD1 . LEU A 1 59  ? 5.662   -1.630  -3.718  1.00 10.71 ? 58  LEU A CD1 1 
ATOM   412  C CD2 . LEU A 1 59  ? 3.419   -2.706  -3.444  1.00 12.18 ? 58  LEU A CD2 1 
ATOM   413  N N   . HIS A 1 60  ? 6.628   -0.683  -0.165  1.00 12.99 ? 59  HIS A N   1 
ATOM   414  C CA  . HIS A 1 60  ? 6.348   0.487   0.661   1.00 13.12 ? 59  HIS A CA  1 
ATOM   415  C C   . HIS A 1 60  ? 5.731   1.545   -0.258  1.00 13.27 ? 59  HIS A C   1 
ATOM   416  O O   . HIS A 1 60  ? 6.354   1.968   -1.231  1.00 13.24 ? 59  HIS A O   1 
ATOM   417  C CB  . HIS A 1 60  ? 7.667   1.003   1.269   1.00 12.72 ? 59  HIS A CB  1 
ATOM   418  C CG  . HIS A 1 60  ? 7.550   2.302   2.016   1.00 11.44 ? 59  HIS A CG  1 
ATOM   419  N ND1 . HIS A 1 60  ? 6.876   2.422   3.213   1.00 11.07 ? 59  HIS A ND1 1 
ATOM   420  C CD2 . HIS A 1 60  ? 8.084   3.522   1.763   1.00 13.72 ? 59  HIS A CD2 1 
ATOM   421  C CE1 . HIS A 1 60  ? 7.002   3.658   3.667   1.00 11.47 ? 59  HIS A CE1 1 
ATOM   422  N NE2 . HIS A 1 60  ? 7.730   4.346   2.807   1.00 12.09 ? 59  HIS A NE2 1 
ATOM   423  N N   . ILE A 1 61  ? 4.496   1.940   0.034   1.00 11.64 ? 60  ILE A N   1 
ATOM   424  C CA  . ILE A 1 61  ? 3.800   2.956   -0.750  1.00 12.05 ? 60  ILE A CA  1 
ATOM   425  C C   . ILE A 1 61  ? 3.622   4.182   0.148   1.00 13.47 ? 60  ILE A C   1 
ATOM   426  O O   . ILE A 1 61  ? 2.894   4.127   1.140   1.00 14.13 ? 60  ILE A O   1 
ATOM   427  C CB  . ILE A 1 61  ? 2.404   2.462   -1.202  1.00 15.03 ? 60  ILE A CB  1 
ATOM   428  C CG1 . ILE A 1 61  ? 2.539   1.166   -2.007  1.00 14.50 ? 60  ILE A CG1 1 
ATOM   429  C CG2 . ILE A 1 61  ? 1.727   3.528   -2.047  1.00 15.35 ? 60  ILE A CG2 1 
ATOM   430  C CD1 . ILE A 1 61  ? 1.203   0.551   -2.388  1.00 16.95 ? 60  ILE A CD1 1 
ATOM   431  N N   . ALA A 1 62  ? 4.293   5.281   -0.187  1.00 13.45 ? 61  ALA A N   1 
ATOM   432  C CA  . ALA A 1 62  ? 4.193   6.486   0.626   1.00 14.15 ? 61  ALA A CA  1 
ATOM   433  C C   . ALA A 1 62  ? 3.580   7.649   -0.130  1.00 13.60 ? 61  ALA A C   1 
ATOM   434  O O   . ALA A 1 62  ? 4.040   8.016   -1.213  1.00 13.56 ? 61  ALA A O   1 
ATOM   435  C CB  . ALA A 1 62  ? 5.578   6.877   1.167   1.00 11.37 ? 61  ALA A CB  1 
ATOM   436  N N   . PHE A 1 63  ? 2.535   8.225   0.452   1.00 11.62 ? 62  PHE A N   1 
ATOM   437  C CA  . PHE A 1 63  ? 1.847   9.357   -0.151  1.00 12.20 ? 62  PHE A CA  1 
ATOM   438  C C   . PHE A 1 63  ? 2.255   10.643  0.561   1.00 11.82 ? 62  PHE A C   1 
ATOM   439  O O   . PHE A 1 63  ? 2.107   10.756  1.773   1.00 12.88 ? 62  PHE A O   1 
ATOM   440  C CB  . PHE A 1 63  ? 0.330   9.199   -0.042  1.00 13.91 ? 62  PHE A CB  1 
ATOM   441  C CG  . PHE A 1 63  ? -0.188  7.896   -0.566  1.00 15.34 ? 62  PHE A CG  1 
ATOM   442  C CD1 . PHE A 1 63  ? -0.176  6.756   0.231   1.00 15.98 ? 62  PHE A CD1 1 
ATOM   443  C CD2 . PHE A 1 63  ? -0.721  7.812   -1.846  1.00 15.36 ? 62  PHE A CD2 1 
ATOM   444  C CE1 . PHE A 1 63  ? -0.695  5.550   -0.242  1.00 16.32 ? 62  PHE A CE1 1 
ATOM   445  C CE2 . PHE A 1 63  ? -1.240  6.609   -2.326  1.00 15.42 ? 62  PHE A CE2 1 
ATOM   446  C CZ  . PHE A 1 63  ? -1.227  5.481   -1.521  1.00 12.58 ? 62  PHE A CZ  1 
ATOM   447  N N   . ARG A 1 64  ? 2.771   11.600  -0.203  1.00 14.98 ? 63  ARG A N   1 
ATOM   448  C CA  . ARG A 1 64  ? 3.200   12.890  0.334   1.00 15.67 ? 63  ARG A CA  1 
ATOM   449  C C   . ARG A 1 64  ? 2.519   14.024  -0.426  1.00 16.11 ? 63  ARG A C   1 
ATOM   450  O O   . ARG A 1 64  ? 2.905   14.350  -1.552  1.00 18.47 ? 63  ARG A O   1 
ATOM   451  C CB  . ARG A 1 64  ? 4.716   13.025  0.207   1.00 19.90 ? 63  ARG A CB  1 
ATOM   452  C CG  . ARG A 1 64  ? 5.491   12.009  1.014   1.00 23.33 ? 63  ARG A CG  1 
ATOM   453  C CD  . ARG A 1 64  ? 6.982   12.220  0.837   1.00 25.21 ? 63  ARG A CD  1 
ATOM   454  N NE  . ARG A 1 64  ? 7.756   11.297  1.655   1.00 26.68 ? 63  ARG A NE  1 
ATOM   455  C CZ  . ARG A 1 64  ? 9.081   11.223  1.643   1.00 29.27 ? 63  ARG A CZ  1 
ATOM   456  N NH1 . ARG A 1 64  ? 9.788   12.021  0.849   1.00 29.84 ? 63  ARG A NH1 1 
ATOM   457  N NH2 . ARG A 1 64  ? 9.700   10.354  2.430   1.00 30.29 ? 63  ARG A NH2 1 
ATOM   458  N N   . LEU A 1 65  ? 1.510   14.633  0.185   1.00 15.33 ? 64  LEU A N   1 
ATOM   459  C CA  . LEU A 1 65  ? 0.785   15.711  -0.472  1.00 15.55 ? 64  LEU A CA  1 
ATOM   460  C C   . LEU A 1 65  ? 1.662   16.918  -0.772  1.00 15.18 ? 64  LEU A C   1 
ATOM   461  O O   . LEU A 1 65  ? 1.637   17.434  -1.885  1.00 15.09 ? 64  LEU A O   1 
ATOM   462  C CB  . LEU A 1 65  ? -0.418  16.144  0.372   1.00 15.77 ? 64  LEU A CB  1 
ATOM   463  C CG  . LEU A 1 65  ? -1.529  15.102  0.515   1.00 17.76 ? 64  LEU A CG  1 
ATOM   464  C CD1 . LEU A 1 65  ? -2.673  15.689  1.330   1.00 16.64 ? 64  LEU A CD1 1 
ATOM   465  C CD2 . LEU A 1 65  ? -2.018  14.675  -0.873  1.00 17.89 ? 64  LEU A CD2 1 
ATOM   466  N N   . GLN A 1 66  ? 2.430   17.352  0.221   1.00 19.51 ? 65  GLN A N   1 
ATOM   467  C CA  . GLN A 1 66  ? 3.313   18.506  0.077   1.00 21.74 ? 65  GLN A CA  1 
ATOM   468  C C   . GLN A 1 66  ? 4.265   18.352  -1.111  1.00 23.82 ? 65  GLN A C   1 
ATOM   469  O O   . GLN A 1 66  ? 4.336   19.230  -1.975  1.00 25.64 ? 65  GLN A O   1 
ATOM   470  C CB  . GLN A 1 66  ? 4.116   18.727  1.367   1.00 22.06 ? 65  GLN A CB  1 
ATOM   471  C CG  . GLN A 1 66  ? 5.150   17.648  1.681   1.00 22.33 ? 65  GLN A CG  1 
ATOM   472  C CD  . GLN A 1 66  ? 4.619   16.521  2.560   1.00 24.92 ? 65  GLN A CD  1 
ATOM   473  O OE1 . GLN A 1 66  ? 3.412   16.253  2.604   1.00 23.50 ? 65  GLN A OE1 1 
ATOM   474  N NE2 . GLN A 1 66  ? 5.528   15.847  3.257   1.00 21.37 ? 65  GLN A NE2 1 
ATOM   475  N N   . GLU A 1 67  ? 4.991   17.236  -1.158  1.00 17.44 ? 66  GLU A N   1 
ATOM   476  C CA  . GLU A 1 67  ? 5.919   16.983  -2.255  1.00 18.30 ? 66  GLU A CA  1 
ATOM   477  C C   . GLU A 1 67  ? 5.110   16.617  -3.496  1.00 17.74 ? 66  GLU A C   1 
ATOM   478  O O   . GLU A 1 67  ? 5.633   16.592  -4.615  1.00 18.34 ? 66  GLU A O   1 
ATOM   479  C CB  . GLU A 1 67  ? 6.873   15.835  -1.907  1.00 23.67 ? 66  GLU A CB  1 
ATOM   480  C CG  . GLU A 1 67  ? 7.722   16.064  -0.672  1.00 25.77 ? 66  GLU A CG  1 
ATOM   481  C CD  . GLU A 1 67  ? 8.720   14.948  -0.449  1.00 28.93 ? 66  GLU A CD  1 
ATOM   482  O OE1 . GLU A 1 67  ? 9.335   14.902  0.638   1.00 30.60 ? 66  GLU A OE1 1 
ATOM   483  O OE2 . GLU A 1 67  ? 8.899   14.118  -1.366  1.00 30.08 ? 66  GLU A OE2 1 
ATOM   484  N N   . ASN A 1 68  ? 3.827   16.345  -3.274  1.00 17.77 ? 67  ASN A N   1 
ATOM   485  C CA  . ASN A 1 68  ? 2.886   15.977  -4.323  1.00 18.30 ? 67  ASN A CA  1 
ATOM   486  C C   . ASN A 1 68  ? 3.415   14.832  -5.165  1.00 17.51 ? 67  ASN A C   1 
ATOM   487  O O   . ASN A 1 68  ? 3.568   14.947  -6.382  1.00 17.41 ? 67  ASN A O   1 
ATOM   488  C CB  . ASN A 1 68  ? 2.571   17.185  -5.209  1.00 23.72 ? 67  ASN A CB  1 
ATOM   489  C CG  . ASN A 1 68  ? 1.376   16.946  -6.113  1.00 24.62 ? 67  ASN A CG  1 
ATOM   490  O OD1 . ASN A 1 68  ? 0.542   16.072  -5.849  1.00 24.22 ? 67  ASN A OD1 1 
ATOM   491  N ND2 . ASN A 1 68  ? 1.277   17.732  -7.175  1.00 25.33 ? 67  ASN A ND2 1 
ATOM   492  N N   . VAL A 1 69  ? 3.679   13.713  -4.503  1.00 17.77 ? 68  VAL A N   1 
ATOM   493  C CA  . VAL A 1 69  ? 4.200   12.540  -5.181  1.00 17.77 ? 68  VAL A CA  1 
ATOM   494  C C   . VAL A 1 69  ? 3.929   11.284  -4.358  1.00 16.43 ? 68  VAL A C   1 
ATOM   495  O O   . VAL A 1 69  ? 3.720   11.360  -3.145  1.00 16.36 ? 68  VAL A O   1 
ATOM   496  C CB  . VAL A 1 69  ? 5.726   12.669  -5.381  1.00 23.55 ? 68  VAL A CB  1 
ATOM   497  C CG1 . VAL A 1 69  ? 6.429   12.610  -4.035  1.00 24.57 ? 68  VAL A CG1 1 
ATOM   498  C CG2 . VAL A 1 69  ? 6.237   11.574  -6.295  1.00 26.14 ? 68  VAL A CG2 1 
ATOM   499  N N   . ILE A 1 70  ? 3.912   10.137  -5.032  1.00 14.60 ? 69  ILE A N   1 
ATOM   500  C CA  . ILE A 1 70  ? 3.736   8.861   -4.352  1.00 13.26 ? 69  ILE A CA  1 
ATOM   501  C C   . ILE A 1 70  ? 5.054   8.122   -4.562  1.00 13.39 ? 69  ILE A C   1 
ATOM   502  O O   . ILE A 1 70  ? 5.519   7.963   -5.694  1.00 13.71 ? 69  ILE A O   1 
ATOM   503  C CB  . ILE A 1 70  ? 2.597   8.014   -4.952  1.00 15.80 ? 69  ILE A CB  1 
ATOM   504  C CG1 . ILE A 1 70  ? 1.300   8.821   -5.005  1.00 14.29 ? 69  ILE A CG1 1 
ATOM   505  C CG2 . ILE A 1 70  ? 2.389   6.774   -4.092  1.00 14.87 ? 69  ILE A CG2 1 
ATOM   506  C CD1 . ILE A 1 70  ? 0.162   8.094   -5.703  1.00 13.86 ? 69  ILE A CD1 1 
ATOM   507  N N   . ILE A 1 71  ? 5.661   7.692   -3.466  1.00 12.98 ? 70  ILE A N   1 
ATOM   508  C CA  . ILE A 1 71  ? 6.934   6.991   -3.510  1.00 12.40 ? 70  ILE A CA  1 
ATOM   509  C C   . ILE A 1 71  ? 6.743   5.491   -3.307  1.00 13.02 ? 70  ILE A C   1 
ATOM   510  O O   . ILE A 1 71  ? 5.925   5.072   -2.490  1.00 11.16 ? 70  ILE A O   1 
ATOM   511  C CB  . ILE A 1 71  ? 7.871   7.536   -2.417  1.00 16.63 ? 70  ILE A CB  1 
ATOM   512  C CG1 . ILE A 1 71  ? 8.219   8.998   -2.727  1.00 18.97 ? 70  ILE A CG1 1 
ATOM   513  C CG2 . ILE A 1 71  ? 9.126   6.692   -2.321  1.00 17.98 ? 70  ILE A CG2 1 
ATOM   514  C CD1 . ILE A 1 71  ? 8.897   9.720   -1.586  1.00 20.09 ? 70  ILE A CD1 1 
ATOM   515  N N   . PHE A 1 72  ? 7.491   4.696   -4.067  1.00 12.95 ? 71  PHE A N   1 
ATOM   516  C CA  . PHE A 1 72  ? 7.437   3.242   -3.967  1.00 14.28 ? 71  PHE A CA  1 
ATOM   517  C C   . PHE A 1 72  ? 8.859   2.750   -3.757  1.00 15.75 ? 71  PHE A C   1 
ATOM   518  O O   . PHE A 1 72  ? 9.762   3.128   -4.508  1.00 16.56 ? 71  PHE A O   1 
ATOM   519  C CB  . PHE A 1 72  ? 6.890   2.606   -5.251  1.00 13.33 ? 71  PHE A CB  1 
ATOM   520  C CG  . PHE A 1 72  ? 5.525   3.084   -5.645  1.00 12.91 ? 71  PHE A CG  1 
ATOM   521  C CD1 . PHE A 1 72  ? 5.364   4.283   -6.328  1.00 15.75 ? 71  PHE A CD1 1 
ATOM   522  C CD2 . PHE A 1 72  ? 4.398   2.324   -5.346  1.00 15.77 ? 71  PHE A CD2 1 
ATOM   523  C CE1 . PHE A 1 72  ? 4.098   4.719   -6.713  1.00 17.00 ? 71  PHE A CE1 1 
ATOM   524  C CE2 . PHE A 1 72  ? 3.127   2.752   -5.725  1.00 16.33 ? 71  PHE A CE2 1 
ATOM   525  C CZ  . PHE A 1 72  ? 2.980   3.953   -6.411  1.00 18.01 ? 71  PHE A CZ  1 
ATOM   526  N N   . ASN A 1 73  ? 9.062   1.915   -2.740  1.00 16.19 ? 72  ASN A N   1 
ATOM   527  C CA  . ASN A 1 73  ? 10.383  1.371   -2.456  1.00 13.73 ? 72  ASN A CA  1 
ATOM   528  C C   . ASN A 1 73  ? 10.277  0.086   -1.630  1.00 14.73 ? 72  ASN A C   1 
ATOM   529  O O   . ASN A 1 73  ? 9.178   -0.376  -1.313  1.00 14.59 ? 72  ASN A O   1 
ATOM   530  C CB  . ASN A 1 73  ? 11.235  2.405   -1.709  1.00 12.20 ? 72  ASN A CB  1 
ATOM   531  C CG  . ASN A 1 73  ? 12.705  2.355   -2.112  1.00 11.62 ? 72  ASN A CG  1 
ATOM   532  O OD1 . ASN A 1 73  ? 13.273  1.282   -2.295  1.00 10.79 ? 72  ASN A OD1 1 
ATOM   533  N ND2 . ASN A 1 73  ? 13.326  3.523   -2.240  1.00 11.29 ? 72  ASN A ND2 1 
ATOM   534  N N   . SER A 1 74  ? 11.430  -0.482  -1.296  1.00 11.89 ? 73  SER A N   1 
ATOM   535  C CA  . SER A 1 74  ? 11.519  -1.713  -0.514  1.00 12.79 ? 73  SER A CA  1 
ATOM   536  C C   . SER A 1 74  ? 12.766  -1.590  0.368   1.00 14.32 ? 73  SER A C   1 
ATOM   537  O O   . SER A 1 74  ? 13.647  -0.775  0.088   1.00 12.44 ? 73  SER A O   1 
ATOM   538  C CB  . SER A 1 74  ? 11.693  -2.934  -1.436  1.00 10.65 ? 73  SER A CB  1 
ATOM   539  O OG  . SER A 1 74  ? 10.653  -3.058  -2.401  1.00 11.63 ? 73  SER A OG  1 
ATOM   540  N N   . ARG A 1 75  ? 12.835  -2.397  1.423   1.00 12.70 ? 74  ARG A N   1 
ATOM   541  C CA  . ARG A 1 75  ? 13.989  -2.399  2.318   1.00 15.12 ? 74  ARG A CA  1 
ATOM   542  C C   . ARG A 1 75  ? 13.916  -3.513  3.346   1.00 15.98 ? 74  ARG A C   1 
ATOM   543  O O   . ARG A 1 75  ? 12.832  -3.995  3.684   1.00 13.80 ? 74  ARG A O   1 
ATOM   544  C CB  . ARG A 1 75  ? 14.119  -1.069  3.065   1.00 21.99 ? 74  ARG A CB  1 
ATOM   545  C CG  . ARG A 1 75  ? 12.966  -0.761  4.013   1.00 26.48 ? 74  ARG A CG  1 
ATOM   546  C CD  . ARG A 1 75  ? 13.292  0.448   4.882   1.00 28.52 ? 74  ARG A CD  1 
ATOM   547  N NE  . ARG A 1 75  ? 14.054  0.059   6.059   1.00 35.57 ? 74  ARG A NE  1 
ATOM   548  C CZ  . ARG A 1 75  ? 13.525  -0.128  7.264   1.00 35.43 ? 74  ARG A CZ  1 
ATOM   549  N NH1 . ARG A 1 75  ? 14.294  -0.495  8.275   1.00 36.23 ? 74  ARG A NH1 1 
ATOM   550  N NH2 . ARG A 1 75  ? 12.234  0.080   7.467   1.00 36.00 ? 74  ARG A NH2 1 
ATOM   551  N N   . GLN A 1 76  ? 15.084  -3.924  3.830   1.00 16.68 ? 75  GLN A N   1 
ATOM   552  C CA  . GLN A 1 76  ? 15.179  -4.952  4.857   1.00 20.42 ? 75  GLN A CA  1 
ATOM   553  C C   . GLN A 1 76  ? 14.961  -4.230  6.184   1.00 21.19 ? 75  GLN A C   1 
ATOM   554  O O   . GLN A 1 76  ? 15.199  -3.027  6.281   1.00 21.81 ? 75  GLN A O   1 
ATOM   555  C CB  . GLN A 1 76  ? 16.566  -5.598  4.838   1.00 41.12 ? 75  GLN A CB  1 
ATOM   556  C CG  . GLN A 1 76  ? 16.534  -7.097  4.629   1.00 45.58 ? 75  GLN A CG  1 
ATOM   557  C CD  . GLN A 1 76  ? 15.996  -7.470  3.269   1.00 46.55 ? 75  GLN A CD  1 
ATOM   558  O OE1 . GLN A 1 76  ? 15.589  -8.607  3.038   1.00 46.21 ? 75  GLN A OE1 1 
ATOM   559  N NE2 . GLN A 1 76  ? 16.001  -6.512  2.351   1.00 49.58 ? 75  GLN A NE2 1 
ATOM   560  N N   . PRO A 1 77  ? 14.507  -4.954  7.220   1.00 27.87 ? 76  PRO A N   1 
ATOM   561  C CA  . PRO A 1 77  ? 14.246  -4.392  8.553   1.00 28.66 ? 76  PRO A CA  1 
ATOM   562  C C   . PRO A 1 77  ? 15.319  -3.467  9.135   1.00 30.30 ? 76  PRO A C   1 
ATOM   563  O O   . PRO A 1 77  ? 15.000  -2.407  9.683   1.00 31.04 ? 76  PRO A O   1 
ATOM   564  C CB  . PRO A 1 77  ? 13.997  -5.638  9.416   1.00 32.11 ? 76  PRO A CB  1 
ATOM   565  C CG  . PRO A 1 77  ? 14.639  -6.758  8.638   1.00 32.34 ? 76  PRO A CG  1 
ATOM   566  C CD  . PRO A 1 77  ? 14.305  -6.411  7.222   1.00 29.41 ? 76  PRO A CD  1 
ATOM   567  N N   . ASP A 1 78  ? 16.585  -3.859  9.030   1.00 29.52 ? 77  ASP A N   1 
ATOM   568  C CA  . ASP A 1 78  ? 17.674  -3.028  9.541   1.00 28.87 ? 77  ASP A CA  1 
ATOM   569  C C   . ASP A 1 78  ? 18.467  -2.476  8.366   1.00 26.92 ? 77  ASP A C   1 
ATOM   570  O O   . ASP A 1 78  ? 19.606  -2.033  8.522   1.00 27.86 ? 77  ASP A O   1 
ATOM   571  C CB  . ASP A 1 78  ? 18.601  -3.849  10.448  1.00 40.56 ? 77  ASP A CB  1 
ATOM   572  C CG  . ASP A 1 78  ? 17.960  -4.196  11.781  1.00 43.00 ? 77  ASP A CG  1 
ATOM   573  O OD1 . ASP A 1 78  ? 18.599  -4.915  12.579  1.00 45.47 ? 77  ASP A OD1 1 
ATOM   574  O OD2 . ASP A 1 78  ? 16.822  -3.749  12.034  1.00 44.97 ? 77  ASP A OD2 1 
ATOM   575  N N   . GLY A 1 79  ? 17.851  -2.506  7.188   1.00 21.53 ? 78  GLY A N   1 
ATOM   576  C CA  . GLY A 1 79  ? 18.509  -2.022  5.991   1.00 20.07 ? 78  GLY A CA  1 
ATOM   577  C C   . GLY A 1 79  ? 17.976  -0.697  5.485   1.00 19.36 ? 78  GLY A C   1 
ATOM   578  O O   . GLY A 1 79  ? 16.969  -0.190  5.980   1.00 20.61 ? 78  GLY A O   1 
ATOM   579  N N   . PRO A 1 80  ? 18.639  -0.110  4.482   1.00 17.92 ? 79  PRO A N   1 
ATOM   580  C CA  . PRO A 1 80  ? 18.251  1.169   3.890   1.00 17.42 ? 79  PRO A CA  1 
ATOM   581  C C   . PRO A 1 80  ? 17.244  0.994   2.757   1.00 15.77 ? 79  PRO A C   1 
ATOM   582  O O   . PRO A 1 80  ? 17.114  -0.095  2.198   1.00 15.90 ? 79  PRO A O   1 
ATOM   583  C CB  . PRO A 1 80  ? 19.575  1.705   3.378   1.00 19.68 ? 79  PRO A CB  1 
ATOM   584  C CG  . PRO A 1 80  ? 20.204  0.452   2.830   1.00 19.32 ? 79  PRO A CG  1 
ATOM   585  C CD  . PRO A 1 80  ? 19.916  -0.582  3.912   1.00 19.97 ? 79  PRO A CD  1 
ATOM   586  N N   . TRP A 1 81  ? 16.534  2.066   2.425   1.00 17.22 ? 80  TRP A N   1 
ATOM   587  C CA  . TRP A 1 81  ? 15.584  2.015   1.322   1.00 17.44 ? 80  TRP A CA  1 
ATOM   588  C C   . TRP A 1 81  ? 16.410  1.735   0.077   1.00 17.72 ? 80  TRP A C   1 
ATOM   589  O O   . TRP A 1 81  ? 17.522  2.250   -0.064  1.00 17.43 ? 80  TRP A O   1 
ATOM   590  C CB  . TRP A 1 81  ? 14.849  3.352   1.154   1.00 16.61 ? 80  TRP A CB  1 
ATOM   591  C CG  . TRP A 1 81  ? 13.865  3.636   2.245   1.00 18.03 ? 80  TRP A CG  1 
ATOM   592  C CD1 . TRP A 1 81  ? 13.928  4.634   3.171   1.00 17.95 ? 80  TRP A CD1 1 
ATOM   593  C CD2 . TRP A 1 81  ? 12.686  2.879   2.549   1.00 16.66 ? 80  TRP A CD2 1 
ATOM   594  N NE1 . TRP A 1 81  ? 12.862  4.546   4.038   1.00 17.44 ? 80  TRP A NE1 1 
ATOM   595  C CE2 . TRP A 1 81  ? 12.085  3.477   3.679   1.00 17.33 ? 80  TRP A CE2 1 
ATOM   596  C CE3 . TRP A 1 81  ? 12.079  1.754   1.975   1.00 16.35 ? 80  TRP A CE3 1 
ATOM   597  C CZ2 . TRP A 1 81  ? 10.908  2.984   4.251   1.00 16.25 ? 80  TRP A CZ2 1 
ATOM   598  C CZ3 . TRP A 1 81  ? 10.905  1.265   2.544   1.00 17.18 ? 80  TRP A CZ3 1 
ATOM   599  C CH2 . TRP A 1 81  ? 10.335  1.881   3.672   1.00 15.59 ? 80  TRP A CH2 1 
ATOM   600  N N   . LEU A 1 82  ? 15.880  0.914   -0.819  1.00 16.12 ? 81  LEU A N   1 
ATOM   601  C CA  . LEU A 1 82  ? 16.589  0.589   -2.046  1.00 15.96 ? 81  LEU A CA  1 
ATOM   602  C C   . LEU A 1 82  ? 16.276  1.637   -3.126  1.00 16.32 ? 81  LEU A C   1 
ATOM   603  O O   . LEU A 1 82  ? 16.160  2.825   -2.808  1.00 13.94 ? 81  LEU A O   1 
ATOM   604  C CB  . LEU A 1 82  ? 16.220  -0.836  -2.475  1.00 15.49 ? 81  LEU A CB  1 
ATOM   605  C CG  . LEU A 1 82  ? 16.522  -1.832  -1.338  1.00 15.40 ? 81  LEU A CG  1 
ATOM   606  C CD1 . LEU A 1 82  ? 16.134  -3.241  -1.751  1.00 15.18 ? 81  LEU A CD1 1 
ATOM   607  C CD2 . LEU A 1 82  ? 18.004  -1.773  -0.978  1.00 14.37 ? 81  LEU A CD2 1 
ATOM   608  N N   . VAL A 1 83  ? 16.146  1.222   -4.386  1.00 14.40 ? 82  VAL A N   1 
ATOM   609  C CA  . VAL A 1 83  ? 15.886  2.180   -5.465  1.00 15.64 ? 82  VAL A CA  1 
ATOM   610  C C   . VAL A 1 83  ? 14.488  2.785   -5.421  1.00 15.47 ? 82  VAL A C   1 
ATOM   611  O O   . VAL A 1 83  ? 13.482  2.086   -5.524  1.00 15.39 ? 82  VAL A O   1 
ATOM   612  C CB  . VAL A 1 83  ? 16.113  1.542   -6.859  1.00 15.11 ? 82  VAL A CB  1 
ATOM   613  C CG1 . VAL A 1 83  ? 15.966  2.602   -7.952  1.00 14.95 ? 82  VAL A CG1 1 
ATOM   614  C CG2 . VAL A 1 83  ? 17.494  0.918   -6.918  1.00 14.50 ? 82  VAL A CG2 1 
ATOM   615  N N   . GLU A 1 84  ? 14.436  4.104   -5.274  1.00 18.27 ? 83  GLU A N   1 
ATOM   616  C CA  . GLU A 1 84  ? 13.162  4.798   -5.198  1.00 19.33 ? 83  GLU A CA  1 
ATOM   617  C C   . GLU A 1 84  ? 12.477  5.008   -6.537  1.00 19.96 ? 83  GLU A C   1 
ATOM   618  O O   . GLU A 1 84  ? 13.097  5.450   -7.504  1.00 19.93 ? 83  GLU A O   1 
ATOM   619  C CB  . GLU A 1 84  ? 13.340  6.163   -4.529  1.00 19.01 ? 83  GLU A CB  1 
ATOM   620  C CG  . GLU A 1 84  ? 12.029  6.902   -4.300  1.00 19.13 ? 83  GLU A CG  1 
ATOM   621  C CD  . GLU A 1 84  ? 12.224  8.247   -3.633  1.00 20.70 ? 83  GLU A CD  1 
ATOM   622  O OE1 . GLU A 1 84  ? 12.591  9.212   -4.335  1.00 20.32 ? 83  GLU A OE1 1 
ATOM   623  O OE2 . GLU A 1 84  ? 12.019  8.338   -2.404  1.00 21.11 ? 83  GLU A OE2 1 
ATOM   624  N N   . GLN A 1 85  ? 11.192  4.674   -6.590  1.00 15.87 ? 84  GLN A N   1 
ATOM   625  C CA  . GLN A 1 85  ? 10.408  4.897   -7.794  1.00 17.22 ? 84  GLN A CA  1 
ATOM   626  C C   . GLN A 1 85  ? 9.385   5.951   -7.385  1.00 17.69 ? 84  GLN A C   1 
ATOM   627  O O   . GLN A 1 85  ? 8.787   5.863   -6.309  1.00 16.55 ? 84  GLN A O   1 
ATOM   628  C CB  . GLN A 1 85  ? 9.717   3.615   -8.261  1.00 27.42 ? 84  GLN A CB  1 
ATOM   629  C CG  . GLN A 1 85  ? 9.191   3.724   -9.688  1.00 32.34 ? 84  GLN A CG  1 
ATOM   630  C CD  . GLN A 1 85  ? 9.378   2.448   -10.490 1.00 34.32 ? 84  GLN A CD  1 
ATOM   631  O OE1 . GLN A 1 85  ? 9.241   2.449   -11.716 1.00 35.97 ? 84  GLN A OE1 1 
ATOM   632  N NE2 . GLN A 1 85  ? 9.687   1.351   -9.804  1.00 35.10 ? 84  GLN A NE2 1 
ATOM   633  N N   . ARG A 1 86  ? 9.201   6.963   -8.223  1.00 21.77 ? 85  ARG A N   1 
ATOM   634  C CA  . ARG A 1 86  ? 8.267   8.037   -7.904  1.00 23.09 ? 85  ARG A CA  1 
ATOM   635  C C   . ARG A 1 86  ? 7.198   8.257   -8.966  1.00 22.41 ? 85  ARG A C   1 
ATOM   636  O O   . ARG A 1 86  ? 7.450   8.119   -10.165 1.00 22.49 ? 85  ARG A O   1 
ATOM   637  C CB  . ARG A 1 86  ? 9.026   9.355   -7.712  1.00 27.35 ? 85  ARG A CB  1 
ATOM   638  C CG  . ARG A 1 86  ? 10.121  9.335   -6.658  1.00 29.83 ? 85  ARG A CG  1 
ATOM   639  C CD  . ARG A 1 86  ? 11.047  10.543  -6.819  1.00 30.21 ? 85  ARG A CD  1 
ATOM   640  N NE  . ARG A 1 86  ? 10.396  11.810  -6.492  1.00 32.50 ? 85  ARG A NE  1 
ATOM   641  C CZ  . ARG A 1 86  ? 10.302  12.313  -5.264  1.00 32.95 ? 85  ARG A CZ  1 
ATOM   642  N NH1 . ARG A 1 86  ? 10.822  11.662  -4.233  1.00 31.51 ? 85  ARG A NH1 1 
ATOM   643  N NH2 . ARG A 1 86  ? 9.681   13.469  -5.065  1.00 35.19 ? 85  ARG A NH2 1 
ATOM   644  N N   . VAL A 1 87  ? 6.002   8.605   -8.511  1.00 17.65 ? 86  VAL A N   1 
ATOM   645  C CA  . VAL A 1 87  ? 4.894   8.905   -9.406  1.00 16.43 ? 86  VAL A CA  1 
ATOM   646  C C   . VAL A 1 87  ? 4.392   10.264  -8.952  1.00 15.04 ? 86  VAL A C   1 
ATOM   647  O O   . VAL A 1 87  ? 3.944   10.419  -7.818  1.00 15.74 ? 86  VAL A O   1 
ATOM   648  C CB  . VAL A 1 87  ? 3.773   7.856   -9.298  1.00 19.97 ? 86  VAL A CB  1 
ATOM   649  C CG1 . VAL A 1 87  ? 2.531   8.340   -10.016 1.00 21.55 ? 86  VAL A CG1 1 
ATOM   650  C CG2 . VAL A 1 87  ? 4.250   6.539   -9.906  1.00 20.79 ? 86  VAL A CG2 1 
ATOM   651  N N   . SER A 1 88  ? 4.475   11.249  -9.837  1.00 13.94 ? 87  SER A N   1 
ATOM   652  C CA  . SER A 1 88  ? 4.059   12.610  -9.510  1.00 15.25 ? 87  SER A CA  1 
ATOM   653  C C   . SER A 1 88  ? 2.559   12.865  -9.594  1.00 14.12 ? 87  SER A C   1 
ATOM   654  O O   . SER A 1 88  ? 1.841   12.217  -10.359 1.00 13.49 ? 87  SER A O   1 
ATOM   655  C CB  . SER A 1 88  ? 4.795   13.603  -10.420 1.00 27.87 ? 87  SER A CB  1 
ATOM   656  O OG  . SER A 1 88  ? 6.194   13.521  -10.215 1.00 35.69 ? 87  SER A OG  1 
ATOM   657  N N   . ASP A 1 89  ? 2.102   13.820  -8.789  1.00 15.39 ? 88  ASP A N   1 
ATOM   658  C CA  . ASP A 1 89  ? 0.701   14.230  -8.723  1.00 17.49 ? 88  ASP A CA  1 
ATOM   659  C C   . ASP A 1 89  ? -0.206  13.199  -8.053  1.00 17.92 ? 88  ASP A C   1 
ATOM   660  O O   . ASP A 1 89  ? -0.811  12.350  -8.714  1.00 18.48 ? 88  ASP A O   1 
ATOM   661  C CB  . ASP A 1 89  ? 0.154   14.541  -10.117 1.00 20.26 ? 88  ASP A CB  1 
ATOM   662  C CG  . ASP A 1 89  ? -1.086  15.412  -10.063 1.00 22.77 ? 88  ASP A CG  1 
ATOM   663  O OD1 . ASP A 1 89  ? -1.836  15.304  -9.070  1.00 21.36 ? 88  ASP A OD1 1 
ATOM   664  O OD2 . ASP A 1 89  ? -1.317  16.194  -11.010 1.00 25.37 ? 88  ASP A OD2 1 
ATOM   665  N N   . VAL A 1 90  ? -0.309  13.301  -6.735  1.00 16.82 ? 89  VAL A N   1 
ATOM   666  C CA  . VAL A 1 90  ? -1.124  12.383  -5.947  1.00 16.79 ? 89  VAL A CA  1 
ATOM   667  C C   . VAL A 1 90  ? -2.597  12.380  -6.351  1.00 16.71 ? 89  VAL A C   1 
ATOM   668  O O   . VAL A 1 90  ? -3.175  11.315  -6.608  1.00 14.00 ? 89  VAL A O   1 
ATOM   669  C CB  . VAL A 1 90  ? -1.027  12.732  -4.449  1.00 17.82 ? 89  VAL A CB  1 
ATOM   670  C CG1 . VAL A 1 90  ? -1.903  11.790  -3.630  1.00 18.10 ? 89  VAL A CG1 1 
ATOM   671  C CG2 . VAL A 1 90  ? 0.417   12.647  -3.999  1.00 15.08 ? 89  VAL A CG2 1 
ATOM   672  N N   . ALA A 1 91  ? -3.196  13.568  -6.406  1.00 18.60 ? 90  ALA A N   1 
ATOM   673  C CA  . ALA A 1 91  ? -4.607  13.703  -6.758  1.00 19.24 ? 90  ALA A CA  1 
ATOM   674  C C   . ALA A 1 91  ? -4.941  13.096  -8.114  1.00 19.13 ? 90  ALA A C   1 
ATOM   675  O O   . ALA A 1 91  ? -6.018  12.533  -8.299  1.00 19.28 ? 90  ALA A O   1 
ATOM   676  C CB  . ALA A 1 91  ? -5.013  15.176  -6.732  1.00 23.29 ? 90  ALA A CB  1 
ATOM   677  N N   . ASN A 1 92  ? -4.014  13.205  -9.058  1.00 18.24 ? 91  ASN A N   1 
ATOM   678  C CA  . ASN A 1 92  ? -4.231  12.672  -10.393 1.00 18.37 ? 91  ASN A CA  1 
ATOM   679  C C   . ASN A 1 92  ? -4.412  11.153  -10.388 1.00 17.90 ? 91  ASN A C   1 
ATOM   680  O O   . ASN A 1 92  ? -5.243  10.618  -11.124 1.00 17.01 ? 91  ASN A O   1 
ATOM   681  C CB  . ASN A 1 92  ? -3.064  13.065  -11.305 1.00 21.12 ? 91  ASN A CB  1 
ATOM   682  C CG  . ASN A 1 92  ? -3.176  12.456  -12.688 1.00 24.54 ? 91  ASN A CG  1 
ATOM   683  O OD1 . ASN A 1 92  ? -2.541  11.440  -12.985 1.00 26.63 ? 91  ASN A OD1 1 
ATOM   684  N ND2 . ASN A 1 92  ? -3.994  13.065  -13.540 1.00 24.88 ? 91  ASN A ND2 1 
ATOM   685  N N   . GLN A 1 93  ? -3.651  10.466  -9.541  1.00 14.01 ? 92  GLN A N   1 
ATOM   686  C CA  . GLN A 1 93  ? -3.718  9.007   -9.461  1.00 13.19 ? 92  GLN A CA  1 
ATOM   687  C C   . GLN A 1 93  ? -5.046  8.521   -8.885  1.00 14.10 ? 92  GLN A C   1 
ATOM   688  O O   . GLN A 1 93  ? -5.469  7.398   -9.155  1.00 13.24 ? 92  GLN A O   1 
ATOM   689  C CB  . GLN A 1 93  ? -2.555  8.479   -8.609  1.00 16.16 ? 92  GLN A CB  1 
ATOM   690  C CG  . GLN A 1 93  ? -1.241  9.191   -8.897  1.00 17.40 ? 92  GLN A CG  1 
ATOM   691  C CD  . GLN A 1 93  ? -0.943  9.271   -10.386 1.00 20.29 ? 92  GLN A CD  1 
ATOM   692  O OE1 . GLN A 1 93  ? -0.530  10.318  -10.899 1.00 19.78 ? 92  GLN A OE1 1 
ATOM   693  N NE2 . GLN A 1 93  ? -1.149  8.163   -11.089 1.00 18.83 ? 92  GLN A NE2 1 
ATOM   694  N N   . PHE A 1 94  ? -5.695  9.371   -8.094  1.00 15.89 ? 93  PHE A N   1 
ATOM   695  C CA  . PHE A 1 94  ? -6.970  9.029   -7.471  1.00 16.43 ? 93  PHE A CA  1 
ATOM   696  C C   . PHE A 1 94  ? -8.200  9.447   -8.282  1.00 16.63 ? 93  PHE A C   1 
ATOM   697  O O   . PHE A 1 94  ? -9.311  9.017   -7.975  1.00 16.77 ? 93  PHE A O   1 
ATOM   698  C CB  . PHE A 1 94  ? -7.069  9.650   -6.072  1.00 14.14 ? 93  PHE A CB  1 
ATOM   699  C CG  . PHE A 1 94  ? -6.149  9.030   -5.059  1.00 13.78 ? 93  PHE A CG  1 
ATOM   700  C CD1 . PHE A 1 94  ? -4.817  9.422   -4.974  1.00 14.70 ? 93  PHE A CD1 1 
ATOM   701  C CD2 . PHE A 1 94  ? -6.612  8.039   -4.201  1.00 13.77 ? 93  PHE A CD2 1 
ATOM   702  C CE1 . PHE A 1 94  ? -3.953  8.831   -4.043  1.00 15.24 ? 93  PHE A CE1 1 
ATOM   703  C CE2 . PHE A 1 94  ? -5.761  7.439   -3.266  1.00 16.86 ? 93  PHE A CE2 1 
ATOM   704  C CZ  . PHE A 1 94  ? -4.427  7.837   -3.185  1.00 13.36 ? 93  PHE A CZ  1 
ATOM   705  N N   . ALA A 1 95  ? -8.002  10.276  -9.307  1.00 18.58 ? 94  ALA A N   1 
ATOM   706  C CA  . ALA A 1 95  ? -9.104  10.751  -10.152 1.00 19.25 ? 94  ALA A CA  1 
ATOM   707  C C   . ALA A 1 95  ? -9.932  9.598   -10.712 1.00 21.58 ? 94  ALA A C   1 
ATOM   708  O O   . ALA A 1 95  ? -9.404  8.529   -11.009 1.00 22.75 ? 94  ALA A O   1 
ATOM   709  C CB  . ALA A 1 95  ? -8.561  11.603  -11.298 1.00 16.97 ? 94  ALA A CB  1 
ATOM   710  N N   . GLY A 1 96  ? -11.230 9.818   -10.870 1.00 31.62 ? 95  GLY A N   1 
ATOM   711  C CA  . GLY A 1 96  ? -12.084 8.759   -11.381 1.00 34.14 ? 95  GLY A CA  1 
ATOM   712  C C   . GLY A 1 96  ? -13.072 8.358   -10.306 1.00 34.37 ? 95  GLY A C   1 
ATOM   713  O O   . GLY A 1 96  ? -14.281 8.302   -10.546 1.00 36.36 ? 95  GLY A O   1 
ATOM   714  N N   . ILE A 1 97  ? -12.554 8.067   -9.117  1.00 21.05 ? 96  ILE A N   1 
ATOM   715  C CA  . ILE A 1 97  ? -13.399 7.712   -7.984  1.00 18.94 ? 96  ILE A CA  1 
ATOM   716  C C   . ILE A 1 97  ? -13.166 8.787   -6.928  1.00 18.41 ? 96  ILE A C   1 
ATOM   717  O O   . ILE A 1 97  ? -12.028 9.044   -6.537  1.00 16.30 ? 96  ILE A O   1 
ATOM   718  C CB  . ILE A 1 97  ? -13.030 6.335   -7.401  1.00 19.63 ? 96  ILE A CB  1 
ATOM   719  C CG1 . ILE A 1 97  ? -13.208 5.249   -8.465  1.00 19.48 ? 96  ILE A CG1 1 
ATOM   720  C CG2 . ILE A 1 97  ? -13.919 6.028   -6.194  1.00 16.96 ? 96  ILE A CG2 1 
ATOM   721  C CD1 . ILE A 1 97  ? -14.638 5.101   -8.966  1.00 21.32 ? 96  ILE A CD1 1 
ATOM   722  N N   . ASP A 1 98  ? -14.245 9.417   -6.475  1.00 18.32 ? 97  ASP A N   1 
ATOM   723  C CA  . ASP A 1 98  ? -14.140 10.486  -5.487  1.00 18.35 ? 97  ASP A CA  1 
ATOM   724  C C   . ASP A 1 98  ? -14.789 10.134  -4.156  1.00 18.99 ? 97  ASP A C   1 
ATOM   725  O O   . ASP A 1 98  ? -15.698 9.317   -4.105  1.00 19.82 ? 97  ASP A O   1 
ATOM   726  C CB  . ASP A 1 98  ? -14.789 11.766  -6.032  1.00 19.08 ? 97  ASP A CB  1 
ATOM   727  C CG  . ASP A 1 98  ? -14.113 12.279  -7.296  1.00 19.66 ? 97  ASP A CG  1 
ATOM   728  O OD1 . ASP A 1 98  ? -14.779 12.345  -8.350  1.00 20.77 ? 97  ASP A OD1 1 
ATOM   729  O OD2 . ASP A 1 98  ? -12.915 12.622  -7.236  1.00 20.43 ? 97  ASP A OD2 1 
ATOM   730  N N   . GLY A 1 99  ? -14.309 10.761  -3.083  1.00 20.83 ? 98  GLY A N   1 
ATOM   731  C CA  . GLY A 1 99  ? -14.873 10.533  -1.763  1.00 20.56 ? 98  GLY A CA  1 
ATOM   732  C C   . GLY A 1 99  ? -14.307 9.363   -0.982  1.00 20.52 ? 98  GLY A C   1 
ATOM   733  O O   . GLY A 1 99  ? -14.367 9.340   0.248   1.00 20.18 ? 98  GLY A O   1 
ATOM   734  N N   . LYS A 1 100 ? -13.762 8.384   -1.689  1.00 20.54 ? 99  LYS A N   1 
ATOM   735  C CA  . LYS A 1 100 ? -13.192 7.216   -1.038  1.00 20.13 ? 99  LYS A CA  1 
ATOM   736  C C   . LYS A 1 100 ? -12.067 6.700   -1.908  1.00 19.63 ? 99  LYS A C   1 
ATOM   737  O O   . LYS A 1 100 ? -11.735 7.311   -2.923  1.00 19.76 ? 99  LYS A O   1 
ATOM   738  C CB  . LYS A 1 100 ? -14.255 6.133   -0.867  1.00 19.88 ? 99  LYS A CB  1 
ATOM   739  C CG  . LYS A 1 100 ? -14.783 5.578   -2.166  1.00 19.87 ? 99  LYS A CG  1 
ATOM   740  C CD  . LYS A 1 100 ? -15.873 4.556   -1.909  1.00 22.13 ? 99  LYS A CD  1 
ATOM   741  C CE  . LYS A 1 100 ? -16.358 3.963   -3.212  1.00 25.47 ? 99  LYS A CE  1 
ATOM   742  N NZ  . LYS A 1 100 ? -16.845 5.035   -4.123  1.00 30.13 ? 99  LYS A NZ  1 
ATOM   743  N N   . ALA A 1 101 ? -11.483 5.569   -1.530  1.00 12.89 ? 100 ALA A N   1 
ATOM   744  C CA  . ALA A 1 101 ? -10.394 5.046   -2.330  1.00 14.40 ? 100 ALA A CA  1 
ATOM   745  C C   . ALA A 1 101 ? -10.042 3.606   -2.030  1.00 13.45 ? 100 ALA A C   1 
ATOM   746  O O   . ALA A 1 101 ? -10.323 3.080   -0.956  1.00 12.00 ? 100 ALA A O   1 
ATOM   747  C CB  . ALA A 1 101 ? -9.161  5.921   -2.140  1.00 21.80 ? 100 ALA A CB  1 
ATOM   748  N N   . MET A 1 102 ? -9.428  2.961   -3.008  1.00 17.08 ? 101 MET A N   1 
ATOM   749  C CA  . MET A 1 102 ? -8.987  1.602   -2.817  1.00 18.20 ? 101 MET A CA  1 
ATOM   750  C C   . MET A 1 102 ? -7.682  1.419   -3.558  1.00 16.93 ? 101 MET A C   1 
ATOM   751  O O   . MET A 1 102 ? -7.535  1.842   -4.705  1.00 15.70 ? 101 MET A O   1 
ATOM   752  C CB  . MET A 1 102 ? -10.027 0.602   -3.306  1.00 34.27 ? 101 MET A CB  1 
ATOM   753  C CG  . MET A 1 102 ? -10.173 0.490   -4.796  1.00 40.38 ? 101 MET A CG  1 
ATOM   754  S SD  . MET A 1 102 ? -11.306 -0.853  -5.155  1.00 49.30 ? 101 MET A SD  1 
ATOM   755  C CE  . MET A 1 102 ? -12.743 -0.273  -4.239  1.00 46.29 ? 101 MET A CE  1 
ATOM   756  N N   . VAL A 1 103 ? -6.725  0.811   -2.873  1.00 12.28 ? 102 VAL A N   1 
ATOM   757  C CA  . VAL A 1 103 ? -5.420  0.544   -3.451  1.00 11.77 ? 102 VAL A CA  1 
ATOM   758  C C   . VAL A 1 103 ? -5.313  -0.970  -3.551  1.00 9.87  ? 102 VAL A C   1 
ATOM   759  O O   . VAL A 1 103 ? -5.384  -1.674  -2.544  1.00 12.29 ? 102 VAL A O   1 
ATOM   760  C CB  . VAL A 1 103 ? -4.308  1.094   -2.551  1.00 13.13 ? 102 VAL A CB  1 
ATOM   761  C CG1 . VAL A 1 103 ? -2.952  0.865   -3.189  1.00 12.08 ? 102 VAL A CG1 1 
ATOM   762  C CG2 . VAL A 1 103 ? -4.533  2.580   -2.321  1.00 14.72 ? 102 VAL A CG2 1 
ATOM   763  N N   . THR A 1 104 ? -5.170  -1.464  -4.774  1.00 13.13 ? 103 THR A N   1 
ATOM   764  C CA  . THR A 1 104 ? -5.078  -2.897  -5.007  1.00 11.61 ? 103 THR A CA  1 
ATOM   765  C C   . THR A 1 104 ? -3.687  -3.263  -5.492  1.00 11.35 ? 103 THR A C   1 
ATOM   766  O O   . THR A 1 104 ? -3.135  -2.609  -6.380  1.00 11.12 ? 103 THR A O   1 
ATOM   767  C CB  . THR A 1 104 ? -6.096  -3.363  -6.074  1.00 12.15 ? 103 THR A CB  1 
ATOM   768  O OG1 . THR A 1 104 ? -7.431  -3.074  -5.639  1.00 14.49 ? 103 THR A OG1 1 
ATOM   769  C CG2 . THR A 1 104 ? -5.969  -4.859  -6.310  1.00 12.74 ? 103 THR A CG2 1 
ATOM   770  N N   . VAL A 1 105 ? -3.129  -4.317  -4.912  1.00 11.31 ? 104 VAL A N   1 
ATOM   771  C CA  . VAL A 1 105 ? -1.811  -4.776  -5.298  1.00 10.86 ? 104 VAL A CA  1 
ATOM   772  C C   . VAL A 1 105 ? -1.898  -6.208  -5.814  1.00 11.28 ? 104 VAL A C   1 
ATOM   773  O O   . VAL A 1 105 ? -2.401  -7.097  -5.127  1.00 11.76 ? 104 VAL A O   1 
ATOM   774  C CB  . VAL A 1 105 ? -0.820  -4.727  -4.102  1.00 11.83 ? 104 VAL A CB  1 
ATOM   775  C CG1 . VAL A 1 105 ? 0.568   -5.186  -4.550  1.00 12.84 ? 104 VAL A CG1 1 
ATOM   776  C CG2 . VAL A 1 105 ? -0.759  -3.312  -3.536  1.00 12.77 ? 104 VAL A CG2 1 
ATOM   777  N N   . PHE A 1 106 ? -1.435  -6.410  -7.045  1.00 13.26 ? 105 PHE A N   1 
ATOM   778  C CA  . PHE A 1 106 ? -1.410  -7.734  -7.656  1.00 14.06 ? 105 PHE A CA  1 
ATOM   779  C C   . PHE A 1 106 ? 0.020   -8.249  -7.562  1.00 14.86 ? 105 PHE A C   1 
ATOM   780  O O   . PHE A 1 106 ? 0.943   -7.583  -8.019  1.00 16.22 ? 105 PHE A O   1 
ATOM   781  C CB  . PHE A 1 106 ? -1.783  -7.680  -9.146  1.00 13.61 ? 105 PHE A CB  1 
ATOM   782  C CG  . PHE A 1 106 ? -3.205  -7.277  -9.422  1.00 14.88 ? 105 PHE A CG  1 
ATOM   783  C CD1 . PHE A 1 106 ? -3.579  -5.936  -9.426  1.00 15.45 ? 105 PHE A CD1 1 
ATOM   784  C CD2 . PHE A 1 106 ? -4.163  -8.240  -9.728  1.00 15.61 ? 105 PHE A CD2 1 
ATOM   785  C CE1 . PHE A 1 106 ? -4.883  -5.558  -9.738  1.00 14.27 ? 105 PHE A CE1 1 
ATOM   786  C CE2 . PHE A 1 106 ? -5.469  -7.875  -10.042 1.00 15.89 ? 105 PHE A CE2 1 
ATOM   787  C CZ  . PHE A 1 106 ? -5.830  -6.527  -10.049 1.00 17.00 ? 105 PHE A CZ  1 
ATOM   788  N N   . ASP A 1 107 ? 0.216   -9.420  -6.973  1.00 13.31 ? 106 ASP A N   1 
ATOM   789  C CA  . ASP A 1 107 ? 1.564   -9.970  -6.894  1.00 13.91 ? 106 ASP A CA  1 
ATOM   790  C C   . ASP A 1 107 ? 1.768   -10.782 -8.163  1.00 14.26 ? 106 ASP A C   1 
ATOM   791  O O   . ASP A 1 107 ? 1.174   -11.846 -8.331  1.00 14.56 ? 106 ASP A O   1 
ATOM   792  C CB  . ASP A 1 107 ? 1.734   -10.863 -5.664  1.00 11.72 ? 106 ASP A CB  1 
ATOM   793  C CG  . ASP A 1 107 ? 3.158   -11.400 -5.523  1.00 14.15 ? 106 ASP A CG  1 
ATOM   794  O OD1 . ASP A 1 107 ? 3.489   -11.947 -4.450  1.00 13.19 ? 106 ASP A OD1 1 
ATOM   795  O OD2 . ASP A 1 107 ? 3.949   -11.281 -6.489  1.00 14.14 ? 106 ASP A OD2 1 
ATOM   796  N N   . HIS A 1 108 ? 2.593   -10.266 -9.068  1.00 15.91 ? 107 HIS A N   1 
ATOM   797  C CA  . HIS A 1 108 ? 2.850   -10.948 -10.329 1.00 17.27 ? 107 HIS A CA  1 
ATOM   798  C C   . HIS A 1 108 ? 4.188   -11.684 -10.381 1.00 18.46 ? 107 HIS A C   1 
ATOM   799  O O   . HIS A 1 108 ? 4.742   -11.916 -11.463 1.00 18.36 ? 107 HIS A O   1 
ATOM   800  C CB  . HIS A 1 108 ? 2.737   -9.943  -11.481 1.00 17.04 ? 107 HIS A CB  1 
ATOM   801  C CG  . HIS A 1 108 ? 1.326   -9.535  -11.776 1.00 19.23 ? 107 HIS A CG  1 
ATOM   802  N ND1 . HIS A 1 108 ? 0.991   -8.284  -12.245 1.00 20.15 ? 107 HIS A ND1 1 
ATOM   803  C CD2 . HIS A 1 108 ? 0.163   -10.224 -11.683 1.00 19.03 ? 107 HIS A CD2 1 
ATOM   804  C CE1 . HIS A 1 108 ? -0.316  -8.219  -12.428 1.00 18.66 ? 107 HIS A CE1 1 
ATOM   805  N NE2 . HIS A 1 108 ? -0.843  -9.383  -12.096 1.00 21.04 ? 107 HIS A NE2 1 
ATOM   806  N N   . GLY A 1 109 ? 4.702   -12.054 -9.212  1.00 14.59 ? 108 GLY A N   1 
ATOM   807  C CA  . GLY A 1 109 ? 5.956   -12.785 -9.159  1.00 15.20 ? 108 GLY A CA  1 
ATOM   808  C C   . GLY A 1 109 ? 7.201   -11.930 -9.295  1.00 15.15 ? 108 GLY A C   1 
ATOM   809  O O   . GLY A 1 109 ? 7.970   -11.807 -8.353  1.00 14.82 ? 108 GLY A O   1 
ATOM   810  N N   . ASP A 1 110 ? 7.401   -11.345 -10.469 1.00 15.70 ? 109 ASP A N   1 
ATOM   811  C CA  . ASP A 1 110 ? 8.566   -10.505 -10.723 1.00 17.59 ? 109 ASP A CA  1 
ATOM   812  C C   . ASP A 1 110 ? 8.259   -9.034  -10.466 1.00 16.38 ? 109 ASP A C   1 
ATOM   813  O O   . ASP A 1 110 ? 9.165   -8.214  -10.363 1.00 14.44 ? 109 ASP A O   1 
ATOM   814  C CB  . ASP A 1 110 ? 9.022   -10.672 -12.177 1.00 30.51 ? 109 ASP A CB  1 
ATOM   815  C CG  . ASP A 1 110 ? 7.913   -10.369 -13.171 1.00 31.68 ? 109 ASP A CG  1 
ATOM   816  O OD1 . ASP A 1 110 ? 8.192   -10.335 -14.387 1.00 36.85 ? 109 ASP A OD1 1 
ATOM   817  O OD2 . ASP A 1 110 ? 6.758   -10.167 -12.742 1.00 34.80 ? 109 ASP A OD2 1 
ATOM   818  N N   . LYS A 1 111 ? 6.975   -8.711  -10.370 1.00 15.83 ? 110 LYS A N   1 
ATOM   819  C CA  . LYS A 1 111 ? 6.548   -7.334  -10.148 1.00 14.92 ? 110 LYS A CA  1 
ATOM   820  C C   . LYS A 1 111 ? 5.265   -7.277  -9.338  1.00 13.39 ? 110 LYS A C   1 
ATOM   821  O O   . LYS A 1 111 ? 4.570   -8.279  -9.161  1.00 13.88 ? 110 LYS A O   1 
ATOM   822  C CB  . LYS A 1 111 ? 6.271   -6.632  -11.481 1.00 22.61 ? 110 LYS A CB  1 
ATOM   823  C CG  . LYS A 1 111 ? 7.419   -6.577  -12.468 1.00 27.23 ? 110 LYS A CG  1 
ATOM   824  C CD  . LYS A 1 111 ? 6.980   -5.809  -13.708 1.00 30.46 ? 110 LYS A CD  1 
ATOM   825  C CE  . LYS A 1 111 ? 8.093   -5.690  -14.735 1.00 31.84 ? 110 LYS A CE  1 
ATOM   826  N NZ  . LYS A 1 111 ? 8.494   -7.019  -15.259 1.00 35.44 ? 110 LYS A NZ  1 
ATOM   827  N N   . TYR A 1 112 ? 4.961   -6.080  -8.853  1.00 13.36 ? 111 TYR A N   1 
ATOM   828  C CA  . TYR A 1 112 ? 3.737   -5.831  -8.114  1.00 13.26 ? 111 TYR A CA  1 
ATOM   829  C C   . TYR A 1 112 ? 2.997   -4.803  -8.952  1.00 13.26 ? 111 TYR A C   1 
ATOM   830  O O   . TYR A 1 112 ? 3.545   -3.738  -9.245  1.00 14.43 ? 111 TYR A O   1 
ATOM   831  C CB  . TYR A 1 112 ? 4.008   -5.204  -6.741  1.00 12.86 ? 111 TYR A CB  1 
ATOM   832  C CG  . TYR A 1 112 ? 4.444   -6.151  -5.644  1.00 14.25 ? 111 TYR A CG  1 
ATOM   833  C CD1 . TYR A 1 112 ? 5.657   -5.959  -4.986  1.00 13.06 ? 111 TYR A CD1 1 
ATOM   834  C CD2 . TYR A 1 112 ? 3.633   -7.211  -5.233  1.00 13.19 ? 111 TYR A CD2 1 
ATOM   835  C CE1 . TYR A 1 112 ? 6.062   -6.795  -3.943  1.00 13.16 ? 111 TYR A CE1 1 
ATOM   836  C CE2 . TYR A 1 112 ? 4.028   -8.055  -4.184  1.00 13.17 ? 111 TYR A CE2 1 
ATOM   837  C CZ  . TYR A 1 112 ? 5.244   -7.837  -3.547  1.00 12.88 ? 111 TYR A CZ  1 
ATOM   838  O OH  . TYR A 1 112 ? 5.639   -8.646  -2.509  1.00 12.99 ? 111 TYR A OH  1 
ATOM   839  N N   . GLN A 1 113 ? 1.774   -5.117  -9.362  1.00 14.24 ? 112 GLN A N   1 
ATOM   840  C CA  . GLN A 1 113 ? 0.981   -4.153  -10.123 1.00 12.97 ? 112 GLN A CA  1 
ATOM   841  C C   . GLN A 1 113 ? 0.154   -3.395  -9.090  1.00 13.59 ? 112 GLN A C   1 
ATOM   842  O O   . GLN A 1 113 ? -0.604  -4.003  -8.336  1.00 14.28 ? 112 GLN A O   1 
ATOM   843  C CB  . GLN A 1 113 ? 0.044   -4.854  -11.108 1.00 13.11 ? 112 GLN A CB  1 
ATOM   844  C CG  . GLN A 1 113 ? -0.883  -3.887  -11.856 1.00 14.32 ? 112 GLN A CG  1 
ATOM   845  C CD  . GLN A 1 113 ? -1.886  -4.599  -12.754 1.00 16.89 ? 112 GLN A CD  1 
ATOM   846  O OE1 . GLN A 1 113 ? -1.866  -5.825  -12.883 1.00 17.68 ? 112 GLN A OE1 1 
ATOM   847  N NE2 . GLN A 1 113 ? -2.765  -3.830  -13.381 1.00 14.45 ? 112 GLN A NE2 1 
ATOM   848  N N   . VAL A 1 114 ? 0.308   -2.076  -9.050  1.00 12.16 ? 113 VAL A N   1 
ATOM   849  C CA  . VAL A 1 114 ? -0.423  -1.258  -8.096  1.00 11.67 ? 113 VAL A CA  1 
ATOM   850  C C   . VAL A 1 114 ? -1.495  -0.446  -8.802  1.00 11.75 ? 113 VAL A C   1 
ATOM   851  O O   . VAL A 1 114 ? -1.193  0.348   -9.691  1.00 11.35 ? 113 VAL A O   1 
ATOM   852  C CB  . VAL A 1 114 ? 0.512   -0.283  -7.355  1.00 12.79 ? 113 VAL A CB  1 
ATOM   853  C CG1 . VAL A 1 114 ? -0.279  0.499   -6.316  1.00 12.42 ? 113 VAL A CG1 1 
ATOM   854  C CG2 . VAL A 1 114 ? 1.630   -1.044  -6.691  1.00 11.07 ? 113 VAL A CG2 1 
ATOM   855  N N   . VAL A 1 115 ? -2.743  -0.650  -8.396  1.00 10.26 ? 114 VAL A N   1 
ATOM   856  C CA  . VAL A 1 115 ? -3.871  0.059   -8.984  1.00 11.24 ? 114 VAL A CA  1 
ATOM   857  C C   . VAL A 1 115 ? -4.514  0.963   -7.932  1.00 13.53 ? 114 VAL A C   1 
ATOM   858  O O   . VAL A 1 115 ? -4.934  0.497   -6.872  1.00 13.44 ? 114 VAL A O   1 
ATOM   859  C CB  . VAL A 1 115 ? -4.941  -0.938  -9.497  1.00 16.94 ? 114 VAL A CB  1 
ATOM   860  C CG1 . VAL A 1 115 ? -6.111  -0.187  -10.126 1.00 16.65 ? 114 VAL A CG1 1 
ATOM   861  C CG2 . VAL A 1 115 ? -4.325  -1.892  -10.498 1.00 16.80 ? 114 VAL A CG2 1 
ATOM   862  N N   . ILE A 1 116 ? -4.568  2.260   -8.208  1.00 13.34 ? 115 ILE A N   1 
ATOM   863  C CA  . ILE A 1 116 ? -5.203  3.180   -7.275  1.00 14.05 ? 115 ILE A CA  1 
ATOM   864  C C   . ILE A 1 116 ? -6.577  3.425   -7.865  1.00 14.19 ? 115 ILE A C   1 
ATOM   865  O O   . ILE A 1 116 ? -6.712  3.996   -8.947  1.00 14.19 ? 115 ILE A O   1 
ATOM   866  C CB  . ILE A 1 116 ? -4.424  4.495   -7.138  1.00 12.87 ? 115 ILE A CB  1 
ATOM   867  C CG1 . ILE A 1 116 ? -3.088  4.217   -6.439  1.00 15.57 ? 115 ILE A CG1 1 
ATOM   868  C CG2 . ILE A 1 116 ? -5.243  5.504   -6.334  1.00 15.61 ? 115 ILE A CG2 1 
ATOM   869  C CD1 . ILE A 1 116 ? -2.225  5.446   -6.241  1.00 16.79 ? 115 ILE A CD1 1 
ATOM   870  N N   . ASN A 1 117 ? -7.591  2.973   -7.141  1.00 16.94 ? 116 ASN A N   1 
ATOM   871  C CA  . ASN A 1 117 ? -8.962  3.059   -7.598  1.00 19.14 ? 116 ASN A CA  1 
ATOM   872  C C   . ASN A 1 117 ? -9.067  2.164   -8.831  1.00 19.97 ? 116 ASN A C   1 
ATOM   873  O O   . ASN A 1 117 ? -9.053  0.940   -8.689  1.00 21.43 ? 116 ASN A O   1 
ATOM   874  C CB  . ASN A 1 117 ? -9.354  4.513   -7.877  1.00 19.16 ? 116 ASN A CB  1 
ATOM   875  C CG  . ASN A 1 117 ? -9.582  5.289   -6.594  1.00 20.60 ? 116 ASN A CG  1 
ATOM   876  O OD1 . ASN A 1 117 ? -9.944  4.701   -5.572  1.00 18.09 ? 116 ASN A OD1 1 
ATOM   877  N ND2 . ASN A 1 117 ? -9.384  6.602   -6.635  1.00 21.94 ? 116 ASN A ND2 1 
ATOM   878  N N   . GLU A 1 118 ? -9.149  2.739   -10.026 1.00 17.85 ? 117 GLU A N   1 
ATOM   879  C CA  . GLU A 1 118 ? -9.237  1.921   -11.237 1.00 16.13 ? 117 GLU A CA  1 
ATOM   880  C C   . GLU A 1 118 ? -8.025  2.100   -12.147 1.00 15.97 ? 117 GLU A C   1 
ATOM   881  O O   . GLU A 1 118 ? -7.951  1.488   -13.210 1.00 15.43 ? 117 GLU A O   1 
ATOM   882  C CB  . GLU A 1 118 ? -10.494 2.268   -12.036 1.00 17.41 ? 117 GLU A CB  1 
ATOM   883  C CG  . GLU A 1 118 ? -11.789 2.209   -11.254 1.00 17.98 ? 117 GLU A CG  1 
ATOM   884  C CD  . GLU A 1 118 ? -12.991 2.478   -12.134 1.00 19.51 ? 117 GLU A CD  1 
ATOM   885  O OE1 . GLU A 1 118 ? -12.926 3.427   -12.947 1.00 19.99 ? 117 GLU A OE1 1 
ATOM   886  O OE2 . GLU A 1 118 ? -13.997 1.748   -12.016 1.00 17.42 ? 117 GLU A OE2 1 
ATOM   887  N N   . LYS A 1 119 ? -7.076  2.931   -11.724 1.00 16.14 ? 118 LYS A N   1 
ATOM   888  C CA  . LYS A 1 119 ? -5.889  3.217   -12.525 1.00 16.60 ? 118 LYS A CA  1 
ATOM   889  C C   . LYS A 1 119 ? -4.608  2.513   -12.080 1.00 15.86 ? 118 LYS A C   1 
ATOM   890  O O   . LYS A 1 119 ? -4.209  2.607   -10.920 1.00 16.22 ? 118 LYS A O   1 
ATOM   891  C CB  . LYS A 1 119 ? -5.631  4.727   -12.536 1.00 23.32 ? 118 LYS A CB  1 
ATOM   892  C CG  . LYS A 1 119 ? -4.400  5.143   -13.330 1.00 27.68 ? 118 LYS A CG  1 
ATOM   893  C CD  . LYS A 1 119 ? -4.032  6.602   -13.093 1.00 30.13 ? 118 LYS A CD  1 
ATOM   894  C CE  . LYS A 1 119 ? -5.137  7.552   -13.517 1.00 34.43 ? 118 LYS A CE  1 
ATOM   895  N NZ  . LYS A 1 119 ? -4.754  8.982   -13.286 1.00 35.99 ? 118 LYS A NZ  1 
ATOM   896  N N   . THR A 1 120 ? -3.965  1.813   -13.009 1.00 15.35 ? 119 THR A N   1 
ATOM   897  C CA  . THR A 1 120 ? -2.706  1.146   -12.710 1.00 14.01 ? 119 THR A CA  1 
ATOM   898  C C   . THR A 1 120 ? -1.696  2.280   -12.684 1.00 15.69 ? 119 THR A C   1 
ATOM   899  O O   . THR A 1 120 ? -1.397  2.887   -13.716 1.00 15.46 ? 119 THR A O   1 
ATOM   900  C CB  . THR A 1 120 ? -2.304  0.136   -13.797 1.00 15.34 ? 119 THR A CB  1 
ATOM   901  O OG1 . THR A 1 120 ? -3.199  -0.980  -13.762 1.00 14.23 ? 119 THR A OG1 1 
ATOM   902  C CG2 . THR A 1 120 ? -0.880  -0.359  -13.561 1.00 15.81 ? 119 THR A CG2 1 
ATOM   903  N N   . VAL A 1 121 ? -1.194  2.574   -11.493 1.00 17.75 ? 120 VAL A N   1 
ATOM   904  C CA  . VAL A 1 121 ? -0.246  3.659   -11.288 1.00 19.80 ? 120 VAL A CA  1 
ATOM   905  C C   . VAL A 1 121 ? 1.198   3.265   -11.567 1.00 20.89 ? 120 VAL A C   1 
ATOM   906  O O   . VAL A 1 121 ? 2.029   4.116   -11.899 1.00 21.55 ? 120 VAL A O   1 
ATOM   907  C CB  . VAL A 1 121 ? -0.354  4.186   -9.838  1.00 22.63 ? 120 VAL A CB  1 
ATOM   908  C CG1 . VAL A 1 121 ? 0.064   3.103   -8.867  1.00 24.45 ? 120 VAL A CG1 1 
ATOM   909  C CG2 . VAL A 1 121 ? 0.492   5.435   -9.660  1.00 23.20 ? 120 VAL A CG2 1 
ATOM   910  N N   . ILE A 1 122 ? 1.499   1.976   -11.444 1.00 18.22 ? 121 ILE A N   1 
ATOM   911  C CA  . ILE A 1 122 ? 2.857   1.514   -11.677 1.00 19.13 ? 121 ILE A CA  1 
ATOM   912  C C   . ILE A 1 122 ? 2.978   -0.002  -11.680 1.00 18.68 ? 121 ILE A C   1 
ATOM   913  O O   . ILE A 1 122 ? 2.204   -0.700  -11.024 1.00 20.46 ? 121 ILE A O   1 
ATOM   914  C CB  . ILE A 1 122 ? 3.804   2.075   -10.583 1.00 17.68 ? 121 ILE A CB  1 
ATOM   915  C CG1 . ILE A 1 122 ? 5.249   1.632   -10.836 1.00 18.34 ? 121 ILE A CG1 1 
ATOM   916  C CG2 . ILE A 1 122 ? 3.351   1.583   -9.213  1.00 18.29 ? 121 ILE A CG2 1 
ATOM   917  C CD1 . ILE A 1 122 ? 6.231   2.211   -9.839  1.00 17.92 ? 121 ILE A CD1 1 
ATOM   918  N N   . GLN A 1 123 ? 3.934   -0.503  -12.457 1.00 18.25 ? 122 GLN A N   1 
ATOM   919  C CA  . GLN A 1 123 ? 4.238   -1.927  -12.507 1.00 17.86 ? 122 GLN A CA  1 
ATOM   920  C C   . GLN A 1 123 ? 5.601   -1.945  -11.825 1.00 19.05 ? 122 GLN A C   1 
ATOM   921  O O   . GLN A 1 123 ? 6.633   -1.714  -12.455 1.00 19.93 ? 122 GLN A O   1 
ATOM   922  C CB  . GLN A 1 123 ? 4.351   -2.427  -13.948 1.00 21.91 ? 122 GLN A CB  1 
ATOM   923  C CG  . GLN A 1 123 ? 3.015   -2.613  -14.663 1.00 23.80 ? 122 GLN A CG  1 
ATOM   924  C CD  . GLN A 1 123 ? 2.180   -3.746  -14.087 1.00 25.79 ? 122 GLN A CD  1 
ATOM   925  O OE1 . GLN A 1 123 ? 2.662   -4.547  -13.282 1.00 27.30 ? 122 GLN A OE1 1 
ATOM   926  N NE2 . GLN A 1 123 ? 0.925   -3.828  -14.513 1.00 25.51 ? 122 GLN A NE2 1 
ATOM   927  N N   . TYR A 1 124 ? 5.584   -2.191  -10.521 1.00 16.13 ? 123 TYR A N   1 
ATOM   928  C CA  . TYR A 1 124 ? 6.780   -2.189  -9.691  1.00 16.03 ? 123 TYR A CA  1 
ATOM   929  C C   . TYR A 1 124 ? 7.650   -3.433  -9.745  1.00 15.83 ? 123 TYR A C   1 
ATOM   930  O O   . TYR A 1 124 ? 7.260   -4.503  -9.278  1.00 15.31 ? 123 TYR A O   1 
ATOM   931  C CB  . TYR A 1 124 ? 6.370   -1.916  -8.244  1.00 13.66 ? 123 TYR A CB  1 
ATOM   932  C CG  . TYR A 1 124 ? 7.505   -1.796  -7.253  1.00 13.54 ? 123 TYR A CG  1 
ATOM   933  C CD1 . TYR A 1 124 ? 7.931   -2.894  -6.503  1.00 10.33 ? 123 TYR A CD1 1 
ATOM   934  C CD2 . TYR A 1 124 ? 8.123   -0.569  -7.034  1.00 12.68 ? 123 TYR A CD2 1 
ATOM   935  C CE1 . TYR A 1 124 ? 8.948   -2.764  -5.547  1.00 11.73 ? 123 TYR A CE1 1 
ATOM   936  C CE2 . TYR A 1 124 ? 9.136   -0.426  -6.088  1.00 11.46 ? 123 TYR A CE2 1 
ATOM   937  C CZ  . TYR A 1 124 ? 9.542   -1.521  -5.348  1.00 11.11 ? 123 TYR A CZ  1 
ATOM   938  O OH  . TYR A 1 124 ? 10.535  -1.362  -4.408  1.00 13.03 ? 123 TYR A OH  1 
ATOM   939  N N   . THR A 1 125 ? 8.842   -3.280  -10.313 1.00 16.62 ? 124 THR A N   1 
ATOM   940  C CA  . THR A 1 125 ? 9.790   -4.379  -10.394 1.00 17.41 ? 124 THR A CA  1 
ATOM   941  C C   . THR A 1 125 ? 10.241  -4.634  -8.964  1.00 15.92 ? 124 THR A C   1 
ATOM   942  O O   . THR A 1 125 ? 10.729  -3.727  -8.293  1.00 14.97 ? 124 THR A O   1 
ATOM   943  C CB  . THR A 1 125 ? 11.020  -3.994  -11.245 1.00 22.76 ? 124 THR A CB  1 
ATOM   944  O OG1 . THR A 1 125 ? 10.607  -3.727  -12.587 1.00 24.28 ? 124 THR A OG1 1 
ATOM   945  C CG2 . THR A 1 125 ? 12.048  -5.118  -11.243 1.00 23.30 ? 124 THR A CG2 1 
ATOM   946  N N   . LYS A 1 126 ? 10.078  -5.865  -8.491  1.00 16.17 ? 125 LYS A N   1 
ATOM   947  C CA  . LYS A 1 126 ? 10.462  -6.190  -7.127  1.00 15.39 ? 125 LYS A CA  1 
ATOM   948  C C   . LYS A 1 126 ? 11.956  -6.058  -6.881  1.00 15.36 ? 125 LYS A C   1 
ATOM   949  O O   . LYS A 1 126 ? 12.774  -6.388  -7.744  1.00 15.02 ? 125 LYS A O   1 
ATOM   950  C CB  . LYS A 1 126 ? 10.038  -7.609  -6.771  1.00 14.06 ? 125 LYS A CB  1 
ATOM   951  C CG  . LYS A 1 126 ? 8.540   -7.835  -6.788  1.00 13.34 ? 125 LYS A CG  1 
ATOM   952  C CD  . LYS A 1 126 ? 8.249   -9.249  -6.347  1.00 14.85 ? 125 LYS A CD  1 
ATOM   953  C CE  . LYS A 1 126 ? 6.770   -9.551  -6.390  1.00 12.98 ? 125 LYS A CE  1 
ATOM   954  N NZ  . LYS A 1 126 ? 6.550   -10.963 -5.989  1.00 15.31 ? 125 LYS A NZ  1 
ATOM   955  N N   . GLN A 1 127 ? 12.299  -5.576  -5.692  1.00 15.89 ? 126 GLN A N   1 
ATOM   956  C CA  . GLN A 1 127 ? 13.695  -5.418  -5.298  1.00 15.44 ? 126 GLN A CA  1 
ATOM   957  C C   . GLN A 1 127 ? 13.982  -6.434  -4.197  1.00 15.35 ? 126 GLN A C   1 
ATOM   958  O O   . GLN A 1 127 ? 15.135  -6.722  -3.881  1.00 15.76 ? 126 GLN A O   1 
ATOM   959  C CB  . GLN A 1 127 ? 13.943  -3.995  -4.804  1.00 11.90 ? 126 GLN A CB  1 
ATOM   960  C CG  . GLN A 1 127 ? 13.540  -2.951  -5.815  1.00 13.84 ? 126 GLN A CG  1 
ATOM   961  C CD  . GLN A 1 127 ? 14.037  -1.566  -5.462  1.00 16.38 ? 126 GLN A CD  1 
ATOM   962  O OE1 . GLN A 1 127 ? 15.241  -1.317  -5.435  1.00 16.25 ? 126 GLN A OE1 1 
ATOM   963  N NE2 . GLN A 1 127 ? 13.109  -0.655  -5.194  1.00 14.90 ? 126 GLN A NE2 1 
ATOM   964  N N   . ILE A 1 128 ? 12.906  -6.968  -3.622  1.00 16.27 ? 127 ILE A N   1 
ATOM   965  C CA  . ILE A 1 128 ? 12.958  -7.990  -2.573  1.00 16.06 ? 127 ILE A CA  1 
ATOM   966  C C   . ILE A 1 128 ? 11.803  -8.932  -2.908  1.00 18.25 ? 127 ILE A C   1 
ATOM   967  O O   . ILE A 1 128 ? 10.671  -8.478  -3.097  1.00 18.77 ? 127 ILE A O   1 
ATOM   968  C CB  . ILE A 1 128 ? 12.713  -7.398  -1.160  1.00 12.57 ? 127 ILE A CB  1 
ATOM   969  C CG1 . ILE A 1 128 ? 13.728  -6.291  -0.868  1.00 12.56 ? 127 ILE A CG1 1 
ATOM   970  C CG2 . ILE A 1 128 ? 12.842  -8.496  -0.107  1.00 12.23 ? 127 ILE A CG2 1 
ATOM   971  C CD1 . ILE A 1 128 ? 13.525  -5.603  0.471   1.00 11.61 ? 127 ILE A CD1 1 
ATOM   972  N N   . SER A 1 129 ? 12.078  -10.231 -2.990  1.00 16.78 ? 128 SER A N   1 
ATOM   973  C CA  . SER A 1 129 ? 11.032  -11.193 -3.330  1.00 16.37 ? 128 SER A CA  1 
ATOM   974  C C   . SER A 1 129 ? 10.587  -12.044 -2.147  1.00 15.17 ? 128 SER A C   1 
ATOM   975  O O   . SER A 1 129 ? 11.172  -11.989 -1.066  1.00 15.28 ? 128 SER A O   1 
ATOM   976  C CB  . SER A 1 129 ? 11.500  -12.115 -4.455  1.00 23.61 ? 128 SER A CB  1 
ATOM   977  O OG  . SER A 1 129 ? 12.405  -13.083 -3.962  1.00 29.11 ? 128 SER A OG  1 
ATOM   978  N N   . GLY A 1 130 ? 9.539   -12.831 -2.363  1.00 15.52 ? 129 GLY A N   1 
ATOM   979  C CA  . GLY A 1 130 ? 9.022   -13.676 -1.306  1.00 15.30 ? 129 GLY A CA  1 
ATOM   980  C C   . GLY A 1 130 ? 7.554   -13.408 -1.050  1.00 15.75 ? 129 GLY A C   1 
ATOM   981  O O   . GLY A 1 130 ? 6.955   -12.513 -1.650  1.00 15.87 ? 129 GLY A O   1 
ATOM   982  N N   . LEU A 1 131 ? 6.963   -14.172 -0.142  1.00 15.95 ? 130 LEU A N   1 
ATOM   983  C CA  . LEU A 1 131 ? 5.550   -13.997 0.146   1.00 15.90 ? 130 LEU A CA  1 
ATOM   984  C C   . LEU A 1 131 ? 5.285   -12.879 1.142   1.00 13.75 ? 130 LEU A C   1 
ATOM   985  O O   . LEU A 1 131 ? 6.148   -12.525 1.944   1.00 12.98 ? 130 LEU A O   1 
ATOM   986  C CB  . LEU A 1 131 ? 4.954   -15.319 0.645   1.00 28.54 ? 130 LEU A CB  1 
ATOM   987  C CG  . LEU A 1 131 ? 5.601   -15.998 1.852   1.00 30.32 ? 130 LEU A CG  1 
ATOM   988  C CD1 . LEU A 1 131 ? 5.170   -15.283 3.124   1.00 31.60 ? 130 LEU A CD1 1 
ATOM   989  C CD2 . LEU A 1 131 ? 5.178   -17.467 1.907   1.00 29.45 ? 130 LEU A CD2 1 
ATOM   990  N N   . THR A 1 132 ? 4.081   -12.323 1.070   1.00 11.47 ? 131 THR A N   1 
ATOM   991  C CA  . THR A 1 132 ? 3.665   -11.251 1.966   1.00 12.17 ? 131 THR A CA  1 
ATOM   992  C C   . THR A 1 132 ? 3.005   -11.887 3.178   1.00 12.75 ? 131 THR A C   1 
ATOM   993  O O   . THR A 1 132 ? 1.969   -12.543 3.061   1.00 12.70 ? 131 THR A O   1 
ATOM   994  C CB  . THR A 1 132 ? 2.681   -10.306 1.257   1.00 12.53 ? 131 THR A CB  1 
ATOM   995  O OG1 . THR A 1 132 ? 3.361   -9.649  0.181   1.00 11.84 ? 131 THR A OG1 1 
ATOM   996  C CG2 . THR A 1 132 ? 2.135   -9.260  2.228   1.00 12.89 ? 131 THR A CG2 1 
ATOM   997  N N   . SER A 1 133 ? 3.631   -11.687 4.334   1.00 14.04 ? 132 SER A N   1 
ATOM   998  C CA  . SER A 1 133 ? 3.186   -12.247 5.605   1.00 14.92 ? 132 SER A CA  1 
ATOM   999  C C   . SER A 1 133 ? 2.359   -11.294 6.468   1.00 14.54 ? 132 SER A C   1 
ATOM   1000 O O   . SER A 1 133 ? 1.593   -11.732 7.327   1.00 14.26 ? 132 SER A O   1 
ATOM   1001 C CB  . SER A 1 133 ? 4.417   -12.721 6.393   1.00 19.48 ? 132 SER A CB  1 
ATOM   1002 O OG  . SER A 1 133 ? 4.053   -13.235 7.659   1.00 22.21 ? 132 SER A OG  1 
ATOM   1003 N N   . SER A 1 134 ? 2.515   -9.993  6.252   1.00 16.09 ? 133 SER A N   1 
ATOM   1004 C CA  . SER A 1 134 ? 1.763   -9.018  7.031   1.00 18.17 ? 133 SER A CA  1 
ATOM   1005 C C   . SER A 1 134 ? 1.552   -7.718  6.258   1.00 17.15 ? 133 SER A C   1 
ATOM   1006 O O   . SER A 1 134 ? 2.138   -7.515  5.191   1.00 17.54 ? 133 SER A O   1 
ATOM   1007 C CB  . SER A 1 134 ? 2.474   -8.741  8.364   1.00 15.44 ? 133 SER A CB  1 
ATOM   1008 O OG  . SER A 1 134 ? 3.739   -8.135  8.167   1.00 19.80 ? 133 SER A OG  1 
ATOM   1009 N N   . LEU A 1 135 ? 0.702   -6.851  6.800   1.00 14.25 ? 134 LEU A N   1 
ATOM   1010 C CA  . LEU A 1 135 ? 0.389   -5.571  6.171   1.00 14.45 ? 134 LEU A CA  1 
ATOM   1011 C C   . LEU A 1 135 ? 0.364   -4.454  7.204   1.00 12.72 ? 134 LEU A C   1 
ATOM   1012 O O   . LEU A 1 135 ? 0.201   -4.703  8.399   1.00 12.00 ? 134 LEU A O   1 
ATOM   1013 C CB  . LEU A 1 135 ? -0.991  -5.621  5.507   1.00 11.25 ? 134 LEU A CB  1 
ATOM   1014 C CG  . LEU A 1 135 ? -1.348  -6.767  4.564   1.00 10.64 ? 134 LEU A CG  1 
ATOM   1015 C CD1 . LEU A 1 135 ? -2.815  -6.680  4.160   1.00 10.12 ? 134 LEU A CD1 1 
ATOM   1016 C CD2 . LEU A 1 135 ? -0.459  -6.703  3.350   1.00 12.11 ? 134 LEU A CD2 1 
ATOM   1017 N N   . SER A 1 136 ? 0.513   -3.216  6.743   1.00 13.46 ? 135 SER A N   1 
ATOM   1018 C CA  . SER A 1 136 ? 0.454   -2.080  7.654   1.00 13.94 ? 135 SER A CA  1 
ATOM   1019 C C   . SER A 1 136 ? -0.017  -0.824  6.939   1.00 14.25 ? 135 SER A C   1 
ATOM   1020 O O   . SER A 1 136 ? 0.113   -0.696  5.719   1.00 13.82 ? 135 SER A O   1 
ATOM   1021 C CB  . SER A 1 136 ? 1.818   -1.806  8.300   1.00 14.85 ? 135 SER A CB  1 
ATOM   1022 O OG  . SER A 1 136 ? 2.669   -1.089  7.418   1.00 13.22 ? 135 SER A OG  1 
ATOM   1023 N N   . TYR A 1 137 ? -0.587  0.084   7.723   1.00 12.68 ? 136 TYR A N   1 
ATOM   1024 C CA  . TYR A 1 137 ? -1.092  1.364   7.246   1.00 13.74 ? 136 TYR A CA  1 
ATOM   1025 C C   . TYR A 1 137 ? -0.652  2.379   8.294   1.00 11.63 ? 136 TYR A C   1 
ATOM   1026 O O   . TYR A 1 137 ? -1.102  2.332   9.435   1.00 13.19 ? 136 TYR A O   1 
ATOM   1027 C CB  . TYR A 1 137 ? -2.624  1.311   7.131   1.00 12.89 ? 136 TYR A CB  1 
ATOM   1028 C CG  . TYR A 1 137 ? -3.340  2.644   7.235   1.00 13.23 ? 136 TYR A CG  1 
ATOM   1029 C CD1 . TYR A 1 137 ? -2.863  3.780   6.576   1.00 12.09 ? 136 TYR A CD1 1 
ATOM   1030 C CD2 . TYR A 1 137 ? -4.516  2.760   7.974   1.00 11.71 ? 136 TYR A CD2 1 
ATOM   1031 C CE1 . TYR A 1 137 ? -3.545  5.004   6.656   1.00 13.33 ? 136 TYR A CE1 1 
ATOM   1032 C CE2 . TYR A 1 137 ? -5.206  3.975   8.053   1.00 13.55 ? 136 TYR A CE2 1 
ATOM   1033 C CZ  . TYR A 1 137 ? -4.717  5.091   7.394   1.00 13.25 ? 136 TYR A CZ  1 
ATOM   1034 O OH  . TYR A 1 137 ? -5.406  6.289   7.463   1.00 12.17 ? 136 TYR A OH  1 
ATOM   1035 N N   . ASN A 1 138 ? 0.248   3.278   7.910   1.00 13.75 ? 137 ASN A N   1 
ATOM   1036 C CA  . ASN A 1 138 ? 0.754   4.281   8.833   1.00 13.58 ? 137 ASN A CA  1 
ATOM   1037 C C   . ASN A 1 138 ? 0.343   5.695   8.436   1.00 15.53 ? 137 ASN A C   1 
ATOM   1038 O O   . ASN A 1 138 ? 0.265   6.039   7.251   1.00 14.55 ? 137 ASN A O   1 
ATOM   1039 C CB  . ASN A 1 138 ? 2.283   4.188   8.917   1.00 14.57 ? 137 ASN A CB  1 
ATOM   1040 C CG  . ASN A 1 138 ? 2.836   4.760   10.213  1.00 15.31 ? 137 ASN A CG  1 
ATOM   1041 O OD1 . ASN A 1 138 ? 2.083   5.137   11.114  1.00 15.37 ? 137 ASN A OD1 1 
ATOM   1042 N ND2 . ASN A 1 138 ? 4.160   4.820   10.314  1.00 17.86 ? 137 ASN A ND2 1 
ATOM   1043 N N   . ALA A 1 139 ? 0.072   6.503   9.454   1.00 15.94 ? 138 ALA A N   1 
ATOM   1044 C CA  . ALA A 1 139 ? -0.335  7.884   9.279   1.00 18.96 ? 138 ALA A CA  1 
ATOM   1045 C C   . ALA A 1 139 ? -0.694  8.433   10.651  1.00 22.59 ? 138 ALA A C   1 
ATOM   1046 O O   . ALA A 1 139 ? -0.973  7.670   11.583  1.00 21.07 ? 138 ALA A O   1 
ATOM   1047 C CB  . ALA A 1 139 ? -1.549  7.963   8.359   1.00 19.14 ? 138 ALA A CB  1 
ATOM   1048 N N   . THR A 1 140 ? -0.683  9.756   10.769  1.00 23.46 ? 139 THR A N   1 
ATOM   1049 C CA  . THR A 1 140 ? -1.039  10.411  12.018  1.00 27.21 ? 139 THR A CA  1 
ATOM   1050 C C   . THR A 1 140 ? -2.558  10.481  12.065  1.00 28.01 ? 139 THR A C   1 
ATOM   1051 O O   . THR A 1 140 ? -3.237  10.121  11.098  1.00 27.17 ? 139 THR A O   1 
ATOM   1052 C CB  . THR A 1 140 ? -0.484  11.842  12.085  1.00 37.81 ? 139 THR A CB  1 
ATOM   1053 O OG1 . THR A 1 140 ? -0.811  12.531  10.873  1.00 40.53 ? 139 THR A OG1 1 
ATOM   1054 C CG2 . THR A 1 140 ? 1.025   11.824  12.271  1.00 40.42 ? 139 THR A CG2 1 
ATOM   1055 N N   . GLU A 1 141 ? -3.096  10.953  13.182  1.00 34.98 ? 140 GLU A N   1 
ATOM   1056 C CA  . GLU A 1 141 ? -4.540  11.047  13.320  1.00 35.49 ? 140 GLU A CA  1 
ATOM   1057 C C   . GLU A 1 141 ? -5.072  12.299  12.631  1.00 34.22 ? 140 GLU A C   1 
ATOM   1058 O O   . GLU A 1 141 ? -6.269  12.409  12.372  1.00 34.27 ? 140 GLU A O   1 
ATOM   1059 C CB  . GLU A 1 141 ? -4.921  11.066  14.803  1.00 56.15 ? 140 GLU A CB  1 
ATOM   1060 C CG  . GLU A 1 141 ? -6.366  10.665  15.096  1.00 61.11 ? 140 GLU A CG  1 
ATOM   1061 C CD  . GLU A 1 141 ? -7.379  11.726  14.710  1.00 62.82 ? 140 GLU A CD  1 
ATOM   1062 O OE1 . GLU A 1 141 ? -7.299  12.855  15.244  1.00 64.03 ? 140 GLU A OE1 1 
ATOM   1063 O OE2 . GLU A 1 141 ? -8.263  11.428  13.877  1.00 64.61 ? 140 GLU A OE2 1 
ATOM   1064 N N   . GLU A 1 142 ? -4.181  13.231  12.303  1.00 24.87 ? 141 GLU A N   1 
ATOM   1065 C CA  . GLU A 1 142 ? -4.613  14.477  11.682  1.00 22.23 ? 141 GLU A CA  1 
ATOM   1066 C C   . GLU A 1 142 ? -4.363  14.667  10.184  1.00 20.37 ? 141 GLU A C   1 
ATOM   1067 O O   . GLU A 1 142 ? -5.135  15.362  9.523   1.00 18.60 ? 141 GLU A O   1 
ATOM   1068 C CB  . GLU A 1 142 ? -3.999  15.659  12.437  1.00 45.82 ? 141 GLU A CB  1 
ATOM   1069 C CG  . GLU A 1 142 ? -4.237  15.638  13.941  1.00 51.29 ? 141 GLU A CG  1 
ATOM   1070 C CD  . GLU A 1 142 ? -5.703  15.790  14.315  1.00 55.11 ? 141 GLU A CD  1 
ATOM   1071 O OE1 . GLU A 1 142 ? -6.023  15.705  15.521  1.00 57.11 ? 141 GLU A OE1 1 
ATOM   1072 O OE2 . GLU A 1 142 ? -6.535  16.002  13.406  1.00 56.57 ? 141 GLU A OE2 1 
ATOM   1073 N N   . THR A 1 143 ? -3.317  14.057  9.631   1.00 16.32 ? 142 THR A N   1 
ATOM   1074 C CA  . THR A 1 143 ? -3.025  14.271  8.216   1.00 16.03 ? 142 THR A CA  1 
ATOM   1075 C C   . THR A 1 143 ? -3.068  13.094  7.246   1.00 13.39 ? 142 THR A C   1 
ATOM   1076 O O   . THR A 1 143 ? -2.526  13.184  6.147   1.00 12.58 ? 142 THR A O   1 
ATOM   1077 C CB  . THR A 1 143 ? -1.661  14.960  8.053   1.00 21.11 ? 142 THR A CB  1 
ATOM   1078 O OG1 . THR A 1 143 ? -0.647  14.149  8.658   1.00 22.98 ? 142 THR A OG1 1 
ATOM   1079 C CG2 . THR A 1 143 ? -1.680  16.332  8.725   1.00 22.31 ? 142 THR A CG2 1 
ATOM   1080 N N   . SER A 1 144 ? -3.717  11.999  7.621   1.00 15.82 ? 143 SER A N   1 
ATOM   1081 C CA  . SER A 1 144 ? -3.794  10.857  6.715   1.00 13.76 ? 143 SER A CA  1 
ATOM   1082 C C   . SER A 1 144 ? -4.731  11.166  5.556   1.00 15.25 ? 143 SER A C   1 
ATOM   1083 O O   . SER A 1 144 ? -5.708  11.895  5.727   1.00 15.27 ? 143 SER A O   1 
ATOM   1084 C CB  . SER A 1 144 ? -4.319  9.621   7.443   1.00 12.66 ? 143 SER A CB  1 
ATOM   1085 O OG  . SER A 1 144 ? -4.360  8.517   6.557   1.00 12.71 ? 143 SER A OG  1 
ATOM   1086 N N   . ILE A 1 145 ? -4.437  10.623  4.377   1.00 11.09 ? 144 ILE A N   1 
ATOM   1087 C CA  . ILE A 1 145 ? -5.319  10.841  3.237   1.00 12.13 ? 144 ILE A CA  1 
ATOM   1088 C C   . ILE A 1 145 ? -6.455  9.816   3.288   1.00 11.49 ? 144 ILE A C   1 
ATOM   1089 O O   . ILE A 1 145 ? -7.432  9.919   2.544   1.00 11.69 ? 144 ILE A O   1 
ATOM   1090 C CB  . ILE A 1 145 ? -4.574  10.717  1.881   1.00 11.92 ? 144 ILE A CB  1 
ATOM   1091 C CG1 . ILE A 1 145 ? -3.850  9.371   1.786   1.00 14.63 ? 144 ILE A CG1 1 
ATOM   1092 C CG2 . ILE A 1 145 ? -3.574  11.858  1.735   1.00 15.12 ? 144 ILE A CG2 1 
ATOM   1093 C CD1 . ILE A 1 145 ? -3.292  9.080   0.410   1.00 17.50 ? 144 ILE A CD1 1 
ATOM   1094 N N   . PHE A 1 146 ? -6.330  8.835   4.180   1.00 13.37 ? 145 PHE A N   1 
ATOM   1095 C CA  . PHE A 1 146 ? -7.351  7.803   4.314   1.00 12.83 ? 145 PHE A CA  1 
ATOM   1096 C C   . PHE A 1 146 ? -8.075  7.882   5.654   1.00 13.50 ? 145 PHE A C   1 
ATOM   1097 O O   . PHE A 1 146 ? -7.692  8.643   6.543   1.00 12.85 ? 145 PHE A O   1 
ATOM   1098 C CB  . PHE A 1 146 ? -6.741  6.402   4.166   1.00 12.50 ? 145 PHE A CB  1 
ATOM   1099 C CG  . PHE A 1 146 ? -6.107  6.142   2.823   1.00 13.11 ? 145 PHE A CG  1 
ATOM   1100 C CD1 . PHE A 1 146 ? -6.661  6.661   1.656   1.00 13.04 ? 145 PHE A CD1 1 
ATOM   1101 C CD2 . PHE A 1 146 ? -4.969  5.344   2.728   1.00 13.51 ? 145 PHE A CD2 1 
ATOM   1102 C CE1 . PHE A 1 146 ? -6.093  6.389   0.410   1.00 13.96 ? 145 PHE A CE1 1 
ATOM   1103 C CE2 . PHE A 1 146 ? -4.393  5.063   1.491   1.00 13.41 ? 145 PHE A CE2 1 
ATOM   1104 C CZ  . PHE A 1 146 ? -4.956  5.586   0.330   1.00 13.92 ? 145 PHE A CZ  1 
ATOM   1105 N N   . SER A 1 147 ? -9.124  7.077   5.782   1.00 14.90 ? 146 SER A N   1 
ATOM   1106 C CA  . SER A 1 147 ? -9.914  7.014   7.003   1.00 15.84 ? 146 SER A CA  1 
ATOM   1107 C C   . SER A 1 147 ? -9.056  6.431   8.122   1.00 16.20 ? 146 SER A C   1 
ATOM   1108 O O   . SER A 1 147 ? -8.036  5.792   7.857   1.00 15.76 ? 146 SER A O   1 
ATOM   1109 C CB  . SER A 1 147 ? -11.139 6.126   6.779   1.00 19.18 ? 146 SER A CB  1 
ATOM   1110 O OG  . SER A 1 147 ? -11.865 6.571   5.646   1.00 24.94 ? 146 SER A OG  1 
ATOM   1111 N N   . THR A 1 148 ? -9.474  6.648   9.366   1.00 12.99 ? 147 THR A N   1 
ATOM   1112 C CA  . THR A 1 148 ? -8.740  6.141   10.522  1.00 14.58 ? 147 THR A CA  1 
ATOM   1113 C C   . THR A 1 148 ? -8.585  4.626   10.428  1.00 13.37 ? 147 THR A C   1 
ATOM   1114 O O   . THR A 1 148 ? -7.583  4.064   10.858  1.00 12.54 ? 147 THR A O   1 
ATOM   1115 C CB  . THR A 1 148 ? -9.452  6.507   11.842  1.00 21.80 ? 147 THR A CB  1 
ATOM   1116 O OG1 . THR A 1 148 ? -10.754 5.914   11.874  1.00 28.29 ? 147 THR A OG1 1 
ATOM   1117 C CG2 . THR A 1 148 ? -9.605  8.006   11.956  1.00 19.19 ? 147 THR A CG2 1 
ATOM   1118 N N   . VAL A 1 149 ? -9.591  3.968   9.871   1.00 14.70 ? 148 VAL A N   1 
ATOM   1119 C CA  . VAL A 1 149 ? -9.536  2.525   9.699   1.00 13.84 ? 148 VAL A CA  1 
ATOM   1120 C C   . VAL A 1 149 ? -9.617  2.208   8.219   1.00 14.25 ? 148 VAL A C   1 
ATOM   1121 O O   . VAL A 1 149 ? -10.433 2.773   7.496   1.00 14.16 ? 148 VAL A O   1 
ATOM   1122 C CB  . VAL A 1 149 ? -10.698 1.804   10.421  1.00 12.74 ? 148 VAL A CB  1 
ATOM   1123 C CG1 . VAL A 1 149 ? -10.613 0.299   10.155  1.00 12.76 ? 148 VAL A CG1 1 
ATOM   1124 C CG2 . VAL A 1 149 ? -10.633 2.071   11.921  1.00 12.06 ? 148 VAL A CG2 1 
ATOM   1125 N N   . VAL A 1 150 ? -8.746  1.316   7.773   1.00 13.35 ? 149 VAL A N   1 
ATOM   1126 C CA  . VAL A 1 150 ? -8.714  0.893   6.382   1.00 14.39 ? 149 VAL A CA  1 
ATOM   1127 C C   . VAL A 1 150 ? -8.882  -0.619  6.379   1.00 13.52 ? 149 VAL A C   1 
ATOM   1128 O O   . VAL A 1 150 ? -8.182  -1.319  7.105   1.00 12.46 ? 149 VAL A O   1 
ATOM   1129 C CB  . VAL A 1 150 ? -7.360  1.259   5.720   1.00 12.02 ? 149 VAL A CB  1 
ATOM   1130 C CG1 . VAL A 1 150 ? -7.195  0.511   4.406   1.00 15.42 ? 149 VAL A CG1 1 
ATOM   1131 C CG2 . VAL A 1 150 ? -7.300  2.759   5.478   1.00 12.15 ? 149 VAL A CG2 1 
ATOM   1132 N N   . GLU A 1 151 ? -9.827  -1.114  5.585   1.00 12.32 ? 150 GLU A N   1 
ATOM   1133 C CA  . GLU A 1 151 ? -10.052 -2.547  5.499   1.00 14.28 ? 150 GLU A CA  1 
ATOM   1134 C C   . GLU A 1 151 ? -9.137  -3.134  4.436   1.00 12.63 ? 150 GLU A C   1 
ATOM   1135 O O   . GLU A 1 151 ? -9.043  -2.603  3.329   1.00 13.57 ? 150 GLU A O   1 
ATOM   1136 C CB  . GLU A 1 151 ? -11.500 -2.865  5.105   1.00 20.27 ? 150 GLU A CB  1 
ATOM   1137 C CG  . GLU A 1 151 ? -12.561 -2.597  6.159   1.00 26.18 ? 150 GLU A CG  1 
ATOM   1138 C CD  . GLU A 1 151 ? -13.026 -1.157  6.190   1.00 28.23 ? 150 GLU A CD  1 
ATOM   1139 O OE1 . GLU A 1 151 ? -12.809 -0.429  5.194   1.00 29.85 ? 150 GLU A OE1 1 
ATOM   1140 O OE2 . GLU A 1 151 ? -13.626 -0.757  7.210   1.00 29.92 ? 150 GLU A OE2 1 
ATOM   1141 N N   . ALA A 1 152 ? -8.464  -4.225  4.777   1.00 11.78 ? 151 ALA A N   1 
ATOM   1142 C CA  . ALA A 1 152 ? -7.595  -4.904  3.833   1.00 11.27 ? 151 ALA A CA  1 
ATOM   1143 C C   . ALA A 1 152 ? -8.246  -6.251  3.556   1.00 11.95 ? 151 ALA A C   1 
ATOM   1144 O O   . ALA A 1 152 ? -8.630  -6.964  4.476   1.00 13.40 ? 151 ALA A O   1 
ATOM   1145 C CB  . ALA A 1 152 ? -6.204  -5.098  4.421   1.00 11.52 ? 151 ALA A CB  1 
ATOM   1146 N N   . VAL A 1 153 ? -8.376  -6.585  2.279   1.00 12.44 ? 152 VAL A N   1 
ATOM   1147 C CA  . VAL A 1 153 ? -8.988  -7.836  1.870   1.00 12.97 ? 152 VAL A CA  1 
ATOM   1148 C C   . VAL A 1 153 ? -8.018  -8.566  0.964   1.00 12.54 ? 152 VAL A C   1 
ATOM   1149 O O   . VAL A 1 153 ? -7.564  -8.007  -0.038  1.00 12.52 ? 152 VAL A O   1 
ATOM   1150 C CB  . VAL A 1 153 ? -10.296 -7.569  1.091   1.00 15.97 ? 152 VAL A CB  1 
ATOM   1151 C CG1 . VAL A 1 153 ? -10.956 -8.883  0.681   1.00 14.69 ? 152 VAL A CG1 1 
ATOM   1152 C CG2 . VAL A 1 153 ? -11.232 -6.734  1.950   1.00 16.08 ? 152 VAL A CG2 1 
ATOM   1153 N N   . THR A 1 154 ? -7.679  -9.802  1.317   1.00 11.77 ? 153 THR A N   1 
ATOM   1154 C CA  . THR A 1 154 ? -6.772  -10.576 0.482   1.00 11.96 ? 153 THR A CA  1 
ATOM   1155 C C   . THR A 1 154 ? -7.514  -11.687 -0.240  1.00 12.11 ? 153 THR A C   1 
ATOM   1156 O O   . THR A 1 154 ? -8.466  -12.270 0.287   1.00 11.25 ? 153 THR A O   1 
ATOM   1157 C CB  . THR A 1 154 ? -5.616  -11.220 1.294   1.00 14.65 ? 153 THR A CB  1 
ATOM   1158 O OG1 . THR A 1 154 ? -6.149  -12.145 2.250   1.00 13.46 ? 153 THR A OG1 1 
ATOM   1159 C CG2 . THR A 1 154 ? -4.802  -10.153 2.020   1.00 13.68 ? 153 THR A CG2 1 
ATOM   1160 N N   . TYR A 1 155 ? -7.079  -11.958 -1.465  1.00 12.70 ? 154 TYR A N   1 
ATOM   1161 C CA  . TYR A 1 155 ? -7.655  -13.021 -2.269  1.00 13.31 ? 154 TYR A CA  1 
ATOM   1162 C C   . TYR A 1 155 ? -6.480  -13.956 -2.528  1.00 13.71 ? 154 TYR A C   1 
ATOM   1163 O O   . TYR A 1 155 ? -5.533  -13.616 -3.249  1.00 11.88 ? 154 TYR A O   1 
ATOM   1164 C CB  . TYR A 1 155 ? -8.231  -12.457 -3.569  1.00 9.18  ? 154 TYR A CB  1 
ATOM   1165 C CG  . TYR A 1 155 ? -9.229  -11.331 -3.359  1.00 9.40  ? 154 TYR A CG  1 
ATOM   1166 C CD1 . TYR A 1 155 ? -8.804  -10.007 -3.231  1.00 10.48 ? 154 TYR A CD1 1 
ATOM   1167 C CD2 . TYR A 1 155 ? -10.599 -11.590 -3.288  1.00 10.76 ? 154 TYR A CD2 1 
ATOM   1168 C CE1 . TYR A 1 155 ? -9.721  -8.967  -3.045  1.00 10.55 ? 154 TYR A CE1 1 
ATOM   1169 C CE2 . TYR A 1 155 ? -11.524 -10.559 -3.097  1.00 10.35 ? 154 TYR A CE2 1 
ATOM   1170 C CZ  . TYR A 1 155 ? -11.075 -9.252  -2.979  1.00 9.00  ? 154 TYR A CZ  1 
ATOM   1171 O OH  . TYR A 1 155 ? -11.985 -8.232  -2.805  1.00 11.50 ? 154 TYR A OH  1 
ATOM   1172 N N   . THR A 1 156 ? -6.529  -15.126 -1.906  1.00 11.02 ? 155 THR A N   1 
ATOM   1173 C CA  . THR A 1 156 ? -5.442  -16.085 -2.022  1.00 12.14 ? 155 THR A CA  1 
ATOM   1174 C C   . THR A 1 156 ? -5.844  -17.415 -2.643  1.00 12.47 ? 155 THR A C   1 
ATOM   1175 O O   . THR A 1 156 ? -7.033  -17.710 -2.805  1.00 12.61 ? 155 THR A O   1 
ATOM   1176 C CB  . THR A 1 156 ? -4.817  -16.345 -0.640  1.00 11.15 ? 155 THR A CB  1 
ATOM   1177 O OG1 . THR A 1 156 ? -5.841  -16.760 0.274   1.00 10.60 ? 155 THR A OG1 1 
ATOM   1178 C CG2 . THR A 1 156 ? -4.152  -15.075 -0.112  1.00 13.38 ? 155 THR A CG2 1 
ATOM   1179 N N   . GLY A 1 157 ? -4.831  -18.201 -2.993  1.00 15.31 ? 156 GLY A N   1 
ATOM   1180 C CA  . GLY A 1 157 ? -5.044  -19.502 -3.606  1.00 17.25 ? 156 GLY A CA  1 
ATOM   1181 C C   . GLY A 1 157 ? -5.498  -19.377 -5.046  1.00 18.39 ? 156 GLY A C   1 
ATOM   1182 O O   . GLY A 1 157 ? -6.040  -20.322 -5.617  1.00 18.12 ? 156 GLY A O   1 
ATOM   1183 N N   . LEU A 1 158 ? -5.266  -18.212 -5.640  1.00 12.75 ? 157 LEU A N   1 
ATOM   1184 C CA  . LEU A 1 158 ? -5.686  -17.952 -7.009  1.00 17.49 ? 157 LEU A CA  1 
ATOM   1185 C C   . LEU A 1 158 ? -4.894  -18.651 -8.107  1.00 19.01 ? 157 LEU A C   1 
ATOM   1186 O O   . LEU A 1 158 ? -5.472  -19.077 -9.107  1.00 20.53 ? 157 LEU A O   1 
ATOM   1187 C CB  . LEU A 1 158 ? -5.702  -16.441 -7.276  1.00 25.06 ? 157 LEU A CB  1 
ATOM   1188 C CG  . LEU A 1 158 ? -6.989  -15.707 -6.881  1.00 28.59 ? 157 LEU A CG  1 
ATOM   1189 C CD1 . LEU A 1 158 ? -8.157  -16.326 -7.636  1.00 31.44 ? 157 LEU A CD1 1 
ATOM   1190 C CD2 . LEU A 1 158 ? -7.234  -15.803 -5.398  1.00 28.17 ? 157 LEU A CD2 1 
ATOM   1191 N N   . ALA A 1 159 ? -3.584  -18.778 -7.922  1.00 29.30 ? 158 ALA A N   1 
ATOM   1192 C CA  . ALA A 1 159 ? -2.730  -19.413 -8.924  1.00 33.10 ? 158 ALA A CA  1 
ATOM   1193 C C   . ALA A 1 159 ? -2.940  -20.921 -9.000  1.00 35.74 ? 158 ALA A C   1 
ATOM   1194 O O   . ALA A 1 159 ? -3.208  -21.408 -10.120 1.00 37.00 ? 158 ALA A O   1 
ATOM   1195 C CB  . ALA A 1 159 ? -1.267  -19.108 -8.631  1.00 35.67 ? 158 ALA A CB  1 
HETATM 1196 O O   . HOH B 2 .   ? 4.472   -10.961 -2.099  1.00 14.95 ? 167 HOH A O   1 
HETATM 1197 O O   . HOH B 2 .   ? -7.742  -0.317  -6.691  1.00 17.01 ? 168 HOH A O   1 
HETATM 1198 O O   . HOH B 2 .   ? 9.840   -5.930  -3.944  1.00 12.92 ? 169 HOH A O   1 
HETATM 1199 O O   . HOH B 2 .   ? -1.757  -11.404 -8.902  1.00 17.33 ? 170 HOH A O   1 
HETATM 1200 O O   . HOH B 2 .   ? -4.618  -13.176 4.262   1.00 11.45 ? 171 HOH A O   1 
HETATM 1201 O O   . HOH B 2 .   ? -1.844  -17.658 -6.076  1.00 16.39 ? 172 HOH A O   1 
HETATM 1202 O O   . HOH B 2 .   ? 7.682   -10.596 -3.158  1.00 13.74 ? 173 HOH A O   1 
HETATM 1203 O O   . HOH B 2 .   ? 5.617   -13.621 -4.919  1.00 15.28 ? 174 HOH A O   1 
HETATM 1204 O O   . HOH B 2 .   ? -1.597  -18.276 0.628   1.00 19.79 ? 175 HOH A O   1 
HETATM 1205 O O   . HOH B 2 .   ? -2.079  -18.100 -2.109  1.00 14.46 ? 176 HOH A O   1 
HETATM 1206 O O   . HOH B 2 .   ? 4.148   0.511   9.196   1.00 19.19 ? 177 HOH A O   1 
HETATM 1207 O O   . HOH B 2 .   ? -3.636  21.454  3.742   1.00 15.54 ? 178 HOH A O   1 
HETATM 1208 O O   . HOH B 2 .   ? 17.351  -2.730  2.770   1.00 16.38 ? 179 HOH A O   1 
HETATM 1209 O O   . HOH B 2 .   ? 5.471   7.085   7.679   1.00 15.93 ? 180 HOH A O   1 
HETATM 1210 O O   . HOH B 2 .   ? 11.325  -12.262 1.686   1.00 21.33 ? 181 HOH A O   1 
HETATM 1211 O O   . HOH B 2 .   ? -2.183  -9.571  13.482  1.00 21.49 ? 182 HOH A O   1 
HETATM 1212 O O   . HOH B 2 .   ? -8.848  16.542  2.609   1.00 16.73 ? 183 HOH A O   1 
HETATM 1213 O O   . HOH B 2 .   ? -6.831  13.683  7.299   1.00 23.22 ? 184 HOH A O   1 
HETATM 1214 O O   . HOH B 2 .   ? -5.195  1.493   -15.844 1.00 20.80 ? 185 HOH A O   1 
HETATM 1215 O O   . HOH B 2 .   ? 6.230   10.238  7.551   1.00 19.64 ? 186 HOH A O   1 
HETATM 1216 O O   . HOH B 2 .   ? -17.708 7.848   -5.194  1.00 23.51 ? 187 HOH A O   1 
HETATM 1217 O O   . HOH B 2 .   ? -11.705 12.181  -4.010  1.00 22.17 ? 188 HOH A O   1 
HETATM 1218 O O   . HOH B 2 .   ? 12.608  6.072   -0.762  1.00 13.88 ? 189 HOH A O   1 
HETATM 1219 O O   . HOH B 2 .   ? -13.180 11.873  2.110   1.00 24.25 ? 190 HOH A O   1 
HETATM 1220 O O   . HOH B 2 .   ? 5.857   -15.317 -2.829  1.00 21.93 ? 191 HOH A O   1 
HETATM 1221 O O   . HOH B 2 .   ? -7.775  6.757   -10.408 1.00 23.13 ? 192 HOH A O   1 
HETATM 1222 O O   . HOH B 2 .   ? -12.548 4.921   9.904   1.00 14.17 ? 193 HOH A O   1 
HETATM 1223 O O   . HOH B 2 .   ? -7.469  -1.134  -13.551 1.00 21.10 ? 194 HOH A O   1 
HETATM 1224 O O   . HOH B 2 .   ? -5.315  -1.986  13.767  1.00 18.95 ? 195 HOH A O   1 
HETATM 1225 O O   . HOH B 2 .   ? -7.067  -14.547 1.417   1.00 14.78 ? 196 HOH A O   1 
HETATM 1226 O O   . HOH B 2 .   ? 8.180   -13.400 -5.106  1.00 18.63 ? 197 HOH A O   1 
HETATM 1227 O O   . HOH B 2 .   ? -5.952  11.704  9.590   1.00 26.58 ? 198 HOH A O   1 
HETATM 1228 O O   . HOH B 2 .   ? 17.267  -5.576  -4.893  1.00 25.62 ? 199 HOH A O   1 
HETATM 1229 O O   . HOH B 2 .   ? 5.885   -9.947  8.718   1.00 22.03 ? 200 HOH A O   1 
HETATM 1230 O O   . HOH B 2 .   ? 8.682   -13.168 2.780   1.00 17.29 ? 201 HOH A O   1 
HETATM 1231 O O   . HOH B 2 .   ? 11.374  -13.194 4.911   1.00 15.85 ? 202 HOH A O   1 
HETATM 1232 O O   . HOH B 2 .   ? -10.344 -17.710 4.446   1.00 24.21 ? 203 HOH A O   1 
HETATM 1233 O O   . HOH B 2 .   ? -5.124  17.757  7.879   1.00 23.12 ? 204 HOH A O   1 
HETATM 1234 O O   . HOH B 2 .   ? 2.818   20.035  -7.557  1.00 28.02 ? 205 HOH A O   1 
HETATM 1235 O O   . HOH B 2 .   ? -12.011 12.860  -9.929  1.00 29.78 ? 206 HOH A O   1 
HETATM 1236 O O   . HOH B 2 .   ? 8.960   6.838   2.939   1.00 26.46 ? 207 HOH A O   1 
HETATM 1237 O O   . HOH B 2 .   ? 2.676   7.839   7.218   1.00 23.36 ? 208 HOH A O   1 
HETATM 1238 O O   . HOH B 2 .   ? 2.695   12.266  8.905   1.00 30.58 ? 209 HOH A O   1 
HETATM 1239 O O   . HOH B 2 .   ? 4.187   -19.504 -3.431  1.00 20.44 ? 210 HOH A O   1 
HETATM 1240 O O   . HOH B 2 .   ? -2.191  16.078  -5.181  1.00 21.43 ? 211 HOH A O   1 
HETATM 1241 O O   . HOH B 2 .   ? 17.094  -3.207  -6.260  1.00 17.55 ? 212 HOH A O   1 
HETATM 1242 O O   . HOH B 2 .   ? -4.464  17.029  -3.529  1.00 25.95 ? 213 HOH A O   1 
HETATM 1243 O O   . HOH B 2 .   ? 18.121  -6.116  8.094   1.00 35.71 ? 214 HOH A O   1 
HETATM 1244 O O   . HOH B 2 .   ? 0.548   -2.527  15.161  1.00 18.82 ? 215 HOH A O   1 
HETATM 1245 O O   . HOH B 2 .   ? 17.181  -7.246  -2.076  1.00 29.47 ? 216 HOH A O   1 
HETATM 1246 O O   . HOH B 2 .   ? -9.746  15.774  -0.896  1.00 21.11 ? 217 HOH A O   1 
HETATM 1247 O O   . HOH B 2 .   ? 12.245  -8.125  -10.055 1.00 27.89 ? 218 HOH A O   1 
HETATM 1248 O O   . HOH B 2 .   ? -18.776 4.831   -1.728  1.00 24.54 ? 219 HOH A O   1 
HETATM 1249 O O   . HOH B 2 .   ? -4.204  -23.163 -4.031  1.00 27.27 ? 220 HOH A O   1 
HETATM 1250 O O   . HOH B 2 .   ? -7.680  9.523   9.180   1.00 23.86 ? 221 HOH A O   1 
HETATM 1251 O O   . HOH B 2 .   ? 12.692  -14.759 -1.630  1.00 25.47 ? 222 HOH A O   1 
HETATM 1252 O O   . HOH B 2 .   ? -5.892  21.371  -0.572  1.00 29.53 ? 223 HOH A O   1 
HETATM 1253 O O   . HOH B 2 .   ? 20.498  -6.470  11.693  1.00 28.98 ? 224 HOH A O   1 
HETATM 1254 O O   . HOH B 2 .   ? -8.555  13.285  -7.439  1.00 22.03 ? 225 HOH A O   1 
HETATM 1255 O O   . HOH B 2 .   ? 0.091   11.036  8.710   1.00 29.56 ? 226 HOH A O   1 
HETATM 1256 O O   . HOH B 2 .   ? 20.059  1.754   -1.038  1.00 21.16 ? 227 HOH A O   1 
HETATM 1257 O O   . HOH B 2 .   ? -4.775  -10.648 11.970  1.00 27.01 ? 228 HOH A O   1 
HETATM 1258 O O   . HOH B 2 .   ? 13.139  7.997   -8.446  1.00 29.21 ? 229 HOH A O   1 
HETATM 1259 O O   . HOH B 2 .   ? -5.621  8.769   11.443  1.00 26.47 ? 230 HOH A O   1 
HETATM 1260 O O   . HOH B 2 .   ? 10.536  2.576   7.461   1.00 20.02 ? 231 HOH A O   1 
HETATM 1261 O O   . HOH B 2 .   ? 9.242   13.354  -8.871  1.00 29.22 ? 232 HOH A O   1 
HETATM 1262 O O   . HOH B 2 .   ? -3.896  -15.283 -10.261 1.00 28.79 ? 233 HOH A O   1 
HETATM 1263 O O   . HOH B 2 .   ? 5.199   20.076  -4.220  1.00 31.12 ? 234 HOH A O   1 
HETATM 1264 O O   . HOH B 2 .   ? -4.610  12.505  17.469  1.00 38.92 ? 235 HOH A O   1 
HETATM 1265 O O   . HOH B 2 .   ? 5.298   10.822  -12.437 1.00 25.10 ? 236 HOH A O   1 
HETATM 1266 O O   . HOH B 2 .   ? -12.144 14.480  3.008   1.00 27.72 ? 237 HOH A O   1 
HETATM 1267 O O   . HOH B 2 .   ? -16.123 9.321   4.449   1.00 31.50 ? 238 HOH A O   1 
HETATM 1268 O O   . HOH B 2 .   ? 1.664   14.898  9.153   1.00 24.70 ? 239 HOH A O   1 
HETATM 1269 O O   . HOH B 2 .   ? -3.089  18.459  -1.605  1.00 25.11 ? 240 HOH A O   1 
HETATM 1270 O O   . HOH B 2 .   ? 5.038   18.281  8.577   1.00 32.92 ? 241 HOH A O   1 
HETATM 1271 O O   . HOH B 2 .   ? 1.611   -14.395 8.368   1.00 25.34 ? 242 HOH A O   1 
HETATM 1272 O O   . HOH B 2 .   ? 9.575   -4.082  9.635   1.00 25.67 ? 243 HOH A O   1 
HETATM 1273 O O   . HOH B 2 .   ? 0.898   18.010  -11.155 1.00 28.22 ? 244 HOH A O   1 
HETATM 1274 O O   . HOH B 2 .   ? 13.016  -10.313 3.206   1.00 16.98 ? 245 HOH A O   1 
HETATM 1275 O O   . HOH B 2 .   ? -15.554 1.864   -14.251 1.00 27.13 ? 246 HOH A O   1 
HETATM 1276 O O   . HOH B 2 .   ? 10.372  6.469   -10.924 1.00 27.80 ? 247 HOH A O   1 
HETATM 1277 O O   . HOH B 2 .   ? 5.455   6.337   13.009  1.00 33.17 ? 248 HOH A O   1 
# 
loop_
_pdbx_poly_seq_scheme.asym_id 
_pdbx_poly_seq_scheme.entity_id 
_pdbx_poly_seq_scheme.seq_id 
_pdbx_poly_seq_scheme.mon_id 
_pdbx_poly_seq_scheme.ndb_seq_num 
_pdbx_poly_seq_scheme.pdb_seq_num 
_pdbx_poly_seq_scheme.auth_seq_num 
_pdbx_poly_seq_scheme.pdb_mon_id 
_pdbx_poly_seq_scheme.auth_mon_id 
_pdbx_poly_seq_scheme.pdb_strand_id 
_pdbx_poly_seq_scheme.pdb_ins_code 
_pdbx_poly_seq_scheme.hetero 
A 1 1   MET 1   0   ?   ?   ?   A . n 
A 1 2   GLN 2   1   1   GLN GLN A . n 
A 1 3   GLY 3   2   2   GLY GLY A . n 
A 1 4   VAL 4   3   3   VAL VAL A . n 
A 1 5   ASN 5   4   4   ASN ASN A . n 
A 1 6   ILE 6   5   5   ILE ILE A . n 
A 1 7   TYR 7   6   6   TYR TYR A . n 
A 1 8   ASN 8   7   7   ASN ASN A . n 
A 1 9   ILE 9   8   8   ILE ILE A . n 
A 1 10  SER 10  9   9   SER SER A . n 
A 1 11  ALA 11  10  10  ALA ALA A . n 
A 1 12  GLY 12  11  11  GLY GLY A . n 
A 1 13  THR 13  12  12  THR THR A . n 
A 1 14  SER 14  13  13  SER SER A . n 
A 1 15  VAL 15  14  14  VAL VAL A . n 
A 1 16  ASP 16  15  15  ASP ASP A . n 
A 1 17  LEU 17  16  16  LEU LEU A . n 
A 1 18  ALA 18  17  17  ALA ALA A . n 
A 1 19  ALA 19  18  18  ALA ALA A . n 
A 1 20  PRO 20  19  19  PRO PRO A . n 
A 1 21  VAL 21  20  20  VAL VAL A . n 
A 1 22  THR 22  21  21  THR THR A . n 
A 1 23  THR 23  22  22  THR THR A . n 
A 1 24  GLY 24  23  23  GLY GLY A . n 
A 1 25  ASP 25  24  24  ASP ASP A . n 
A 1 26  ILE 26  25  25  ILE ILE A . n 
A 1 27  VAL 27  26  26  VAL VAL A . n 
A 1 28  THR 28  27  27  THR THR A . n 
A 1 29  PHE 29  28  28  PHE PHE A . n 
A 1 30  PHE 30  29  29  PHE PHE A . n 
A 1 31  SER 31  30  30  SER SER A . n 
A 1 32  SER 32  31  31  SER SER A . n 
A 1 33  ALA 33  32  32  ALA ALA A . n 
A 1 34  ALA 34  33  33  ALA ALA A . n 
A 1 35  ASN 35  34  34  ASN ASN A . n 
A 1 36  LEU 36  35  35  LEU LEU A . n 
A 1 37  ASN 37  36  36  ASN ASN A . n 
A 1 38  ALA 38  37  37  ALA ALA A . n 
A 1 39  GLY 39  38  38  GLY GLY A . n 
A 1 40  ALA 40  39  39  ALA ALA A . n 
A 1 41  GLY 41  40  40  GLY GLY A . n 
A 1 42  ASN 42  41  41  ASN ASN A . n 
A 1 43  PRO 43  42  42  PRO PRO A . n 
A 1 44  ASN 44  43  43  ASN ASN A . n 
A 1 45  ASN 45  44  44  ASN ASN A . n 
A 1 46  THR 46  45  45  THR THR A . n 
A 1 47  THR 47  46  46  THR THR A . n 
A 1 48  LEU 48  47  47  LEU LEU A . n 
A 1 49  ASN 49  48  48  ASN ASN A . n 
A 1 50  LEU 50  49  49  LEU LEU A . n 
A 1 51  PHE 51  50  50  PHE PHE A . n 
A 1 52  ALA 52  51  51  ALA ALA A . n 
A 1 53  GLU 53  52  52  GLU GLU A . n 
A 1 54  ASN 54  53  53  ASN ASN A . n 
A 1 55  GLY 55  54  54  GLY GLY A . n 
A 1 56  ALA 56  55  55  ALA ALA A . n 
A 1 57  TYR 57  56  56  TYR TYR A . n 
A 1 58  LEU 58  57  57  LEU LEU A . n 
A 1 59  LEU 59  58  58  LEU LEU A . n 
A 1 60  HIS 60  59  59  HIS HIS A . n 
A 1 61  ILE 61  60  60  ILE ILE A . n 
A 1 62  ALA 62  61  61  ALA ALA A . n 
A 1 63  PHE 63  62  62  PHE PHE A . n 
A 1 64  ARG 64  63  63  ARG ARG A . n 
A 1 65  LEU 65  64  64  LEU LEU A . n 
A 1 66  GLN 66  65  65  GLN GLN A . n 
A 1 67  GLU 67  66  66  GLU GLU A . n 
A 1 68  ASN 68  67  67  ASN ASN A . n 
A 1 69  VAL 69  68  68  VAL VAL A . n 
A 1 70  ILE 70  69  69  ILE ILE A . n 
A 1 71  ILE 71  70  70  ILE ILE A . n 
A 1 72  PHE 72  71  71  PHE PHE A . n 
A 1 73  ASN 73  72  72  ASN ASN A . n 
A 1 74  SER 74  73  73  SER SER A . n 
A 1 75  ARG 75  74  74  ARG ARG A . n 
A 1 76  GLN 76  75  75  GLN GLN A . n 
A 1 77  PRO 77  76  76  PRO PRO A . n 
A 1 78  ASP 78  77  77  ASP ASP A . n 
A 1 79  GLY 79  78  78  GLY GLY A . n 
A 1 80  PRO 80  79  79  PRO PRO A . n 
A 1 81  TRP 81  80  80  TRP TRP A . n 
A 1 82  LEU 82  81  81  LEU LEU A . n 
A 1 83  VAL 83  82  82  VAL VAL A . n 
A 1 84  GLU 84  83  83  GLU GLU A . n 
A 1 85  GLN 85  84  84  GLN GLN A . n 
A 1 86  ARG 86  85  85  ARG ARG A . n 
A 1 87  VAL 87  86  86  VAL VAL A . n 
A 1 88  SER 88  87  87  SER SER A . n 
A 1 89  ASP 89  88  88  ASP ASP A . n 
A 1 90  VAL 90  89  89  VAL VAL A . n 
A 1 91  ALA 91  90  90  ALA ALA A . n 
A 1 92  ASN 92  91  91  ASN ASN A . n 
A 1 93  GLN 93  92  92  GLN GLN A . n 
A 1 94  PHE 94  93  93  PHE PHE A . n 
A 1 95  ALA 95  94  94  ALA ALA A . n 
A 1 96  GLY 96  95  95  GLY GLY A . n 
A 1 97  ILE 97  96  96  ILE ILE A . n 
A 1 98  ASP 98  97  97  ASP ASP A . n 
A 1 99  GLY 99  98  98  GLY GLY A . n 
A 1 100 LYS 100 99  99  LYS LYS A . n 
A 1 101 ALA 101 100 100 ALA ALA A . n 
A 1 102 MET 102 101 101 MET MET A . n 
A 1 103 VAL 103 102 102 VAL VAL A . n 
A 1 104 THR 104 103 103 THR THR A . n 
A 1 105 VAL 105 104 104 VAL VAL A . n 
A 1 106 PHE 106 105 105 PHE PHE A . n 
A 1 107 ASP 107 106 106 ASP ASP A . n 
A 1 108 HIS 108 107 107 HIS HIS A . n 
A 1 109 GLY 109 108 108 GLY GLY A . n 
A 1 110 ASP 110 109 109 ASP ASP A . n 
A 1 111 LYS 111 110 110 LYS LYS A . n 
A 1 112 TYR 112 111 111 TYR TYR A . n 
A 1 113 GLN 113 112 112 GLN GLN A . n 
A 1 114 VAL 114 113 113 VAL VAL A . n 
A 1 115 VAL 115 114 114 VAL VAL A . n 
A 1 116 ILE 116 115 115 ILE ILE A . n 
A 1 117 ASN 117 116 116 ASN ASN A . n 
A 1 118 GLU 118 117 117 GLU GLU A . n 
A 1 119 LYS 119 118 118 LYS LYS A . n 
A 1 120 THR 120 119 119 THR THR A . n 
A 1 121 VAL 121 120 120 VAL VAL A . n 
A 1 122 ILE 122 121 121 ILE ILE A . n 
A 1 123 GLN 123 122 122 GLN GLN A . n 
A 1 124 TYR 124 123 123 TYR TYR A . n 
A 1 125 THR 125 124 124 THR THR A . n 
A 1 126 LYS 126 125 125 LYS LYS A . n 
A 1 127 GLN 127 126 126 GLN GLN A . n 
A 1 128 ILE 128 127 127 ILE ILE A . n 
A 1 129 SER 129 128 128 SER SER A . n 
A 1 130 GLY 130 129 129 GLY GLY A . n 
A 1 131 LEU 131 130 130 LEU LEU A . n 
A 1 132 THR 132 131 131 THR THR A . n 
A 1 133 SER 133 132 132 SER SER A . n 
A 1 134 SER 134 133 133 SER SER A . n 
A 1 135 LEU 135 134 134 LEU LEU A . n 
A 1 136 SER 136 135 135 SER SER A . n 
A 1 137 TYR 137 136 136 TYR TYR A . n 
A 1 138 ASN 138 137 137 ASN ASN A . n 
A 1 139 ALA 139 138 138 ALA ALA A . n 
A 1 140 THR 140 139 139 THR THR A . n 
A 1 141 GLU 141 140 140 GLU GLU A . n 
A 1 142 GLU 142 141 141 GLU GLU A . n 
A 1 143 THR 143 142 142 THR THR A . n 
A 1 144 SER 144 143 143 SER SER A . n 
A 1 145 ILE 145 144 144 ILE ILE A . n 
A 1 146 PHE 146 145 145 PHE PHE A . n 
A 1 147 SER 147 146 146 SER SER A . n 
A 1 148 THR 148 147 147 THR THR A . n 
A 1 149 VAL 149 148 148 VAL VAL A . n 
A 1 150 VAL 150 149 149 VAL VAL A . n 
A 1 151 GLU 151 150 150 GLU GLU A . n 
A 1 152 ALA 152 151 151 ALA ALA A . n 
A 1 153 VAL 153 152 152 VAL VAL A . n 
A 1 154 THR 154 153 153 THR THR A . n 
A 1 155 TYR 155 154 154 TYR TYR A . n 
A 1 156 THR 156 155 155 THR THR A . n 
A 1 157 GLY 157 156 156 GLY GLY A . n 
A 1 158 LEU 158 157 157 LEU LEU A . n 
A 1 159 ALA 159 158 158 ALA ALA A . n 
A 1 160 LEU 160 159 ?   ?   ?   A . n 
A 1 161 GLU 161 160 ?   ?   ?   A . n 
A 1 162 HIS 162 161 ?   ?   ?   A . n 
A 1 163 HIS 163 162 ?   ?   ?   A . n 
A 1 164 HIS 164 163 ?   ?   ?   A . n 
A 1 165 HIS 165 164 ?   ?   ?   A . n 
A 1 166 HIS 166 165 ?   ?   ?   A . n 
A 1 167 HIS 167 166 ?   ?   ?   A . n 
# 
loop_
_pdbx_nonpoly_scheme.asym_id 
_pdbx_nonpoly_scheme.entity_id 
_pdbx_nonpoly_scheme.mon_id 
_pdbx_nonpoly_scheme.ndb_seq_num 
_pdbx_nonpoly_scheme.pdb_seq_num 
_pdbx_nonpoly_scheme.auth_seq_num 
_pdbx_nonpoly_scheme.pdb_mon_id 
_pdbx_nonpoly_scheme.auth_mon_id 
_pdbx_nonpoly_scheme.pdb_strand_id 
_pdbx_nonpoly_scheme.pdb_ins_code 
B 2 HOH 1  167 1  HOH HOH A . 
B 2 HOH 2  168 2  HOH HOH A . 
B 2 HOH 3  169 3  HOH HOH A . 
B 2 HOH 4  170 4  HOH HOH A . 
B 2 HOH 5  171 5  HOH HOH A . 
B 2 HOH 6  172 6  HOH HOH A . 
B 2 HOH 7  173 7  HOH HOH A . 
B 2 HOH 8  174 8  HOH HOH A . 
B 2 HOH 9  175 9  HOH HOH A . 
B 2 HOH 10 176 10 HOH HOH A . 
B 2 HOH 11 177 11 HOH HOH A . 
B 2 HOH 12 178 12 HOH HOH A . 
B 2 HOH 13 179 13 HOH HOH A . 
B 2 HOH 14 180 14 HOH HOH A . 
B 2 HOH 15 181 15 HOH HOH A . 
B 2 HOH 16 182 16 HOH HOH A . 
B 2 HOH 17 183 17 HOH HOH A . 
B 2 HOH 18 184 18 HOH HOH A . 
B 2 HOH 19 185 19 HOH HOH A . 
B 2 HOH 20 186 20 HOH HOH A . 
B 2 HOH 21 187 21 HOH HOH A . 
B 2 HOH 22 188 22 HOH HOH A . 
B 2 HOH 23 189 23 HOH HOH A . 
B 2 HOH 24 190 24 HOH HOH A . 
B 2 HOH 25 191 25 HOH HOH A . 
B 2 HOH 26 192 26 HOH HOH A . 
B 2 HOH 27 193 27 HOH HOH A . 
B 2 HOH 28 194 28 HOH HOH A . 
B 2 HOH 29 195 29 HOH HOH A . 
B 2 HOH 30 196 30 HOH HOH A . 
B 2 HOH 31 197 31 HOH HOH A . 
B 2 HOH 32 198 32 HOH HOH A . 
B 2 HOH 33 199 33 HOH HOH A . 
B 2 HOH 34 200 34 HOH HOH A . 
B 2 HOH 35 201 35 HOH HOH A . 
B 2 HOH 36 202 36 HOH HOH A . 
B 2 HOH 37 203 37 HOH HOH A . 
B 2 HOH 38 204 38 HOH HOH A . 
B 2 HOH 39 205 39 HOH HOH A . 
B 2 HOH 40 206 40 HOH HOH A . 
B 2 HOH 41 207 41 HOH HOH A . 
B 2 HOH 42 208 42 HOH HOH A . 
B 2 HOH 43 209 43 HOH HOH A . 
B 2 HOH 44 210 44 HOH HOH A . 
B 2 HOH 45 211 45 HOH HOH A . 
B 2 HOH 46 212 46 HOH HOH A . 
B 2 HOH 47 213 47 HOH HOH A . 
B 2 HOH 48 214 48 HOH HOH A . 
B 2 HOH 49 215 49 HOH HOH A . 
B 2 HOH 50 216 50 HOH HOH A . 
B 2 HOH 51 217 51 HOH HOH A . 
B 2 HOH 52 218 52 HOH HOH A . 
B 2 HOH 53 219 53 HOH HOH A . 
B 2 HOH 54 220 54 HOH HOH A . 
B 2 HOH 55 221 55 HOH HOH A . 
B 2 HOH 56 222 56 HOH HOH A . 
B 2 HOH 57 223 57 HOH HOH A . 
B 2 HOH 58 224 58 HOH HOH A . 
B 2 HOH 59 225 59 HOH HOH A . 
B 2 HOH 60 226 60 HOH HOH A . 
B 2 HOH 61 227 61 HOH HOH A . 
B 2 HOH 62 228 62 HOH HOH A . 
B 2 HOH 63 229 63 HOH HOH A . 
B 2 HOH 64 230 64 HOH HOH A . 
B 2 HOH 65 231 65 HOH HOH A . 
B 2 HOH 66 232 66 HOH HOH A . 
B 2 HOH 67 233 67 HOH HOH A . 
B 2 HOH 68 234 68 HOH HOH A . 
B 2 HOH 69 235 69 HOH HOH A . 
B 2 HOH 70 236 70 HOH HOH A . 
B 2 HOH 71 237 71 HOH HOH A . 
B 2 HOH 72 238 72 HOH HOH A . 
B 2 HOH 73 239 73 HOH HOH A . 
B 2 HOH 74 240 74 HOH HOH A . 
B 2 HOH 75 241 75 HOH HOH A . 
B 2 HOH 76 242 76 HOH HOH A . 
B 2 HOH 77 243 77 HOH HOH A . 
B 2 HOH 78 244 78 HOH HOH A . 
B 2 HOH 79 245 79 HOH HOH A . 
B 2 HOH 80 246 80 HOH HOH A . 
B 2 HOH 81 247 81 HOH HOH A . 
B 2 HOH 82 248 82 HOH HOH A . 
# 
_pdbx_struct_assembly.id                   1 
_pdbx_struct_assembly.details              author_and_software_defined_assembly 
_pdbx_struct_assembly.method_details       PISA 
_pdbx_struct_assembly.oligomeric_details   dimeric 
_pdbx_struct_assembly.oligomeric_count     2 
# 
_pdbx_struct_assembly_gen.assembly_id       1 
_pdbx_struct_assembly_gen.oper_expression   1,2 
_pdbx_struct_assembly_gen.asym_id_list      A,B 
# 
loop_
_pdbx_struct_assembly_prop.biol_id 
_pdbx_struct_assembly_prop.type 
_pdbx_struct_assembly_prop.value 
_pdbx_struct_assembly_prop.details 
1 'ABSA (A^2)' 1850  ? 
1 MORE         -14   ? 
1 'SSA (A^2)'  12470 ? 
# 
loop_
_pdbx_struct_oper_list.id 
_pdbx_struct_oper_list.type 
_pdbx_struct_oper_list.name 
_pdbx_struct_oper_list.symmetry_operation 
_pdbx_struct_oper_list.matrix[1][1] 
_pdbx_struct_oper_list.matrix[1][2] 
_pdbx_struct_oper_list.matrix[1][3] 
_pdbx_struct_oper_list.vector[1] 
_pdbx_struct_oper_list.matrix[2][1] 
_pdbx_struct_oper_list.matrix[2][2] 
_pdbx_struct_oper_list.matrix[2][3] 
_pdbx_struct_oper_list.vector[2] 
_pdbx_struct_oper_list.matrix[3][1] 
_pdbx_struct_oper_list.matrix[3][2] 
_pdbx_struct_oper_list.matrix[3][3] 
_pdbx_struct_oper_list.vector[3] 
1 'identity operation'         1_555 x,y,z   1.0000000000  0.0000000000  0.0000000000  0.0000000000   0.0000000000  1.0000000000  0.0000000000 0.0000000000   0.0000000000  0.0000000000 1.0000000000  0.0000000000  
2 'crystal symmetry operation' 2_555 -x,y,-z -0.6541250327 -0.5732960277 -0.4934086605 -24.6908790909 -0.5732960277 -0.0497481274 0.8178366514 -11.1073097721 -0.4934086605 0.8178366514 -0.2961268400 -4.4023962325 
# 
loop_
_pdbx_audit_revision_history.ordinal 
_pdbx_audit_revision_history.data_content_type 
_pdbx_audit_revision_history.major_revision 
_pdbx_audit_revision_history.minor_revision 
_pdbx_audit_revision_history.revision_date 
1 'Structure model' 1 0 2009-01-20 
2 'Structure model' 1 1 2011-07-13 
3 'Structure model' 1 2 2021-11-10 
4 'Structure model' 1 3 2023-11-01 
# 
_pdbx_audit_revision_details.ordinal             1 
_pdbx_audit_revision_details.revision_ordinal    1 
_pdbx_audit_revision_details.data_content_type   'Structure model' 
_pdbx_audit_revision_details.provider            repository 
_pdbx_audit_revision_details.type                'Initial release' 
_pdbx_audit_revision_details.description         ? 
_pdbx_audit_revision_details.details             ? 
# 
loop_
_pdbx_audit_revision_group.ordinal 
_pdbx_audit_revision_group.revision_ordinal 
_pdbx_audit_revision_group.data_content_type 
_pdbx_audit_revision_group.group 
1 2 'Structure model' 'Version format compliance' 
2 3 'Structure model' 'Database references'       
3 4 'Structure model' 'Data collection'           
4 4 'Structure model' 'Refinement description'    
# 
loop_
_pdbx_audit_revision_category.ordinal 
_pdbx_audit_revision_category.revision_ordinal 
_pdbx_audit_revision_category.data_content_type 
_pdbx_audit_revision_category.category 
1 3 'Structure model' database_2                    
2 3 'Structure model' struct_ref_seq_dif            
3 4 'Structure model' chem_comp_atom                
4 4 'Structure model' chem_comp_bond                
5 4 'Structure model' pdbx_initial_refinement_model 
# 
loop_
_pdbx_audit_revision_item.ordinal 
_pdbx_audit_revision_item.revision_ordinal 
_pdbx_audit_revision_item.data_content_type 
_pdbx_audit_revision_item.item 
1 3 'Structure model' '_database_2.pdbx_DOI'                
2 3 'Structure model' '_database_2.pdbx_database_accession' 
3 3 'Structure model' '_struct_ref_seq_dif.details'         
# 
loop_
_software.name 
_software.classification 
_software.version 
_software.citation_id 
_software.pdbx_ordinal 
CNS          refinement        1.2 ? 1 
CrystalClear 'data collection' .   ? 2 
MOSFLM       'data reduction'  .   ? 3 
SCALA        'data scaling'    .   ? 4 
PHASER       phasing           .   ? 5 
# 
_pdbx_entry_details.sequence_details         'THIS SEQUENCE IS ALLELE OF UNP Q6WY08.' 
_pdbx_entry_details.entry_id                 2ZGR 
_pdbx_entry_details.compound_details         ? 
_pdbx_entry_details.source_details           ? 
_pdbx_entry_details.nonpolymer_details       ? 
_pdbx_entry_details.has_ligand_of_interest   ? 
# 
loop_
_pdbx_validate_torsion.id 
_pdbx_validate_torsion.PDB_model_num 
_pdbx_validate_torsion.auth_comp_id 
_pdbx_validate_torsion.auth_asym_id 
_pdbx_validate_torsion.auth_seq_id 
_pdbx_validate_torsion.PDB_ins_code 
_pdbx_validate_torsion.label_alt_id 
_pdbx_validate_torsion.phi 
_pdbx_validate_torsion.psi 
1 1 LEU A 81  ? ? -87.06  -142.61 
2 1 ASP A 88  ? ? 71.78   87.85   
3 1 ASN A 116 ? ? 65.21   -106.02 
4 1 ILE A 121 ? ? -172.11 149.60  
5 1 ALA A 138 ? ? 174.10  159.59  
# 
loop_
_pdbx_unobs_or_zero_occ_residues.id 
_pdbx_unobs_or_zero_occ_residues.PDB_model_num 
_pdbx_unobs_or_zero_occ_residues.polymer_flag 
_pdbx_unobs_or_zero_occ_residues.occupancy_flag 
_pdbx_unobs_or_zero_occ_residues.auth_asym_id 
_pdbx_unobs_or_zero_occ_residues.auth_comp_id 
_pdbx_unobs_or_zero_occ_residues.auth_seq_id 
_pdbx_unobs_or_zero_occ_residues.PDB_ins_code 
_pdbx_unobs_or_zero_occ_residues.label_asym_id 
_pdbx_unobs_or_zero_occ_residues.label_comp_id 
_pdbx_unobs_or_zero_occ_residues.label_seq_id 
1 1 Y 1 A MET 0   ? A MET 1   
2 1 Y 1 A LEU 159 ? A LEU 160 
3 1 Y 1 A GLU 160 ? A GLU 161 
4 1 Y 1 A HIS 161 ? A HIS 162 
5 1 Y 1 A HIS 162 ? A HIS 163 
6 1 Y 1 A HIS 163 ? A HIS 164 
7 1 Y 1 A HIS 164 ? A HIS 165 
8 1 Y 1 A HIS 165 ? A HIS 166 
9 1 Y 1 A HIS 166 ? A HIS 167 
# 
loop_
_chem_comp_atom.comp_id 
_chem_comp_atom.atom_id 
_chem_comp_atom.type_symbol 
_chem_comp_atom.pdbx_aromatic_flag 
_chem_comp_atom.pdbx_stereo_config 
_chem_comp_atom.pdbx_ordinal 
ALA N    N N N 1   
ALA CA   C N S 2   
ALA C    C N N 3   
ALA O    O N N 4   
ALA CB   C N N 5   
ALA OXT  O N N 6   
ALA H    H N N 7   
ALA H2   H N N 8   
ALA HA   H N N 9   
ALA HB1  H N N 10  
ALA HB2  H N N 11  
ALA HB3  H N N 12  
ALA HXT  H N N 13  
ARG N    N N N 14  
ARG CA   C N S 15  
ARG C    C N N 16  
ARG O    O N N 17  
ARG CB   C N N 18  
ARG CG   C N N 19  
ARG CD   C N N 20  
ARG NE   N N N 21  
ARG CZ   C N N 22  
ARG NH1  N N N 23  
ARG NH2  N N N 24  
ARG OXT  O N N 25  
ARG H    H N N 26  
ARG H2   H N N 27  
ARG HA   H N N 28  
ARG HB2  H N N 29  
ARG HB3  H N N 30  
ARG HG2  H N N 31  
ARG HG3  H N N 32  
ARG HD2  H N N 33  
ARG HD3  H N N 34  
ARG HE   H N N 35  
ARG HH11 H N N 36  
ARG HH12 H N N 37  
ARG HH21 H N N 38  
ARG HH22 H N N 39  
ARG HXT  H N N 40  
ASN N    N N N 41  
ASN CA   C N S 42  
ASN C    C N N 43  
ASN O    O N N 44  
ASN CB   C N N 45  
ASN CG   C N N 46  
ASN OD1  O N N 47  
ASN ND2  N N N 48  
ASN OXT  O N N 49  
ASN H    H N N 50  
ASN H2   H N N 51  
ASN HA   H N N 52  
ASN HB2  H N N 53  
ASN HB3  H N N 54  
ASN HD21 H N N 55  
ASN HD22 H N N 56  
ASN HXT  H N N 57  
ASP N    N N N 58  
ASP CA   C N S 59  
ASP C    C N N 60  
ASP O    O N N 61  
ASP CB   C N N 62  
ASP CG   C N N 63  
ASP OD1  O N N 64  
ASP OD2  O N N 65  
ASP OXT  O N N 66  
ASP H    H N N 67  
ASP H2   H N N 68  
ASP HA   H N N 69  
ASP HB2  H N N 70  
ASP HB3  H N N 71  
ASP HD2  H N N 72  
ASP HXT  H N N 73  
GLN N    N N N 74  
GLN CA   C N S 75  
GLN C    C N N 76  
GLN O    O N N 77  
GLN CB   C N N 78  
GLN CG   C N N 79  
GLN CD   C N N 80  
GLN OE1  O N N 81  
GLN NE2  N N N 82  
GLN OXT  O N N 83  
GLN H    H N N 84  
GLN H2   H N N 85  
GLN HA   H N N 86  
GLN HB2  H N N 87  
GLN HB3  H N N 88  
GLN HG2  H N N 89  
GLN HG3  H N N 90  
GLN HE21 H N N 91  
GLN HE22 H N N 92  
GLN HXT  H N N 93  
GLU N    N N N 94  
GLU CA   C N S 95  
GLU C    C N N 96  
GLU O    O N N 97  
GLU CB   C N N 98  
GLU CG   C N N 99  
GLU CD   C N N 100 
GLU OE1  O N N 101 
GLU OE2  O N N 102 
GLU OXT  O N N 103 
GLU H    H N N 104 
GLU H2   H N N 105 
GLU HA   H N N 106 
GLU HB2  H N N 107 
GLU HB3  H N N 108 
GLU HG2  H N N 109 
GLU HG3  H N N 110 
GLU HE2  H N N 111 
GLU HXT  H N N 112 
GLY N    N N N 113 
GLY CA   C N N 114 
GLY C    C N N 115 
GLY O    O N N 116 
GLY OXT  O N N 117 
GLY H    H N N 118 
GLY H2   H N N 119 
GLY HA2  H N N 120 
GLY HA3  H N N 121 
GLY HXT  H N N 122 
HIS N    N N N 123 
HIS CA   C N S 124 
HIS C    C N N 125 
HIS O    O N N 126 
HIS CB   C N N 127 
HIS CG   C Y N 128 
HIS ND1  N Y N 129 
HIS CD2  C Y N 130 
HIS CE1  C Y N 131 
HIS NE2  N Y N 132 
HIS OXT  O N N 133 
HIS H    H N N 134 
HIS H2   H N N 135 
HIS HA   H N N 136 
HIS HB2  H N N 137 
HIS HB3  H N N 138 
HIS HD1  H N N 139 
HIS HD2  H N N 140 
HIS HE1  H N N 141 
HIS HE2  H N N 142 
HIS HXT  H N N 143 
HOH O    O N N 144 
HOH H1   H N N 145 
HOH H2   H N N 146 
ILE N    N N N 147 
ILE CA   C N S 148 
ILE C    C N N 149 
ILE O    O N N 150 
ILE CB   C N S 151 
ILE CG1  C N N 152 
ILE CG2  C N N 153 
ILE CD1  C N N 154 
ILE OXT  O N N 155 
ILE H    H N N 156 
ILE H2   H N N 157 
ILE HA   H N N 158 
ILE HB   H N N 159 
ILE HG12 H N N 160 
ILE HG13 H N N 161 
ILE HG21 H N N 162 
ILE HG22 H N N 163 
ILE HG23 H N N 164 
ILE HD11 H N N 165 
ILE HD12 H N N 166 
ILE HD13 H N N 167 
ILE HXT  H N N 168 
LEU N    N N N 169 
LEU CA   C N S 170 
LEU C    C N N 171 
LEU O    O N N 172 
LEU CB   C N N 173 
LEU CG   C N N 174 
LEU CD1  C N N 175 
LEU CD2  C N N 176 
LEU OXT  O N N 177 
LEU H    H N N 178 
LEU H2   H N N 179 
LEU HA   H N N 180 
LEU HB2  H N N 181 
LEU HB3  H N N 182 
LEU HG   H N N 183 
LEU HD11 H N N 184 
LEU HD12 H N N 185 
LEU HD13 H N N 186 
LEU HD21 H N N 187 
LEU HD22 H N N 188 
LEU HD23 H N N 189 
LEU HXT  H N N 190 
LYS N    N N N 191 
LYS CA   C N S 192 
LYS C    C N N 193 
LYS O    O N N 194 
LYS CB   C N N 195 
LYS CG   C N N 196 
LYS CD   C N N 197 
LYS CE   C N N 198 
LYS NZ   N N N 199 
LYS OXT  O N N 200 
LYS H    H N N 201 
LYS H2   H N N 202 
LYS HA   H N N 203 
LYS HB2  H N N 204 
LYS HB3  H N N 205 
LYS HG2  H N N 206 
LYS HG3  H N N 207 
LYS HD2  H N N 208 
LYS HD3  H N N 209 
LYS HE2  H N N 210 
LYS HE3  H N N 211 
LYS HZ1  H N N 212 
LYS HZ2  H N N 213 
LYS HZ3  H N N 214 
LYS HXT  H N N 215 
MET N    N N N 216 
MET CA   C N S 217 
MET C    C N N 218 
MET O    O N N 219 
MET CB   C N N 220 
MET CG   C N N 221 
MET SD   S N N 222 
MET CE   C N N 223 
MET OXT  O N N 224 
MET H    H N N 225 
MET H2   H N N 226 
MET HA   H N N 227 
MET HB2  H N N 228 
MET HB3  H N N 229 
MET HG2  H N N 230 
MET HG3  H N N 231 
MET HE1  H N N 232 
MET HE2  H N N 233 
MET HE3  H N N 234 
MET HXT  H N N 235 
PHE N    N N N 236 
PHE CA   C N S 237 
PHE C    C N N 238 
PHE O    O N N 239 
PHE CB   C N N 240 
PHE CG   C Y N 241 
PHE CD1  C Y N 242 
PHE CD2  C Y N 243 
PHE CE1  C Y N 244 
PHE CE2  C Y N 245 
PHE CZ   C Y N 246 
PHE OXT  O N N 247 
PHE H    H N N 248 
PHE H2   H N N 249 
PHE HA   H N N 250 
PHE HB2  H N N 251 
PHE HB3  H N N 252 
PHE HD1  H N N 253 
PHE HD2  H N N 254 
PHE HE1  H N N 255 
PHE HE2  H N N 256 
PHE HZ   H N N 257 
PHE HXT  H N N 258 
PRO N    N N N 259 
PRO CA   C N S 260 
PRO C    C N N 261 
PRO O    O N N 262 
PRO CB   C N N 263 
PRO CG   C N N 264 
PRO CD   C N N 265 
PRO OXT  O N N 266 
PRO H    H N N 267 
PRO HA   H N N 268 
PRO HB2  H N N 269 
PRO HB3  H N N 270 
PRO HG2  H N N 271 
PRO HG3  H N N 272 
PRO HD2  H N N 273 
PRO HD3  H N N 274 
PRO HXT  H N N 275 
SER N    N N N 276 
SER CA   C N S 277 
SER C    C N N 278 
SER O    O N N 279 
SER CB   C N N 280 
SER OG   O N N 281 
SER OXT  O N N 282 
SER H    H N N 283 
SER H2   H N N 284 
SER HA   H N N 285 
SER HB2  H N N 286 
SER HB3  H N N 287 
SER HG   H N N 288 
SER HXT  H N N 289 
THR N    N N N 290 
THR CA   C N S 291 
THR C    C N N 292 
THR O    O N N 293 
THR CB   C N R 294 
THR OG1  O N N 295 
THR CG2  C N N 296 
THR OXT  O N N 297 
THR H    H N N 298 
THR H2   H N N 299 
THR HA   H N N 300 
THR HB   H N N 301 
THR HG1  H N N 302 
THR HG21 H N N 303 
THR HG22 H N N 304 
THR HG23 H N N 305 
THR HXT  H N N 306 
TRP N    N N N 307 
TRP CA   C N S 308 
TRP C    C N N 309 
TRP O    O N N 310 
TRP CB   C N N 311 
TRP CG   C Y N 312 
TRP CD1  C Y N 313 
TRP CD2  C Y N 314 
TRP NE1  N Y N 315 
TRP CE2  C Y N 316 
TRP CE3  C Y N 317 
TRP CZ2  C Y N 318 
TRP CZ3  C Y N 319 
TRP CH2  C Y N 320 
TRP OXT  O N N 321 
TRP H    H N N 322 
TRP H2   H N N 323 
TRP HA   H N N 324 
TRP HB2  H N N 325 
TRP HB3  H N N 326 
TRP HD1  H N N 327 
TRP HE1  H N N 328 
TRP HE3  H N N 329 
TRP HZ2  H N N 330 
TRP HZ3  H N N 331 
TRP HH2  H N N 332 
TRP HXT  H N N 333 
TYR N    N N N 334 
TYR CA   C N S 335 
TYR C    C N N 336 
TYR O    O N N 337 
TYR CB   C N N 338 
TYR CG   C Y N 339 
TYR CD1  C Y N 340 
TYR CD2  C Y N 341 
TYR CE1  C Y N 342 
TYR CE2  C Y N 343 
TYR CZ   C Y N 344 
TYR OH   O N N 345 
TYR OXT  O N N 346 
TYR H    H N N 347 
TYR H2   H N N 348 
TYR HA   H N N 349 
TYR HB2  H N N 350 
TYR HB3  H N N 351 
TYR HD1  H N N 352 
TYR HD2  H N N 353 
TYR HE1  H N N 354 
TYR HE2  H N N 355 
TYR HH   H N N 356 
TYR HXT  H N N 357 
VAL N    N N N 358 
VAL CA   C N S 359 
VAL C    C N N 360 
VAL O    O N N 361 
VAL CB   C N N 362 
VAL CG1  C N N 363 
VAL CG2  C N N 364 
VAL OXT  O N N 365 
VAL H    H N N 366 
VAL H2   H N N 367 
VAL HA   H N N 368 
VAL HB   H N N 369 
VAL HG11 H N N 370 
VAL HG12 H N N 371 
VAL HG13 H N N 372 
VAL HG21 H N N 373 
VAL HG22 H N N 374 
VAL HG23 H N N 375 
VAL HXT  H N N 376 
# 
loop_
_chem_comp_bond.comp_id 
_chem_comp_bond.atom_id_1 
_chem_comp_bond.atom_id_2 
_chem_comp_bond.value_order 
_chem_comp_bond.pdbx_aromatic_flag 
_chem_comp_bond.pdbx_stereo_config 
_chem_comp_bond.pdbx_ordinal 
ALA N   CA   sing N N 1   
ALA N   H    sing N N 2   
ALA N   H2   sing N N 3   
ALA CA  C    sing N N 4   
ALA CA  CB   sing N N 5   
ALA CA  HA   sing N N 6   
ALA C   O    doub N N 7   
ALA C   OXT  sing N N 8   
ALA CB  HB1  sing N N 9   
ALA CB  HB2  sing N N 10  
ALA CB  HB3  sing N N 11  
ALA OXT HXT  sing N N 12  
ARG N   CA   sing N N 13  
ARG N   H    sing N N 14  
ARG N   H2   sing N N 15  
ARG CA  C    sing N N 16  
ARG CA  CB   sing N N 17  
ARG CA  HA   sing N N 18  
ARG C   O    doub N N 19  
ARG C   OXT  sing N N 20  
ARG CB  CG   sing N N 21  
ARG CB  HB2  sing N N 22  
ARG CB  HB3  sing N N 23  
ARG CG  CD   sing N N 24  
ARG CG  HG2  sing N N 25  
ARG CG  HG3  sing N N 26  
ARG CD  NE   sing N N 27  
ARG CD  HD2  sing N N 28  
ARG CD  HD3  sing N N 29  
ARG NE  CZ   sing N N 30  
ARG NE  HE   sing N N 31  
ARG CZ  NH1  sing N N 32  
ARG CZ  NH2  doub N N 33  
ARG NH1 HH11 sing N N 34  
ARG NH1 HH12 sing N N 35  
ARG NH2 HH21 sing N N 36  
ARG NH2 HH22 sing N N 37  
ARG OXT HXT  sing N N 38  
ASN N   CA   sing N N 39  
ASN N   H    sing N N 40  
ASN N   H2   sing N N 41  
ASN CA  C    sing N N 42  
ASN CA  CB   sing N N 43  
ASN CA  HA   sing N N 44  
ASN C   O    doub N N 45  
ASN C   OXT  sing N N 46  
ASN CB  CG   sing N N 47  
ASN CB  HB2  sing N N 48  
ASN CB  HB3  sing N N 49  
ASN CG  OD1  doub N N 50  
ASN CG  ND2  sing N N 51  
ASN ND2 HD21 sing N N 52  
ASN ND2 HD22 sing N N 53  
ASN OXT HXT  sing N N 54  
ASP N   CA   sing N N 55  
ASP N   H    sing N N 56  
ASP N   H2   sing N N 57  
ASP CA  C    sing N N 58  
ASP CA  CB   sing N N 59  
ASP CA  HA   sing N N 60  
ASP C   O    doub N N 61  
ASP C   OXT  sing N N 62  
ASP CB  CG   sing N N 63  
ASP CB  HB2  sing N N 64  
ASP CB  HB3  sing N N 65  
ASP CG  OD1  doub N N 66  
ASP CG  OD2  sing N N 67  
ASP OD2 HD2  sing N N 68  
ASP OXT HXT  sing N N 69  
GLN N   CA   sing N N 70  
GLN N   H    sing N N 71  
GLN N   H2   sing N N 72  
GLN CA  C    sing N N 73  
GLN CA  CB   sing N N 74  
GLN CA  HA   sing N N 75  
GLN C   O    doub N N 76  
GLN C   OXT  sing N N 77  
GLN CB  CG   sing N N 78  
GLN CB  HB2  sing N N 79  
GLN CB  HB3  sing N N 80  
GLN CG  CD   sing N N 81  
GLN CG  HG2  sing N N 82  
GLN CG  HG3  sing N N 83  
GLN CD  OE1  doub N N 84  
GLN CD  NE2  sing N N 85  
GLN NE2 HE21 sing N N 86  
GLN NE2 HE22 sing N N 87  
GLN OXT HXT  sing N N 88  
GLU N   CA   sing N N 89  
GLU N   H    sing N N 90  
GLU N   H2   sing N N 91  
GLU CA  C    sing N N 92  
GLU CA  CB   sing N N 93  
GLU CA  HA   sing N N 94  
GLU C   O    doub N N 95  
GLU C   OXT  sing N N 96  
GLU CB  CG   sing N N 97  
GLU CB  HB2  sing N N 98  
GLU CB  HB3  sing N N 99  
GLU CG  CD   sing N N 100 
GLU CG  HG2  sing N N 101 
GLU CG  HG3  sing N N 102 
GLU CD  OE1  doub N N 103 
GLU CD  OE2  sing N N 104 
GLU OE2 HE2  sing N N 105 
GLU OXT HXT  sing N N 106 
GLY N   CA   sing N N 107 
GLY N   H    sing N N 108 
GLY N   H2   sing N N 109 
GLY CA  C    sing N N 110 
GLY CA  HA2  sing N N 111 
GLY CA  HA3  sing N N 112 
GLY C   O    doub N N 113 
GLY C   OXT  sing N N 114 
GLY OXT HXT  sing N N 115 
HIS N   CA   sing N N 116 
HIS N   H    sing N N 117 
HIS N   H2   sing N N 118 
HIS CA  C    sing N N 119 
HIS CA  CB   sing N N 120 
HIS CA  HA   sing N N 121 
HIS C   O    doub N N 122 
HIS C   OXT  sing N N 123 
HIS CB  CG   sing N N 124 
HIS CB  HB2  sing N N 125 
HIS CB  HB3  sing N N 126 
HIS CG  ND1  sing Y N 127 
HIS CG  CD2  doub Y N 128 
HIS ND1 CE1  doub Y N 129 
HIS ND1 HD1  sing N N 130 
HIS CD2 NE2  sing Y N 131 
HIS CD2 HD2  sing N N 132 
HIS CE1 NE2  sing Y N 133 
HIS CE1 HE1  sing N N 134 
HIS NE2 HE2  sing N N 135 
HIS OXT HXT  sing N N 136 
HOH O   H1   sing N N 137 
HOH O   H2   sing N N 138 
ILE N   CA   sing N N 139 
ILE N   H    sing N N 140 
ILE N   H2   sing N N 141 
ILE CA  C    sing N N 142 
ILE CA  CB   sing N N 143 
ILE CA  HA   sing N N 144 
ILE C   O    doub N N 145 
ILE C   OXT  sing N N 146 
ILE CB  CG1  sing N N 147 
ILE CB  CG2  sing N N 148 
ILE CB  HB   sing N N 149 
ILE CG1 CD1  sing N N 150 
ILE CG1 HG12 sing N N 151 
ILE CG1 HG13 sing N N 152 
ILE CG2 HG21 sing N N 153 
ILE CG2 HG22 sing N N 154 
ILE CG2 HG23 sing N N 155 
ILE CD1 HD11 sing N N 156 
ILE CD1 HD12 sing N N 157 
ILE CD1 HD13 sing N N 158 
ILE OXT HXT  sing N N 159 
LEU N   CA   sing N N 160 
LEU N   H    sing N N 161 
LEU N   H2   sing N N 162 
LEU CA  C    sing N N 163 
LEU CA  CB   sing N N 164 
LEU CA  HA   sing N N 165 
LEU C   O    doub N N 166 
LEU C   OXT  sing N N 167 
LEU CB  CG   sing N N 168 
LEU CB  HB2  sing N N 169 
LEU CB  HB3  sing N N 170 
LEU CG  CD1  sing N N 171 
LEU CG  CD2  sing N N 172 
LEU CG  HG   sing N N 173 
LEU CD1 HD11 sing N N 174 
LEU CD1 HD12 sing N N 175 
LEU CD1 HD13 sing N N 176 
LEU CD2 HD21 sing N N 177 
LEU CD2 HD22 sing N N 178 
LEU CD2 HD23 sing N N 179 
LEU OXT HXT  sing N N 180 
LYS N   CA   sing N N 181 
LYS N   H    sing N N 182 
LYS N   H2   sing N N 183 
LYS CA  C    sing N N 184 
LYS CA  CB   sing N N 185 
LYS CA  HA   sing N N 186 
LYS C   O    doub N N 187 
LYS C   OXT  sing N N 188 
LYS CB  CG   sing N N 189 
LYS CB  HB2  sing N N 190 
LYS CB  HB3  sing N N 191 
LYS CG  CD   sing N N 192 
LYS CG  HG2  sing N N 193 
LYS CG  HG3  sing N N 194 
LYS CD  CE   sing N N 195 
LYS CD  HD2  sing N N 196 
LYS CD  HD3  sing N N 197 
LYS CE  NZ   sing N N 198 
LYS CE  HE2  sing N N 199 
LYS CE  HE3  sing N N 200 
LYS NZ  HZ1  sing N N 201 
LYS NZ  HZ2  sing N N 202 
LYS NZ  HZ3  sing N N 203 
LYS OXT HXT  sing N N 204 
MET N   CA   sing N N 205 
MET N   H    sing N N 206 
MET N   H2   sing N N 207 
MET CA  C    sing N N 208 
MET CA  CB   sing N N 209 
MET CA  HA   sing N N 210 
MET C   O    doub N N 211 
MET C   OXT  sing N N 212 
MET CB  CG   sing N N 213 
MET CB  HB2  sing N N 214 
MET CB  HB3  sing N N 215 
MET CG  SD   sing N N 216 
MET CG  HG2  sing N N 217 
MET CG  HG3  sing N N 218 
MET SD  CE   sing N N 219 
MET CE  HE1  sing N N 220 
MET CE  HE2  sing N N 221 
MET CE  HE3  sing N N 222 
MET OXT HXT  sing N N 223 
PHE N   CA   sing N N 224 
PHE N   H    sing N N 225 
PHE N   H2   sing N N 226 
PHE CA  C    sing N N 227 
PHE CA  CB   sing N N 228 
PHE CA  HA   sing N N 229 
PHE C   O    doub N N 230 
PHE C   OXT  sing N N 231 
PHE CB  CG   sing N N 232 
PHE CB  HB2  sing N N 233 
PHE CB  HB3  sing N N 234 
PHE CG  CD1  doub Y N 235 
PHE CG  CD2  sing Y N 236 
PHE CD1 CE1  sing Y N 237 
PHE CD1 HD1  sing N N 238 
PHE CD2 CE2  doub Y N 239 
PHE CD2 HD2  sing N N 240 
PHE CE1 CZ   doub Y N 241 
PHE CE1 HE1  sing N N 242 
PHE CE2 CZ   sing Y N 243 
PHE CE2 HE2  sing N N 244 
PHE CZ  HZ   sing N N 245 
PHE OXT HXT  sing N N 246 
PRO N   CA   sing N N 247 
PRO N   CD   sing N N 248 
PRO N   H    sing N N 249 
PRO CA  C    sing N N 250 
PRO CA  CB   sing N N 251 
PRO CA  HA   sing N N 252 
PRO C   O    doub N N 253 
PRO C   OXT  sing N N 254 
PRO CB  CG   sing N N 255 
PRO CB  HB2  sing N N 256 
PRO CB  HB3  sing N N 257 
PRO CG  CD   sing N N 258 
PRO CG  HG2  sing N N 259 
PRO CG  HG3  sing N N 260 
PRO CD  HD2  sing N N 261 
PRO CD  HD3  sing N N 262 
PRO OXT HXT  sing N N 263 
SER N   CA   sing N N 264 
SER N   H    sing N N 265 
SER N   H2   sing N N 266 
SER CA  C    sing N N 267 
SER CA  CB   sing N N 268 
SER CA  HA   sing N N 269 
SER C   O    doub N N 270 
SER C   OXT  sing N N 271 
SER CB  OG   sing N N 272 
SER CB  HB2  sing N N 273 
SER CB  HB3  sing N N 274 
SER OG  HG   sing N N 275 
SER OXT HXT  sing N N 276 
THR N   CA   sing N N 277 
THR N   H    sing N N 278 
THR N   H2   sing N N 279 
THR CA  C    sing N N 280 
THR CA  CB   sing N N 281 
THR CA  HA   sing N N 282 
THR C   O    doub N N 283 
THR C   OXT  sing N N 284 
THR CB  OG1  sing N N 285 
THR CB  CG2  sing N N 286 
THR CB  HB   sing N N 287 
THR OG1 HG1  sing N N 288 
THR CG2 HG21 sing N N 289 
THR CG2 HG22 sing N N 290 
THR CG2 HG23 sing N N 291 
THR OXT HXT  sing N N 292 
TRP N   CA   sing N N 293 
TRP N   H    sing N N 294 
TRP N   H2   sing N N 295 
TRP CA  C    sing N N 296 
TRP CA  CB   sing N N 297 
TRP CA  HA   sing N N 298 
TRP C   O    doub N N 299 
TRP C   OXT  sing N N 300 
TRP CB  CG   sing N N 301 
TRP CB  HB2  sing N N 302 
TRP CB  HB3  sing N N 303 
TRP CG  CD1  doub Y N 304 
TRP CG  CD2  sing Y N 305 
TRP CD1 NE1  sing Y N 306 
TRP CD1 HD1  sing N N 307 
TRP CD2 CE2  doub Y N 308 
TRP CD2 CE3  sing Y N 309 
TRP NE1 CE2  sing Y N 310 
TRP NE1 HE1  sing N N 311 
TRP CE2 CZ2  sing Y N 312 
TRP CE3 CZ3  doub Y N 313 
TRP CE3 HE3  sing N N 314 
TRP CZ2 CH2  doub Y N 315 
TRP CZ2 HZ2  sing N N 316 
TRP CZ3 CH2  sing Y N 317 
TRP CZ3 HZ3  sing N N 318 
TRP CH2 HH2  sing N N 319 
TRP OXT HXT  sing N N 320 
TYR N   CA   sing N N 321 
TYR N   H    sing N N 322 
TYR N   H2   sing N N 323 
TYR CA  C    sing N N 324 
TYR CA  CB   sing N N 325 
TYR CA  HA   sing N N 326 
TYR C   O    doub N N 327 
TYR C   OXT  sing N N 328 
TYR CB  CG   sing N N 329 
TYR CB  HB2  sing N N 330 
TYR CB  HB3  sing N N 331 
TYR CG  CD1  doub Y N 332 
TYR CG  CD2  sing Y N 333 
TYR CD1 CE1  sing Y N 334 
TYR CD1 HD1  sing N N 335 
TYR CD2 CE2  doub Y N 336 
TYR CD2 HD2  sing N N 337 
TYR CE1 CZ   doub Y N 338 
TYR CE1 HE1  sing N N 339 
TYR CE2 CZ   sing Y N 340 
TYR CE2 HE2  sing N N 341 
TYR CZ  OH   sing N N 342 
TYR OH  HH   sing N N 343 
TYR OXT HXT  sing N N 344 
VAL N   CA   sing N N 345 
VAL N   H    sing N N 346 
VAL N   H2   sing N N 347 
VAL CA  C    sing N N 348 
VAL CA  CB   sing N N 349 
VAL CA  HA   sing N N 350 
VAL C   O    doub N N 351 
VAL C   OXT  sing N N 352 
VAL CB  CG1  sing N N 353 
VAL CB  CG2  sing N N 354 
VAL CB  HB   sing N N 355 
VAL CG1 HG11 sing N N 356 
VAL CG1 HG12 sing N N 357 
VAL CG1 HG13 sing N N 358 
VAL CG2 HG21 sing N N 359 
VAL CG2 HG22 sing N N 360 
VAL CG2 HG23 sing N N 361 
VAL OXT HXT  sing N N 362 
# 
_pdbx_entity_nonpoly.entity_id   2 
_pdbx_entity_nonpoly.name        water 
_pdbx_entity_nonpoly.comp_id     HOH 
# 
_pdbx_initial_refinement_model.id               1 
_pdbx_initial_refinement_model.entity_id_list   ? 
_pdbx_initial_refinement_model.type             'experimental model' 
_pdbx_initial_refinement_model.source_name      PDB 
_pdbx_initial_refinement_model.accession_code   2ZGL 
_pdbx_initial_refinement_model.details          ? 
# 
